data_6V9D
# 
_entry.id   6V9D 
# 
_audit_conform.dict_name       mmcif_pdbx.dic 
_audit_conform.dict_version    5.387 
_audit_conform.dict_location   http://mmcif.pdb.org/dictionaries/ascii/mmcif_pdbx.dic 
# 
loop_
_database_2.database_id 
_database_2.database_code 
_database_2.pdbx_database_accession 
_database_2.pdbx_DOI 
PDB   6V9D         pdb_00006v9d 10.2210/pdb6v9d/pdb 
WWPDB D_1000246035 ?            ?                   
# 
loop_
_pdbx_audit_revision_history.ordinal 
_pdbx_audit_revision_history.data_content_type 
_pdbx_audit_revision_history.major_revision 
_pdbx_audit_revision_history.minor_revision 
_pdbx_audit_revision_history.revision_date 
1 'Structure model' 1 0 2020-05-20 
2 'Structure model' 1 1 2020-07-22 
3 'Structure model' 1 2 2024-03-06 
# 
_pdbx_audit_revision_details.ordinal             1 
_pdbx_audit_revision_details.revision_ordinal    1 
_pdbx_audit_revision_details.data_content_type   'Structure model' 
_pdbx_audit_revision_details.provider            repository 
_pdbx_audit_revision_details.type                'Initial release' 
_pdbx_audit_revision_details.description         ? 
_pdbx_audit_revision_details.details             ? 
# 
loop_
_pdbx_audit_revision_group.ordinal 
_pdbx_audit_revision_group.revision_ordinal 
_pdbx_audit_revision_group.data_content_type 
_pdbx_audit_revision_group.group 
1 2 'Structure model' 'Database references' 
2 3 'Structure model' 'Data collection'     
3 3 'Structure model' 'Database references' 
# 
loop_
_pdbx_audit_revision_category.ordinal 
_pdbx_audit_revision_category.revision_ordinal 
_pdbx_audit_revision_category.data_content_type 
_pdbx_audit_revision_category.category 
1 2 'Structure model' citation       
2 3 'Structure model' chem_comp_atom 
3 3 'Structure model' chem_comp_bond 
4 3 'Structure model' database_2     
# 
loop_
_pdbx_audit_revision_item.ordinal 
_pdbx_audit_revision_item.revision_ordinal 
_pdbx_audit_revision_item.data_content_type 
_pdbx_audit_revision_item.item 
1 2 'Structure model' '_citation.journal_volume'            
2 2 'Structure model' '_citation.page_first'                
3 2 'Structure model' '_citation.page_last'                 
4 3 'Structure model' '_database_2.pdbx_DOI'                
5 3 'Structure model' '_database_2.pdbx_database_accession' 
# 
_pdbx_database_status.status_code                     REL 
_pdbx_database_status.status_code_sf                  REL 
_pdbx_database_status.status_code_mr                  ? 
_pdbx_database_status.entry_id                        6V9D 
_pdbx_database_status.recvd_initial_deposition_date   2019-12-13 
_pdbx_database_status.SG_entry                        N 
_pdbx_database_status.deposit_site                    RCSB 
_pdbx_database_status.process_site                    RCSB 
_pdbx_database_status.status_code_cs                  ? 
_pdbx_database_status.status_code_nmr_data            ? 
_pdbx_database_status.methods_development_category    ? 
_pdbx_database_status.pdb_format_compatible           Y 
# 
_pdbx_database_related.db_name        PDB 
_pdbx_database_related.details        'Native set' 
_pdbx_database_related.db_id          6V9B 
_pdbx_database_related.content_type   unspecified 
# 
loop_
_audit_author.name 
_audit_author.pdbx_ordinal 
_audit_author.identifier_ORCID 
'Trachman, R.J.'      1 ? 
;Ferre-D'Amare, A.R.
;
2 ? 
# 
_citation.abstract                  ? 
_citation.abstract_id_CAS           ? 
_citation.book_id_ISBN              ? 
_citation.book_publisher            ? 
_citation.book_publisher_city       ? 
_citation.book_title                ? 
_citation.coordinate_linkage        ? 
_citation.country                   UK 
_citation.database_id_Medline       ? 
_citation.details                   ? 
_citation.id                        primary 
_citation.journal_abbrev            Structure 
_citation.journal_id_ASTM           STRUE6 
_citation.journal_id_CSD            2005 
_citation.journal_id_ISSN           0969-2126 
_citation.journal_full              ? 
_citation.journal_issue             ? 
_citation.journal_volume            28 
_citation.language                  ? 
_citation.page_first                776 
_citation.page_last                 785.e3 
_citation.title                     
'Structure-Guided Engineering of the Homodimeric Mango-IV Fluorescence Turn-on Aptamer Yields an RNA FRET Pair.' 
_citation.year                      2020 
_citation.database_id_CSD           ? 
_citation.pdbx_database_id_DOI      10.1016/j.str.2020.04.007 
_citation.pdbx_database_id_PubMed   32386573 
_citation.unpublished_flag          ? 
# 
loop_
_citation_author.citation_id 
_citation_author.name 
_citation_author.ordinal 
_citation_author.identifier_ORCID 
primary 'Trachman 3rd, R.J.'  1 ? 
primary 'Cojocaru, R.'        2 ? 
primary 'Wu, D.'              3 ? 
primary 'Piszczek, G.'        4 ? 
primary 'Ryckelynck, M.'      5 ? 
primary 'Unrau, P.J.'         6 ? 
primary 
;Ferre-D'Amare, A.R.
;
7 ? 
# 
loop_
_entity.id 
_entity.type 
_entity.src_method 
_entity.pdbx_description 
_entity.formula_weight 
_entity.pdbx_number_of_molecules 
_entity.pdbx_ec 
_entity.pdbx_mutation 
_entity.pdbx_fragment 
_entity.details 
1 polymer     syn 'RNA (28-MER)'                                                                          9233.559 2 ? ? ? ? 
2 non-polymer syn '2-[(E)-(1-methylquinolin-4(1H)-ylidene)methyl]-3-(2-oxopropyl)-1,3-benzothiazol-3-ium' 347.453  3 ? ? ? ? 
3 non-polymer syn 'BROMIDE ION'                                                                           79.904   2 ? ? ? ? 
4 non-polymer syn 'POTASSIUM ION'                                                                         39.098   4 ? ? ? ? 
# 
_entity_poly.entity_id                      1 
_entity_poly.type                           polyribonucleotide 
_entity_poly.nstd_linkage                   no 
_entity_poly.nstd_monomer                   no 
_entity_poly.pdbx_seq_one_letter_code       AUCGAGGGAGUGGUGAGGAUGAGGCGAU 
_entity_poly.pdbx_seq_one_letter_code_can   AUCGAGGGAGUGGUGAGGAUGAGGCGAU 
_entity_poly.pdbx_strand_id                 B,E 
_entity_poly.pdbx_target_identifier         ? 
# 
loop_
_pdbx_entity_nonpoly.entity_id 
_pdbx_entity_nonpoly.name 
_pdbx_entity_nonpoly.comp_id 
2 '2-[(E)-(1-methylquinolin-4(1H)-ylidene)methyl]-3-(2-oxopropyl)-1,3-benzothiazol-3-ium' QW4 
3 'BROMIDE ION'                                                                           BR  
4 'POTASSIUM ION'                                                                         K   
# 
loop_
_entity_poly_seq.entity_id 
_entity_poly_seq.num 
_entity_poly_seq.mon_id 
_entity_poly_seq.hetero 
1 1  A n 
1 2  U n 
1 3  C n 
1 4  G n 
1 5  A n 
1 6  G n 
1 7  G n 
1 8  G n 
1 9  A n 
1 10 G n 
1 11 U n 
1 12 G n 
1 13 G n 
1 14 U n 
1 15 G n 
1 16 A n 
1 17 G n 
1 18 G n 
1 19 A n 
1 20 U n 
1 21 G n 
1 22 A n 
1 23 G n 
1 24 G n 
1 25 C n 
1 26 G n 
1 27 A n 
1 28 U n 
# 
_pdbx_entity_src_syn.entity_id              1 
_pdbx_entity_src_syn.pdbx_src_id            1 
_pdbx_entity_src_syn.pdbx_alt_source_flag   sample 
_pdbx_entity_src_syn.pdbx_beg_seq_num       1 
_pdbx_entity_src_syn.pdbx_end_seq_num       28 
_pdbx_entity_src_syn.organism_scientific    'synthetic construct' 
_pdbx_entity_src_syn.organism_common_name   ? 
_pdbx_entity_src_syn.ncbi_taxonomy_id       32630 
_pdbx_entity_src_syn.details                ? 
# 
loop_
_chem_comp.id 
_chem_comp.type 
_chem_comp.mon_nstd_flag 
_chem_comp.name 
_chem_comp.pdbx_synonyms 
_chem_comp.formula 
_chem_comp.formula_weight 
A   'RNA linking' y "ADENOSINE-5'-MONOPHOSPHATE"                                                            ? 'C10 H14 N5 O7 P'  
347.221 
BR  non-polymer   . 'BROMIDE ION'                                                                           ? 'Br -1'            
79.904  
C   'RNA linking' y "CYTIDINE-5'-MONOPHOSPHATE"                                                             ? 'C9 H14 N3 O8 P'   
323.197 
G   'RNA linking' y "GUANOSINE-5'-MONOPHOSPHATE"                                                            ? 'C10 H14 N5 O8 P'  
363.221 
K   non-polymer   . 'POTASSIUM ION'                                                                         ? 'K 1'              
39.098  
QW4 non-polymer   . '2-[(E)-(1-methylquinolin-4(1H)-ylidene)methyl]-3-(2-oxopropyl)-1,3-benzothiazol-3-ium' ? 'C21 H19 N2 O S 1' 
347.453 
U   'RNA linking' y "URIDINE-5'-MONOPHOSPHATE"                                                              ? 'C9 H13 N2 O9 P'   
324.181 
# 
loop_
_pdbx_poly_seq_scheme.asym_id 
_pdbx_poly_seq_scheme.entity_id 
_pdbx_poly_seq_scheme.seq_id 
_pdbx_poly_seq_scheme.mon_id 
_pdbx_poly_seq_scheme.ndb_seq_num 
_pdbx_poly_seq_scheme.pdb_seq_num 
_pdbx_poly_seq_scheme.auth_seq_num 
_pdbx_poly_seq_scheme.pdb_mon_id 
_pdbx_poly_seq_scheme.auth_mon_id 
_pdbx_poly_seq_scheme.pdb_strand_id 
_pdbx_poly_seq_scheme.pdb_ins_code 
_pdbx_poly_seq_scheme.hetero 
A 1 1  A 1  1  1  A A B . n 
A 1 2  U 2  2  2  U U B . n 
A 1 3  C 3  3  3  C C B . n 
A 1 4  G 4  4  4  G G B . n 
A 1 5  A 5  5  5  A A B . n 
A 1 6  G 6  6  6  G G B . n 
A 1 7  G 7  7  7  G G B . n 
A 1 8  G 8  8  8  G G B . n 
A 1 9  A 9  9  9  A A B . n 
A 1 10 G 10 10 10 G G B . n 
A 1 11 U 11 11 11 U U B . n 
A 1 12 G 12 12 12 G G B . n 
A 1 13 G 13 13 13 G G B . n 
A 1 14 U 14 14 14 U U B . n 
A 1 15 G 15 15 15 G G B . n 
A 1 16 A 16 16 16 A A B . n 
A 1 17 G 17 17 17 G G B . n 
A 1 18 G 18 18 18 G G B . n 
A 1 19 A 19 19 19 A A B . n 
A 1 20 U 20 20 20 U U B . n 
A 1 21 G 21 21 21 G G B . n 
A 1 22 A 22 22 22 A A B . n 
A 1 23 G 23 23 23 G G B . n 
A 1 24 G 24 24 24 G G B . n 
A 1 25 C 25 25 25 C C B . n 
A 1 26 G 26 26 26 G G B . n 
A 1 27 A 27 27 27 A A B . n 
A 1 28 U 28 28 28 U U B . n 
B 1 1  A 1  1  1  A A E . n 
B 1 2  U 2  2  2  U U E . n 
B 1 3  C 3  3  3  C C E . n 
B 1 4  G 4  4  4  G G E . n 
B 1 5  A 5  5  5  A A E . n 
B 1 6  G 6  6  6  G G E . n 
B 1 7  G 7  7  7  G G E . n 
B 1 8  G 8  8  8  G G E . n 
B 1 9  A 9  9  9  A A E . n 
B 1 10 G 10 10 10 G G E . n 
B 1 11 U 11 11 11 U U E . n 
B 1 12 G 12 12 12 G G E . n 
B 1 13 G 13 13 13 G G E . n 
B 1 14 U 14 14 14 U U E . n 
B 1 15 G 15 15 15 G G E . n 
B 1 16 A 16 16 16 A A E . n 
B 1 17 G 17 17 17 G G E . n 
B 1 18 G 18 18 18 G G E . n 
B 1 19 A 19 19 19 A A E . n 
B 1 20 U 20 20 20 U U E . n 
B 1 21 G 21 21 21 G G E . n 
B 1 22 A 22 22 22 A A E . n 
B 1 23 G 23 23 23 G G E . n 
B 1 24 G 24 24 24 G G E . n 
B 1 25 C 25 25 25 C C E . n 
B 1 26 G 26 26 26 G G E . n 
B 1 27 A 27 27 27 A A E . n 
B 1 28 U 28 28 ?  ? ? E . n 
# 
loop_
_pdbx_nonpoly_scheme.asym_id 
_pdbx_nonpoly_scheme.entity_id 
_pdbx_nonpoly_scheme.mon_id 
_pdbx_nonpoly_scheme.ndb_seq_num 
_pdbx_nonpoly_scheme.pdb_seq_num 
_pdbx_nonpoly_scheme.auth_seq_num 
_pdbx_nonpoly_scheme.pdb_mon_id 
_pdbx_nonpoly_scheme.auth_mon_id 
_pdbx_nonpoly_scheme.pdb_strand_id 
_pdbx_nonpoly_scheme.pdb_ins_code 
C 2 QW4 1 101 1 QW4 TO1 B . 
D 2 QW4 1 102 3 QW4 TO1 B . 
E 3 BR  1 103 2 BR  BR  B . 
F 4 K   1 104 1 K   K   B . 
G 4 K   1 105 2 K   K   B . 
H 2 QW4 1 101 2 QW4 TO1 E . 
I 3 BR  1 102 1 BR  BR  E . 
J 4 K   1 103 3 K   K   E . 
K 4 K   1 104 4 K   K   E . 
# 
loop_
_software.citation_id 
_software.classification 
_software.compiler_name 
_software.compiler_version 
_software.contact_author 
_software.contact_author_email 
_software.date 
_software.description 
_software.dependencies 
_software.hardware 
_software.language 
_software.location 
_software.mods 
_software.name 
_software.os 
_software.os_version 
_software.type 
_software.version 
_software.pdbx_ordinal 
? refinement       ? ? ? ? ? ? ? ? ? ? ? PHENIX  ? ? ? 1.14_3260 1 
? 'data reduction' ? ? ? ? ? ? ? ? ? ? ? XDS     ? ? ? .         2 
? 'data scaling'   ? ? ? ? ? ? ? ? ? ? ? XDS     ? ? ? .         3 
? phasing          ? ? ? ? ? ? ? ? ? ? ? AutoSol ? ? ? .         4 
# 
_cell.angle_alpha                  90.000 
_cell.angle_alpha_esd              ? 
_cell.angle_beta                   90.000 
_cell.angle_beta_esd               ? 
_cell.angle_gamma                  120.000 
_cell.angle_gamma_esd              ? 
_cell.entry_id                     6V9D 
_cell.details                      ? 
_cell.formula_units_Z              ? 
_cell.length_a                     48.917 
_cell.length_a_esd                 ? 
_cell.length_b                     48.917 
_cell.length_b_esd                 ? 
_cell.length_c                     122.972 
_cell.length_c_esd                 ? 
_cell.volume                       254833.487 
_cell.volume_esd                   ? 
_cell.Z_PDB                        12 
_cell.reciprocal_angle_alpha       ? 
_cell.reciprocal_angle_beta        ? 
_cell.reciprocal_angle_gamma       ? 
_cell.reciprocal_angle_alpha_esd   ? 
_cell.reciprocal_angle_beta_esd    ? 
_cell.reciprocal_angle_gamma_esd   ? 
_cell.reciprocal_length_a          ? 
_cell.reciprocal_length_b          ? 
_cell.reciprocal_length_c          ? 
_cell.reciprocal_length_a_esd      ? 
_cell.reciprocal_length_b_esd      ? 
_cell.reciprocal_length_c_esd      ? 
_cell.pdbx_unique_axis             ? 
# 
_symmetry.entry_id                         6V9D 
_symmetry.cell_setting                     ? 
_symmetry.Int_Tables_number                152 
_symmetry.space_group_name_Hall            
;P 31 2"
;
_symmetry.space_group_name_H-M             'P 31 2 1' 
_symmetry.pdbx_full_space_group_name_H-M   ? 
# 
_exptl.absorpt_coefficient_mu     ? 
_exptl.absorpt_correction_T_max   ? 
_exptl.absorpt_correction_T_min   ? 
_exptl.absorpt_correction_type    ? 
_exptl.absorpt_process_details    ? 
_exptl.entry_id                   6V9D 
_exptl.crystals_number            1 
_exptl.details                    ? 
_exptl.method                     'X-RAY DIFFRACTION' 
_exptl.method_details             ? 
# 
_exptl_crystal.colour                      ? 
_exptl_crystal.density_diffrn              ? 
_exptl_crystal.density_Matthews            2.30 
_exptl_crystal.density_method              ? 
_exptl_crystal.density_percent_sol         46.52 
_exptl_crystal.description                 ? 
_exptl_crystal.F_000                       ? 
_exptl_crystal.id                          1 
_exptl_crystal.preparation                 ? 
_exptl_crystal.size_max                    ? 
_exptl_crystal.size_mid                    ? 
_exptl_crystal.size_min                    ? 
_exptl_crystal.size_rad                    ? 
_exptl_crystal.colour_lustre               ? 
_exptl_crystal.colour_modifier             ? 
_exptl_crystal.colour_primary              ? 
_exptl_crystal.density_meas                ? 
_exptl_crystal.density_meas_esd            ? 
_exptl_crystal.density_meas_gt             ? 
_exptl_crystal.density_meas_lt             ? 
_exptl_crystal.density_meas_temp           ? 
_exptl_crystal.density_meas_temp_esd       ? 
_exptl_crystal.density_meas_temp_gt        ? 
_exptl_crystal.density_meas_temp_lt        ? 
_exptl_crystal.pdbx_crystal_image_url      ? 
_exptl_crystal.pdbx_crystal_image_format   ? 
_exptl_crystal.pdbx_mosaicity              ? 
_exptl_crystal.pdbx_mosaicity_esd          ? 
# 
_exptl_crystal_grow.apparatus       ? 
_exptl_crystal_grow.atmosphere      ? 
_exptl_crystal_grow.crystal_id      1 
_exptl_crystal_grow.details         ? 
_exptl_crystal_grow.method          'VAPOR DIFFUSION, HANGING DROP' 
_exptl_crystal_grow.method_ref      ? 
_exptl_crystal_grow.pH              8.5 
_exptl_crystal_grow.pressure        ? 
_exptl_crystal_grow.pressure_esd    ? 
_exptl_crystal_grow.seeding         ? 
_exptl_crystal_grow.seeding_ref     ? 
_exptl_crystal_grow.temp            294 
_exptl_crystal_grow.temp_details    ? 
_exptl_crystal_grow.temp_esd        ? 
_exptl_crystal_grow.time            ? 
_exptl_crystal_grow.pdbx_details    '0.1 M Tris-HCl pH 8.5, 0.01 M CoCl2, 1.65-1.75 M NH4SO4, 0.01-0.015 M Phenol' 
_exptl_crystal_grow.pdbx_pH_range   ? 
# 
_diffrn.ambient_environment              ? 
_diffrn.ambient_temp                     100 
_diffrn.ambient_temp_details             ? 
_diffrn.ambient_temp_esd                 ? 
_diffrn.crystal_id                       1 
_diffrn.crystal_support                  ? 
_diffrn.crystal_treatment                ? 
_diffrn.details                          ? 
_diffrn.id                               1 
_diffrn.ambient_pressure                 ? 
_diffrn.ambient_pressure_esd             ? 
_diffrn.ambient_pressure_gt              ? 
_diffrn.ambient_pressure_lt              ? 
_diffrn.ambient_temp_gt                  ? 
_diffrn.ambient_temp_lt                  ? 
_diffrn.pdbx_serial_crystal_experiment   N 
# 
_diffrn_detector.details                      ? 
_diffrn_detector.detector                     PIXEL 
_diffrn_detector.diffrn_id                    1 
_diffrn_detector.type                         'DECTRIS PILATUS 6M' 
_diffrn_detector.area_resol_mean              ? 
_diffrn_detector.dtime                        ? 
_diffrn_detector.pdbx_frames_total            ? 
_diffrn_detector.pdbx_collection_time_total   ? 
_diffrn_detector.pdbx_collection_date         2017-12-27 
_diffrn_detector.pdbx_frequency               ? 
# 
_diffrn_radiation.collimation                      ? 
_diffrn_radiation.diffrn_id                        1 
_diffrn_radiation.filter_edge                      ? 
_diffrn_radiation.inhomogeneity                    ? 
_diffrn_radiation.monochromator                    ? 
_diffrn_radiation.polarisn_norm                    ? 
_diffrn_radiation.polarisn_ratio                   ? 
_diffrn_radiation.probe                            ? 
_diffrn_radiation.type                             ? 
_diffrn_radiation.xray_symbol                      ? 
_diffrn_radiation.wavelength_id                    1 
_diffrn_radiation.pdbx_monochromatic_or_laue_m_l   M 
_diffrn_radiation.pdbx_wavelength_list             ? 
_diffrn_radiation.pdbx_wavelength                  ? 
_diffrn_radiation.pdbx_diffrn_protocol             'SINGLE WAVELENGTH' 
_diffrn_radiation.pdbx_analyzer                    ? 
_diffrn_radiation.pdbx_scattering_type             x-ray 
# 
_diffrn_radiation_wavelength.id           1 
_diffrn_radiation_wavelength.wavelength   0.917 
_diffrn_radiation_wavelength.wt           1.0 
# 
_diffrn_source.current                     ? 
_diffrn_source.details                     ? 
_diffrn_source.diffrn_id                   1 
_diffrn_source.power                       ? 
_diffrn_source.size                        ? 
_diffrn_source.source                      SYNCHROTRON 
_diffrn_source.target                      ? 
_diffrn_source.type                        'ALS BEAMLINE 5.0.2' 
_diffrn_source.voltage                     ? 
_diffrn_source.take-off_angle              ? 
_diffrn_source.pdbx_wavelength_list        0.917 
_diffrn_source.pdbx_wavelength             ? 
_diffrn_source.pdbx_synchrotron_beamline   5.0.2 
_diffrn_source.pdbx_synchrotron_site       ALS 
# 
_reflns.B_iso_Wilson_estimate            53.86 
_reflns.entry_id                         6V9D 
_reflns.data_reduction_details           ? 
_reflns.data_reduction_method            ? 
_reflns.d_resolution_high                2.64 
_reflns.d_resolution_low                 42.36 
_reflns.details                          ? 
_reflns.limit_h_max                      ? 
_reflns.limit_h_min                      ? 
_reflns.limit_k_max                      ? 
_reflns.limit_k_min                      ? 
_reflns.limit_l_max                      ? 
_reflns.limit_l_min                      ? 
_reflns.number_all                       ? 
_reflns.number_obs                       8121 
_reflns.observed_criterion               ? 
_reflns.observed_criterion_F_max         ? 
_reflns.observed_criterion_F_min         ? 
_reflns.observed_criterion_I_max         ? 
_reflns.observed_criterion_I_min         ? 
_reflns.observed_criterion_sigma_F       ? 
_reflns.observed_criterion_sigma_I       ? 
_reflns.percent_possible_obs             99.6 
_reflns.R_free_details                   ? 
_reflns.Rmerge_F_all                     ? 
_reflns.Rmerge_F_obs                     ? 
_reflns.Friedel_coverage                 ? 
_reflns.number_gt                        ? 
_reflns.threshold_expression             ? 
_reflns.pdbx_redundancy                  16.2 
_reflns.pdbx_Rmerge_I_obs                0.093 
_reflns.pdbx_Rmerge_I_all                ? 
_reflns.pdbx_Rsym_value                  ? 
_reflns.pdbx_netI_over_av_sigmaI         ? 
_reflns.pdbx_netI_over_sigmaI            15.8 
_reflns.pdbx_res_netI_over_av_sigmaI_2   ? 
_reflns.pdbx_res_netI_over_sigmaI_2      ? 
_reflns.pdbx_chi_squared                 ? 
_reflns.pdbx_scaling_rejects             ? 
_reflns.pdbx_d_res_high_opt              ? 
_reflns.pdbx_d_res_low_opt               ? 
_reflns.pdbx_d_res_opt_method            ? 
_reflns.phase_calculation_details        ? 
_reflns.pdbx_Rrim_I_all                  ? 
_reflns.pdbx_Rpim_I_all                  ? 
_reflns.pdbx_d_opt                       ? 
_reflns.pdbx_number_measured_all         ? 
_reflns.pdbx_diffrn_id                   1 
_reflns.pdbx_ordinal                     1 
_reflns.pdbx_CC_half                     0.99 
_reflns.pdbx_CC_star                     ? 
_reflns.pdbx_R_split                     ? 
# 
_reflns_shell.d_res_high                  2.64 
_reflns_shell.d_res_low                   2.71 
_reflns_shell.meanI_over_sigI_all         ? 
_reflns_shell.meanI_over_sigI_obs         ? 
_reflns_shell.number_measured_all         ? 
_reflns_shell.number_measured_obs         ? 
_reflns_shell.number_possible             ? 
_reflns_shell.number_unique_all           ? 
_reflns_shell.number_unique_obs           1214 
_reflns_shell.percent_possible_all        ? 
_reflns_shell.percent_possible_obs        ? 
_reflns_shell.Rmerge_F_all                ? 
_reflns_shell.Rmerge_F_obs                ? 
_reflns_shell.Rmerge_I_all                ? 
_reflns_shell.Rmerge_I_obs                1.06 
_reflns_shell.meanI_over_sigI_gt          ? 
_reflns_shell.meanI_over_uI_all           ? 
_reflns_shell.meanI_over_uI_gt            ? 
_reflns_shell.number_measured_gt          ? 
_reflns_shell.number_unique_gt            ? 
_reflns_shell.percent_possible_gt         ? 
_reflns_shell.Rmerge_F_gt                 ? 
_reflns_shell.Rmerge_I_gt                 ? 
_reflns_shell.pdbx_redundancy             ? 
_reflns_shell.pdbx_Rsym_value             ? 
_reflns_shell.pdbx_chi_squared            ? 
_reflns_shell.pdbx_netI_over_sigmaI_all   ? 
_reflns_shell.pdbx_netI_over_sigmaI_obs   ? 
_reflns_shell.pdbx_Rrim_I_all             ? 
_reflns_shell.pdbx_Rpim_I_all             ? 
_reflns_shell.pdbx_rejects                ? 
_reflns_shell.pdbx_ordinal                1 
_reflns_shell.pdbx_diffrn_id              1 
_reflns_shell.pdbx_CC_half                0.41 
_reflns_shell.pdbx_CC_star                ? 
_reflns_shell.pdbx_R_split                ? 
# 
_refine.aniso_B[1][1]                            ? 
_refine.aniso_B[1][2]                            ? 
_refine.aniso_B[1][3]                            ? 
_refine.aniso_B[2][2]                            ? 
_refine.aniso_B[2][3]                            ? 
_refine.aniso_B[3][3]                            ? 
_refine.B_iso_max                                ? 
_refine.B_iso_mean                               50.77 
_refine.B_iso_min                                ? 
_refine.correlation_coeff_Fo_to_Fc               ? 
_refine.correlation_coeff_Fo_to_Fc_free          ? 
_refine.details                                  ? 
_refine.diff_density_max                         ? 
_refine.diff_density_max_esd                     ? 
_refine.diff_density_min                         ? 
_refine.diff_density_min_esd                     ? 
_refine.diff_density_rms                         ? 
_refine.diff_density_rms_esd                     ? 
_refine.entry_id                                 6V9D 
_refine.pdbx_refine_id                           'X-RAY DIFFRACTION' 
_refine.ls_abs_structure_details                 ? 
_refine.ls_abs_structure_Flack                   ? 
_refine.ls_abs_structure_Flack_esd               ? 
_refine.ls_abs_structure_Rogers                  ? 
_refine.ls_abs_structure_Rogers_esd              ? 
_refine.ls_d_res_high                            2.80 
_refine.ls_d_res_low                             42.36 
_refine.ls_extinction_coef                       ? 
_refine.ls_extinction_coef_esd                   ? 
_refine.ls_extinction_expression                 ? 
_refine.ls_extinction_method                     ? 
_refine.ls_goodness_of_fit_all                   ? 
_refine.ls_goodness_of_fit_all_esd               ? 
_refine.ls_goodness_of_fit_obs                   ? 
_refine.ls_goodness_of_fit_obs_esd               ? 
_refine.ls_hydrogen_treatment                    ? 
_refine.ls_matrix_type                           ? 
_refine.ls_number_constraints                    ? 
_refine.ls_number_parameters                     ? 
_refine.ls_number_reflns_all                     ? 
_refine.ls_number_reflns_obs                     8121 
_refine.ls_number_reflns_R_free                  815 
_refine.ls_number_reflns_R_work                  ? 
_refine.ls_number_restraints                     ? 
_refine.ls_percent_reflns_obs                    99.90 
_refine.ls_percent_reflns_R_free                 10.04 
_refine.ls_R_factor_all                          ? 
_refine.ls_R_factor_obs                          0.2252 
_refine.ls_R_factor_R_free                       0.2722 
_refine.ls_R_factor_R_free_error                 ? 
_refine.ls_R_factor_R_free_error_details         ? 
_refine.ls_R_factor_R_work                       0.2196 
_refine.ls_R_Fsqd_factor_obs                     ? 
_refine.ls_R_I_factor_obs                        ? 
_refine.ls_redundancy_reflns_all                 ? 
_refine.ls_redundancy_reflns_obs                 ? 
_refine.ls_restrained_S_all                      ? 
_refine.ls_restrained_S_obs                      ? 
_refine.ls_shift_over_esd_max                    ? 
_refine.ls_shift_over_esd_mean                   ? 
_refine.ls_structure_factor_coef                 ? 
_refine.ls_weighting_details                     ? 
_refine.ls_weighting_scheme                      ? 
_refine.ls_wR_factor_all                         ? 
_refine.ls_wR_factor_obs                         ? 
_refine.ls_wR_factor_R_free                      ? 
_refine.ls_wR_factor_R_work                      ? 
_refine.occupancy_max                            ? 
_refine.occupancy_min                            ? 
_refine.solvent_model_details                    ? 
_refine.solvent_model_param_bsol                 ? 
_refine.solvent_model_param_ksol                 ? 
_refine.pdbx_R_complete                          ? 
_refine.ls_R_factor_gt                           ? 
_refine.ls_goodness_of_fit_gt                    ? 
_refine.ls_goodness_of_fit_ref                   ? 
_refine.ls_shift_over_su_max                     ? 
_refine.ls_shift_over_su_max_lt                  ? 
_refine.ls_shift_over_su_mean                    ? 
_refine.ls_shift_over_su_mean_lt                 ? 
_refine.pdbx_ls_sigma_I                          ? 
_refine.pdbx_ls_sigma_F                          1.34 
_refine.pdbx_ls_sigma_Fsqd                       ? 
_refine.pdbx_data_cutoff_high_absF               ? 
_refine.pdbx_data_cutoff_high_rms_absF           ? 
_refine.pdbx_data_cutoff_low_absF                ? 
_refine.pdbx_isotropic_thermal_model             ? 
_refine.pdbx_ls_cross_valid_method               'FREE R-VALUE' 
_refine.pdbx_method_to_determine_struct          SAD 
_refine.pdbx_starting_model                      ? 
_refine.pdbx_stereochemistry_target_values       ? 
_refine.pdbx_R_Free_selection_details            ? 
_refine.pdbx_stereochem_target_val_spec_case     ? 
_refine.pdbx_overall_ESU_R                       ? 
_refine.pdbx_overall_ESU_R_Free                  ? 
_refine.pdbx_solvent_vdw_probe_radii             1.1100 
_refine.pdbx_solvent_ion_probe_radii             ? 
_refine.pdbx_solvent_shrinkage_radii             0.9000 
_refine.pdbx_real_space_R                        ? 
_refine.pdbx_density_correlation                 ? 
_refine.pdbx_pd_number_of_powder_patterns        ? 
_refine.pdbx_pd_number_of_points                 ? 
_refine.pdbx_pd_meas_number_of_points            ? 
_refine.pdbx_pd_proc_ls_prof_R_factor            ? 
_refine.pdbx_pd_proc_ls_prof_wR_factor           ? 
_refine.pdbx_pd_Marquardt_correlation_coeff      ? 
_refine.pdbx_pd_Fsqrd_R_factor                   ? 
_refine.pdbx_pd_ls_matrix_band_width             ? 
_refine.pdbx_overall_phase_error                 28.0625 
_refine.pdbx_overall_SU_R_free_Cruickshank_DPI   ? 
_refine.pdbx_overall_SU_R_free_Blow_DPI          ? 
_refine.pdbx_overall_SU_R_Blow_DPI               ? 
_refine.pdbx_TLS_residual_ADP_flag               ? 
_refine.pdbx_diffrn_id                           1 
_refine.overall_SU_B                             ? 
_refine.overall_SU_ML                            0.3897 
_refine.overall_SU_R_Cruickshank_DPI             ? 
_refine.overall_SU_R_free                        ? 
_refine.overall_FOM_free_R_set                   ? 
_refine.overall_FOM_work_R_set                   ? 
_refine.pdbx_average_fsc_overall                 ? 
_refine.pdbx_average_fsc_work                    ? 
_refine.pdbx_average_fsc_free                    ? 
# 
_refine_hist.pdbx_refine_id                   'X-RAY DIFFRACTION' 
_refine_hist.cycle_id                         LAST 
_refine_hist.details                          ? 
_refine_hist.d_res_high                       2.80 
_refine_hist.d_res_low                        42.36 
_refine_hist.number_atoms_solvent             0 
_refine_hist.number_atoms_total               1287 
_refine_hist.number_reflns_all                ? 
_refine_hist.number_reflns_obs                ? 
_refine_hist.number_reflns_R_free             ? 
_refine_hist.number_reflns_R_work             ? 
_refine_hist.R_factor_all                     ? 
_refine_hist.R_factor_obs                     ? 
_refine_hist.R_factor_R_free                  ? 
_refine_hist.R_factor_R_work                  ? 
_refine_hist.pdbx_number_residues_total       ? 
_refine_hist.pdbx_B_iso_mean_ligand           ? 
_refine_hist.pdbx_B_iso_mean_solvent          ? 
_refine_hist.pdbx_number_atoms_protein        0 
_refine_hist.pdbx_number_atoms_nucleic_acid   1206 
_refine_hist.pdbx_number_atoms_ligand         81 
_refine_hist.pdbx_number_atoms_lipid          ? 
_refine_hist.pdbx_number_atoms_carb           ? 
_refine_hist.pdbx_pseudo_atom_details         ? 
# 
loop_
_refine_ls_restr.pdbx_refine_id 
_refine_ls_restr.criterion 
_refine_ls_restr.dev_ideal 
_refine_ls_restr.dev_ideal_target 
_refine_ls_restr.number 
_refine_ls_restr.rejects 
_refine_ls_restr.type 
_refine_ls_restr.weight 
_refine_ls_restr.pdbx_restraint_function 
'X-RAY DIFFRACTION' ? 0.0068  ? 1440 ? f_bond_d           ? ? 
'X-RAY DIFFRACTION' ? 1.4655  ? 2240 ? f_angle_d          ? ? 
'X-RAY DIFFRACTION' ? 0.0791  ? 273  ? f_chiral_restr     ? ? 
'X-RAY DIFFRACTION' ? 0.0079  ? 64   ? f_plane_restr      ? ? 
'X-RAY DIFFRACTION' ? 25.7129 ? 664  ? f_dihedral_angle_d ? ? 
# 
loop_
_refine_ls_shell.pdbx_refine_id 
_refine_ls_shell.d_res_high 
_refine_ls_shell.d_res_low 
_refine_ls_shell.number_reflns_all 
_refine_ls_shell.number_reflns_obs 
_refine_ls_shell.number_reflns_R_free 
_refine_ls_shell.number_reflns_R_work 
_refine_ls_shell.percent_reflns_obs 
_refine_ls_shell.percent_reflns_R_free 
_refine_ls_shell.R_factor_all 
_refine_ls_shell.R_factor_obs 
_refine_ls_shell.R_factor_R_free 
_refine_ls_shell.R_factor_R_free_error 
_refine_ls_shell.R_factor_R_work 
_refine_ls_shell.redundancy_reflns_all 
_refine_ls_shell.redundancy_reflns_obs 
_refine_ls_shell.wR_factor_all 
_refine_ls_shell.wR_factor_obs 
_refine_ls_shell.wR_factor_R_free 
_refine_ls_shell.wR_factor_R_work 
_refine_ls_shell.pdbx_R_complete 
_refine_ls_shell.pdbx_total_number_of_bins_used 
_refine_ls_shell.pdbx_phase_error 
_refine_ls_shell.pdbx_fsc_work 
_refine_ls_shell.pdbx_fsc_free 
'X-RAY DIFFRACTION' 2.80 2.98  . . 137 1214 99.78  . . . 0.3752 . 0.3280 . . . . . . . . . . . 
'X-RAY DIFFRACTION' 2.98 3.21  . . 124 1239 99.93  . . . 0.3423 . 0.2514 . . . . . . . . . . . 
'X-RAY DIFFRACTION' 3.21 3.53  . . 147 1203 99.85  . . . 0.2610 . 0.2088 . . . . . . . . . . . 
'X-RAY DIFFRACTION' 3.53 4.04  . . 149 1215 99.93  . . . 0.2816 . 0.2182 . . . . . . . . . . . 
'X-RAY DIFFRACTION' 4.04 5.09  . . 127 1203 100.00 . . . 0.2544 . 0.2042 . . . . . . . . . . . 
'X-RAY DIFFRACTION' 5.09 42.36 . . 131 1232 99.93  . . . 0.2373 . 0.2015 . . . . . . . . . . . 
# 
_struct.entry_id                     6V9D 
_struct.title                        'Co-crystal structure of the fluorogenic Mango-IV homodimer bound to TO1-Biotin' 
_struct.pdbx_model_details           ? 
_struct.pdbx_formula_weight          ? 
_struct.pdbx_formula_weight_method   ? 
_struct.pdbx_model_type_details      ? 
_struct.pdbx_CASP_flag               N 
# 
_struct_keywords.entry_id        6V9D 
_struct_keywords.text            'RNA, aptamer, fluorescence' 
_struct_keywords.pdbx_keywords   RNA 
# 
loop_
_struct_asym.id 
_struct_asym.pdbx_blank_PDB_chainid_flag 
_struct_asym.pdbx_modified 
_struct_asym.entity_id 
_struct_asym.details 
A N N 1 ? 
B N N 1 ? 
C N N 2 ? 
D N N 2 ? 
E N N 3 ? 
F N N 4 ? 
G N N 4 ? 
H N N 2 ? 
I N N 3 ? 
J N N 4 ? 
K N N 4 ? 
# 
_struct_ref.id                         1 
_struct_ref.db_name                    PDB 
_struct_ref.db_code                    6V9D 
_struct_ref.pdbx_db_accession          6V9D 
_struct_ref.pdbx_db_isoform            ? 
_struct_ref.entity_id                  1 
_struct_ref.pdbx_seq_one_letter_code   ? 
_struct_ref.pdbx_align_begin           1 
# 
loop_
_struct_ref_seq.align_id 
_struct_ref_seq.ref_id 
_struct_ref_seq.pdbx_PDB_id_code 
_struct_ref_seq.pdbx_strand_id 
_struct_ref_seq.seq_align_beg 
_struct_ref_seq.pdbx_seq_align_beg_ins_code 
_struct_ref_seq.seq_align_end 
_struct_ref_seq.pdbx_seq_align_end_ins_code 
_struct_ref_seq.pdbx_db_accession 
_struct_ref_seq.db_align_beg 
_struct_ref_seq.pdbx_db_align_beg_ins_code 
_struct_ref_seq.db_align_end 
_struct_ref_seq.pdbx_db_align_end_ins_code 
_struct_ref_seq.pdbx_auth_seq_align_beg 
_struct_ref_seq.pdbx_auth_seq_align_end 
1 1 6V9D B 1 ? 28 ? 6V9D 1 ? 28 ? 1 28 
2 1 6V9D E 1 ? 28 ? 6V9D 1 ? 28 ? 1 28 
# 
_pdbx_struct_assembly.id                   1 
_pdbx_struct_assembly.details              author_defined_assembly 
_pdbx_struct_assembly.method_details       ? 
_pdbx_struct_assembly.oligomeric_details   dimeric 
_pdbx_struct_assembly.oligomeric_count     2 
# 
loop_
_pdbx_struct_assembly_prop.biol_id 
_pdbx_struct_assembly_prop.type 
_pdbx_struct_assembly_prop.value 
_pdbx_struct_assembly_prop.details 
1 'ABSA (A^2)' 1850 ? 
1 MORE         7    ? 
1 'SSA (A^2)'  9700 ? 
# 
_pdbx_struct_assembly_gen.assembly_id       1 
_pdbx_struct_assembly_gen.oper_expression   1 
_pdbx_struct_assembly_gen.asym_id_list      A,B,C,D,E,F,G,H,I,J,K 
# 
_pdbx_struct_assembly_auth_evidence.id                     1 
_pdbx_struct_assembly_auth_evidence.assembly_id            1 
_pdbx_struct_assembly_auth_evidence.experimental_support   'assay for oligomerization' 
_pdbx_struct_assembly_auth_evidence.details                
;Constant Velocity AUC
Size exclusion chromotography
;
# 
_pdbx_struct_oper_list.id                   1 
_pdbx_struct_oper_list.type                 'identity operation' 
_pdbx_struct_oper_list.name                 1_555 
_pdbx_struct_oper_list.symmetry_operation   x,y,z 
_pdbx_struct_oper_list.matrix[1][1]         1.0000000000 
_pdbx_struct_oper_list.matrix[1][2]         0.0000000000 
_pdbx_struct_oper_list.matrix[1][3]         0.0000000000 
_pdbx_struct_oper_list.vector[1]            0.0000000000 
_pdbx_struct_oper_list.matrix[2][1]         0.0000000000 
_pdbx_struct_oper_list.matrix[2][2]         1.0000000000 
_pdbx_struct_oper_list.matrix[2][3]         0.0000000000 
_pdbx_struct_oper_list.vector[2]            0.0000000000 
_pdbx_struct_oper_list.matrix[3][1]         0.0000000000 
_pdbx_struct_oper_list.matrix[3][2]         0.0000000000 
_pdbx_struct_oper_list.matrix[3][3]         1.0000000000 
_pdbx_struct_oper_list.vector[3]            0.0000000000 
# 
loop_
_struct_conn.id 
_struct_conn.conn_type_id 
_struct_conn.pdbx_leaving_atom_flag 
_struct_conn.pdbx_PDB_id 
_struct_conn.ptnr1_label_asym_id 
_struct_conn.ptnr1_label_comp_id 
_struct_conn.ptnr1_label_seq_id 
_struct_conn.ptnr1_label_atom_id 
_struct_conn.pdbx_ptnr1_label_alt_id 
_struct_conn.pdbx_ptnr1_PDB_ins_code 
_struct_conn.pdbx_ptnr1_standard_comp_id 
_struct_conn.ptnr1_symmetry 
_struct_conn.ptnr2_label_asym_id 
_struct_conn.ptnr2_label_comp_id 
_struct_conn.ptnr2_label_seq_id 
_struct_conn.ptnr2_label_atom_id 
_struct_conn.pdbx_ptnr2_label_alt_id 
_struct_conn.pdbx_ptnr2_PDB_ins_code 
_struct_conn.ptnr1_auth_asym_id 
_struct_conn.ptnr1_auth_comp_id 
_struct_conn.ptnr1_auth_seq_id 
_struct_conn.ptnr2_auth_asym_id 
_struct_conn.ptnr2_auth_comp_id 
_struct_conn.ptnr2_auth_seq_id 
_struct_conn.ptnr2_symmetry 
_struct_conn.pdbx_ptnr3_label_atom_id 
_struct_conn.pdbx_ptnr3_label_seq_id 
_struct_conn.pdbx_ptnr3_label_comp_id 
_struct_conn.pdbx_ptnr3_label_asym_id 
_struct_conn.pdbx_ptnr3_label_alt_id 
_struct_conn.pdbx_ptnr3_PDB_ins_code 
_struct_conn.details 
_struct_conn.pdbx_dist_value 
_struct_conn.pdbx_value_order 
_struct_conn.pdbx_role 
metalc1  metalc ? ? A G 7  O6 ? ? ? 1_555 G K .  K  ? ? B G 7  B K 105 1_555 ? ? ? ? ? ? ?             2.509 ? ? 
metalc2  metalc ? ? A G 8  O6 ? ? ? 1_555 F K .  K  ? ? B G 8  B K 104 1_555 ? ? ? ? ? ? ?             2.905 ? ? 
metalc3  metalc ? ? A G 8  O6 ? ? ? 1_555 G K .  K  ? ? B G 8  B K 105 1_555 ? ? ? ? ? ? ?             2.763 ? ? 
metalc4  metalc ? ? A G 10 O6 ? ? ? 1_555 F K .  K  ? ? B G 10 B K 104 1_555 ? ? ? ? ? ? ?             2.831 ? ? 
metalc5  metalc ? ? A G 12 O6 ? ? ? 1_555 G K .  K  ? ? B G 12 B K 105 1_555 ? ? ? ? ? ? ?             2.717 ? ? 
metalc6  metalc ? ? A G 13 O6 ? ? ? 1_555 F K .  K  ? ? B G 13 B K 104 1_555 ? ? ? ? ? ? ?             2.698 ? ? 
metalc7  metalc ? ? A G 13 O6 ? ? ? 1_555 G K .  K  ? ? B G 13 B K 105 1_555 ? ? ? ? ? ? ?             2.758 ? ? 
metalc8  metalc ? ? A G 15 O6 ? ? ? 1_555 F K .  K  ? ? B G 15 B K 104 1_555 ? ? ? ? ? ? ?             2.611 ? ? 
metalc9  metalc ? ? A G 17 O6 ? ? ? 1_555 G K .  K  ? ? B G 17 B K 105 1_555 ? ? ? ? ? ? ?             2.901 ? ? 
metalc10 metalc ? ? A G 18 O6 ? ? ? 1_555 F K .  K  ? ? B G 18 B K 104 1_555 ? ? ? ? ? ? ?             2.717 ? ? 
metalc11 metalc ? ? A G 18 O6 ? ? ? 1_555 G K .  K  ? ? B G 18 B K 105 1_555 ? ? ? ? ? ? ?             3.046 ? ? 
metalc12 metalc ? ? A G 21 O6 ? ? ? 1_555 F K .  K  ? ? B G 21 B K 104 1_555 ? ? ? ? ? ? ?             2.782 ? ? 
metalc13 metalc ? ? A G 23 O6 ? ? ? 1_555 G K .  K  ? ? B G 23 B K 105 1_555 ? ? ? ? ? ? ?             2.652 ? ? 
metalc14 metalc ? ? A G 24 O6 ? ? ? 1_555 F K .  K  ? ? B G 24 B K 104 1_555 ? ? ? ? ? ? ?             2.841 ? ? 
metalc15 metalc ? ? A G 24 O6 ? ? ? 1_555 G K .  K  ? ? B G 24 B K 105 1_555 ? ? ? ? ? ? ?             2.627 ? ? 
metalc16 metalc ? ? A G 26 O6 ? ? ? 1_555 F K .  K  ? ? B G 26 B K 104 1_555 ? ? ? ? ? ? ?             2.616 ? ? 
metalc17 metalc ? ? B G 7  O6 ? ? ? 1_555 J K .  K  ? ? E G 7  E K 103 1_555 ? ? ? ? ? ? ?             2.510 ? ? 
metalc18 metalc ? ? B G 8  O6 ? ? ? 1_555 J K .  K  ? ? E G 8  E K 103 1_555 ? ? ? ? ? ? ?             3.098 ? ? 
metalc19 metalc ? ? B G 8  O6 ? ? ? 1_555 K K .  K  ? ? E G 8  E K 104 1_555 ? ? ? ? ? ? ?             2.761 ? ? 
metalc20 metalc ? ? B G 10 O6 ? ? ? 1_555 K K .  K  ? ? E G 10 E K 104 1_555 ? ? ? ? ? ? ?             2.818 ? ? 
metalc21 metalc ? ? B G 12 O6 ? ? ? 1_555 J K .  K  ? ? E G 12 E K 103 1_555 ? ? ? ? ? ? ?             2.631 ? ? 
metalc22 metalc ? ? B G 13 O6 ? ? ? 1_555 J K .  K  ? ? E G 13 E K 103 1_555 ? ? ? ? ? ? ?             2.954 ? ? 
metalc23 metalc ? ? B G 13 O6 ? ? ? 1_555 K K .  K  ? ? E G 13 E K 104 1_555 ? ? ? ? ? ? ?             2.660 ? ? 
metalc24 metalc ? ? B G 15 O6 ? ? ? 1_555 K K .  K  ? ? E G 15 E K 104 1_555 ? ? ? ? ? ? ?             2.773 ? ? 
metalc25 metalc ? ? B G 17 O6 ? ? ? 1_555 J K .  K  ? ? E G 17 E K 103 1_555 ? ? ? ? ? ? ?             2.971 ? ? 
metalc26 metalc ? ? B G 18 O6 ? ? ? 1_555 J K .  K  ? ? E G 18 E K 103 1_555 ? ? ? ? ? ? ?             2.881 ? ? 
metalc27 metalc ? ? B G 18 O6 ? ? ? 1_555 K K .  K  ? ? E G 18 E K 104 1_555 ? ? ? ? ? ? ?             2.849 ? ? 
metalc28 metalc ? ? B G 21 O6 ? ? ? 1_555 K K .  K  ? ? E G 21 E K 104 1_555 ? ? ? ? ? ? ?             2.756 ? ? 
metalc29 metalc ? ? B G 23 O6 ? ? ? 1_555 J K .  K  ? ? E G 23 E K 103 1_555 ? ? ? ? ? ? ?             2.621 ? ? 
metalc30 metalc ? ? B G 24 O6 ? ? ? 1_555 J K .  K  ? ? E G 24 E K 103 1_555 ? ? ? ? ? ? ?             2.864 ? ? 
metalc31 metalc ? ? B G 24 O6 ? ? ? 1_555 K K .  K  ? ? E G 24 E K 104 1_555 ? ? ? ? ? ? ?             2.869 ? ? 
metalc32 metalc ? ? B G 26 O6 ? ? ? 1_555 K K .  K  ? ? E G 26 E K 104 1_555 ? ? ? ? ? ? ?             2.667 ? ? 
hydrog1  hydrog ? ? A A 1  N1 ? ? ? 1_555 B G 6  N1 ? ? B A 1  E G 6   1_555 ? ? ? ? ? ? TYPE_8_PAIR   ?     ? ? 
hydrog2  hydrog ? ? A A 1  N6 ? ? ? 1_555 B G 6  O6 ? ? B A 1  E G 6   1_555 ? ? ? ? ? ? TYPE_8_PAIR   ?     ? ? 
hydrog3  hydrog ? ? A U 2  N3 ? ? ? 1_555 B A 5  N1 ? ? B U 2  E A 5   1_555 ? ? ? ? ? ? WATSON-CRICK  ?     ? ? 
hydrog4  hydrog ? ? A U 2  O4 ? ? ? 1_555 B A 5  N6 ? ? B U 2  E A 5   1_555 ? ? ? ? ? ? WATSON-CRICK  ?     ? ? 
hydrog5  hydrog ? ? A C 3  N3 ? ? ? 1_555 B G 4  N1 ? ? B C 3  E G 4   1_555 ? ? ? ? ? ? WATSON-CRICK  ?     ? ? 
hydrog6  hydrog ? ? A C 3  N4 ? ? ? 1_555 B G 4  O6 ? ? B C 3  E G 4   1_555 ? ? ? ? ? ? WATSON-CRICK  ?     ? ? 
hydrog7  hydrog ? ? A C 3  O2 ? ? ? 1_555 B G 4  N2 ? ? B C 3  E G 4   1_555 ? ? ? ? ? ? WATSON-CRICK  ?     ? ? 
hydrog8  hydrog ? ? A G 4  N1 ? ? ? 1_555 B C 3  N3 ? ? B G 4  E C 3   1_555 ? ? ? ? ? ? WATSON-CRICK  ?     ? ? 
hydrog9  hydrog ? ? A G 4  N2 ? ? ? 1_555 B C 3  O2 ? ? B G 4  E C 3   1_555 ? ? ? ? ? ? WATSON-CRICK  ?     ? ? 
hydrog10 hydrog ? ? A G 4  O6 ? ? ? 1_555 B C 3  N4 ? ? B G 4  E C 3   1_555 ? ? ? ? ? ? WATSON-CRICK  ?     ? ? 
hydrog11 hydrog ? ? A A 5  N1 ? ? ? 1_555 B U 2  N3 ? ? B A 5  E U 2   1_555 ? ? ? ? ? ? WATSON-CRICK  ?     ? ? 
hydrog12 hydrog ? ? A A 5  N6 ? ? ? 1_555 B U 2  O4 ? ? B A 5  E U 2   1_555 ? ? ? ? ? ? WATSON-CRICK  ?     ? ? 
hydrog13 hydrog ? ? A G 6  N1 ? ? ? 1_555 B A 1  N1 ? ? B G 6  E A 1   1_555 ? ? ? ? ? ? TYPE_8_PAIR   ?     ? ? 
hydrog14 hydrog ? ? A G 6  O6 ? ? ? 1_555 B A 1  N6 ? ? B G 6  E A 1   1_555 ? ? ? ? ? ? TYPE_8_PAIR   ?     ? ? 
hydrog15 hydrog ? ? A G 7  N1 ? ? ? 1_555 A G 12 O6 ? ? B G 7  B G 12  1_555 ? ? ? ? ? ? TYPE_6_PAIR   ?     ? ? 
hydrog16 hydrog ? ? A G 7  N2 ? ? ? 1_555 A G 12 N7 ? ? B G 7  B G 12  1_555 ? ? ? ? ? ? TYPE_6_PAIR   ?     ? ? 
hydrog17 hydrog ? ? A G 7  N7 ? ? ? 1_555 A G 23 N2 ? ? B G 7  B G 23  1_555 ? ? ? ? ? ? TYPE_6_PAIR   ?     ? ? 
hydrog18 hydrog ? ? A G 7  O6 ? ? ? 1_555 A G 23 N1 ? ? B G 7  B G 23  1_555 ? ? ? ? ? ? TYPE_6_PAIR   ?     ? ? 
hydrog19 hydrog ? ? A G 8  N1 ? ? ? 1_555 A G 13 O6 ? ? B G 8  B G 13  1_555 ? ? ? ? ? ? TYPE_6_PAIR   ?     ? ? 
hydrog20 hydrog ? ? A G 8  N2 ? ? ? 1_555 A G 13 N7 ? ? B G 8  B G 13  1_555 ? ? ? ? ? ? TYPE_6_PAIR   ?     ? ? 
hydrog21 hydrog ? ? A G 8  N7 ? ? ? 1_555 A G 24 N2 ? ? B G 8  B G 24  1_555 ? ? ? ? ? ? TYPE_6_PAIR   ?     ? ? 
hydrog22 hydrog ? ? A G 8  O6 ? ? ? 1_555 A G 24 N1 ? ? B G 8  B G 24  1_555 ? ? ? ? ? ? TYPE_6_PAIR   ?     ? ? 
hydrog23 hydrog ? ? A G 10 N7 ? ? ? 1_555 A G 15 N2 ? ? B G 10 B G 15  1_555 ? ? ? ? ? ? TYPE_6_PAIR   ?     ? ? 
hydrog24 hydrog ? ? A G 10 O6 ? ? ? 1_555 A G 15 N1 ? ? B G 10 B G 15  1_555 ? ? ? ? ? ? TYPE_6_PAIR   ?     ? ? 
hydrog25 hydrog ? ? A G 10 N1 ? ? ? 1_555 A G 26 O6 ? ? B G 10 B G 26  1_555 ? ? ? ? ? ? TYPE_6_PAIR   ?     ? ? 
hydrog26 hydrog ? ? A G 10 N2 ? ? ? 1_555 A G 26 N7 ? ? B G 10 B G 26  1_555 ? ? ? ? ? ? TYPE_6_PAIR   ?     ? ? 
hydrog27 hydrog ? ? A G 12 N1 ? ? ? 1_555 A G 17 O6 ? ? B G 12 B G 17  1_555 ? ? ? ? ? ? TYPE_6_PAIR   ?     ? ? 
hydrog28 hydrog ? ? A G 12 N2 ? ? ? 1_555 A G 17 N7 ? ? B G 12 B G 17  1_555 ? ? ? ? ? ? TYPE_6_PAIR   ?     ? ? 
hydrog29 hydrog ? ? A G 13 N1 ? ? ? 1_555 A G 18 O6 ? ? B G 13 B G 18  1_555 ? ? ? ? ? ? TYPE_6_PAIR   ?     ? ? 
hydrog30 hydrog ? ? A G 13 N2 ? ? ? 1_555 A G 18 N7 ? ? B G 13 B G 18  1_555 ? ? ? ? ? ? TYPE_6_PAIR   ?     ? ? 
hydrog31 hydrog ? ? A G 15 N7 ? ? ? 1_555 A G 21 N2 ? ? B G 15 B G 21  1_555 ? ? ? ? ? ? TYPE_6_PAIR   ?     ? ? 
hydrog32 hydrog ? ? A G 15 O6 ? ? ? 1_555 A G 21 N1 ? ? B G 15 B G 21  1_555 ? ? ? ? ? ? TYPE_6_PAIR   ?     ? ? 
hydrog33 hydrog ? ? A G 17 N1 ? ? ? 1_555 A G 23 O6 ? ? B G 17 B G 23  1_555 ? ? ? ? ? ? TYPE_6_PAIR   ?     ? ? 
hydrog34 hydrog ? ? A G 17 N2 ? ? ? 1_555 A G 23 N7 ? ? B G 17 B G 23  1_555 ? ? ? ? ? ? TYPE_6_PAIR   ?     ? ? 
hydrog35 hydrog ? ? A G 18 N1 ? ? ? 1_555 A G 24 O6 ? ? B G 18 B G 24  1_555 ? ? ? ? ? ? TYPE_6_PAIR   ?     ? ? 
hydrog36 hydrog ? ? A G 18 N2 ? ? ? 1_555 A G 24 N7 ? ? B G 18 B G 24  1_555 ? ? ? ? ? ? TYPE_6_PAIR   ?     ? ? 
hydrog37 hydrog ? ? A G 21 N7 ? ? ? 1_555 A G 26 N2 ? ? B G 21 B G 26  1_555 ? ? ? ? ? ? TYPE_6_PAIR   ?     ? ? 
hydrog38 hydrog ? ? A G 21 O6 ? ? ? 1_555 A G 26 N1 ? ? B G 21 B G 26  1_555 ? ? ? ? ? ? TYPE_6_PAIR   ?     ? ? 
hydrog39 hydrog ? ? A G 23 N7 ? ? ? 1_555 B A 1  N6 ? ? B G 23 E A 1   1_555 ? ? ? ? ? ? 'G-A MISPAIR' ?     ? ? 
hydrog40 hydrog ? ? B G 7  N1 ? ? ? 1_555 B G 12 O6 ? ? E G 7  E G 12  1_555 ? ? ? ? ? ? TYPE_6_PAIR   ?     ? ? 
hydrog41 hydrog ? ? B G 7  N2 ? ? ? 1_555 B G 12 N7 ? ? E G 7  E G 12  1_555 ? ? ? ? ? ? TYPE_6_PAIR   ?     ? ? 
hydrog42 hydrog ? ? B G 7  N7 ? ? ? 1_555 B G 23 N2 ? ? E G 7  E G 23  1_555 ? ? ? ? ? ? TYPE_6_PAIR   ?     ? ? 
hydrog43 hydrog ? ? B G 7  O6 ? ? ? 1_555 B G 23 N1 ? ? E G 7  E G 23  1_555 ? ? ? ? ? ? TYPE_6_PAIR   ?     ? ? 
hydrog44 hydrog ? ? B G 8  N1 ? ? ? 1_555 B G 13 O6 ? ? E G 8  E G 13  1_555 ? ? ? ? ? ? TYPE_6_PAIR   ?     ? ? 
hydrog45 hydrog ? ? B G 8  N2 ? ? ? 1_555 B G 13 N7 ? ? E G 8  E G 13  1_555 ? ? ? ? ? ? TYPE_6_PAIR   ?     ? ? 
hydrog46 hydrog ? ? B G 8  N7 ? ? ? 1_555 B G 24 N2 ? ? E G 8  E G 24  1_555 ? ? ? ? ? ? TYPE_6_PAIR   ?     ? ? 
hydrog47 hydrog ? ? B G 8  O6 ? ? ? 1_555 B G 24 N1 ? ? E G 8  E G 24  1_555 ? ? ? ? ? ? TYPE_6_PAIR   ?     ? ? 
hydrog48 hydrog ? ? B G 10 N7 ? ? ? 1_555 B G 15 N2 ? ? E G 10 E G 15  1_555 ? ? ? ? ? ? TYPE_6_PAIR   ?     ? ? 
hydrog49 hydrog ? ? B G 10 O6 ? ? ? 1_555 B G 15 N1 ? ? E G 10 E G 15  1_555 ? ? ? ? ? ? TYPE_6_PAIR   ?     ? ? 
hydrog50 hydrog ? ? B G 10 N1 ? ? ? 1_555 B G 26 O6 ? ? E G 10 E G 26  1_555 ? ? ? ? ? ? TYPE_6_PAIR   ?     ? ? 
hydrog51 hydrog ? ? B G 10 N2 ? ? ? 1_555 B G 26 N7 ? ? E G 10 E G 26  1_555 ? ? ? ? ? ? TYPE_6_PAIR   ?     ? ? 
hydrog52 hydrog ? ? B G 12 N1 ? ? ? 1_555 B G 17 O6 ? ? E G 12 E G 17  1_555 ? ? ? ? ? ? TYPE_6_PAIR   ?     ? ? 
hydrog53 hydrog ? ? B G 12 N2 ? ? ? 1_555 B G 17 N7 ? ? E G 12 E G 17  1_555 ? ? ? ? ? ? TYPE_6_PAIR   ?     ? ? 
hydrog54 hydrog ? ? B G 13 N1 ? ? ? 1_555 B G 18 O6 ? ? E G 13 E G 18  1_555 ? ? ? ? ? ? TYPE_6_PAIR   ?     ? ? 
hydrog55 hydrog ? ? B G 13 N2 ? ? ? 1_555 B G 18 N7 ? ? E G 13 E G 18  1_555 ? ? ? ? ? ? TYPE_6_PAIR   ?     ? ? 
hydrog56 hydrog ? ? B G 15 N7 ? ? ? 1_555 B G 21 N2 ? ? E G 15 E G 21  1_555 ? ? ? ? ? ? TYPE_6_PAIR   ?     ? ? 
hydrog57 hydrog ? ? B G 15 O6 ? ? ? 1_555 B G 21 N1 ? ? E G 15 E G 21  1_555 ? ? ? ? ? ? TYPE_6_PAIR   ?     ? ? 
hydrog58 hydrog ? ? B G 17 N1 ? ? ? 1_555 B G 23 O6 ? ? E G 17 E G 23  1_555 ? ? ? ? ? ? TYPE_6_PAIR   ?     ? ? 
hydrog59 hydrog ? ? B G 17 N2 ? ? ? 1_555 B G 23 N7 ? ? E G 17 E G 23  1_555 ? ? ? ? ? ? TYPE_6_PAIR   ?     ? ? 
hydrog60 hydrog ? ? B G 18 N1 ? ? ? 1_555 B G 24 O6 ? ? E G 18 E G 24  1_555 ? ? ? ? ? ? TYPE_6_PAIR   ?     ? ? 
hydrog61 hydrog ? ? B G 18 N2 ? ? ? 1_555 B G 24 N7 ? ? E G 18 E G 24  1_555 ? ? ? ? ? ? TYPE_6_PAIR   ?     ? ? 
hydrog62 hydrog ? ? B G 21 N7 ? ? ? 1_555 B G 26 N2 ? ? E G 21 E G 26  1_555 ? ? ? ? ? ? TYPE_6_PAIR   ?     ? ? 
hydrog63 hydrog ? ? B G 21 O6 ? ? ? 1_555 B G 26 N1 ? ? E G 21 E G 26  1_555 ? ? ? ? ? ? TYPE_6_PAIR   ?     ? ? 
# 
loop_
_struct_conn_type.id 
_struct_conn_type.criteria 
_struct_conn_type.reference 
metalc ? ? 
hydrog ? ? 
# 
loop_
_pdbx_struct_conn_angle.id 
_pdbx_struct_conn_angle.ptnr1_label_atom_id 
_pdbx_struct_conn_angle.ptnr1_label_alt_id 
_pdbx_struct_conn_angle.ptnr1_label_asym_id 
_pdbx_struct_conn_angle.ptnr1_label_comp_id 
_pdbx_struct_conn_angle.ptnr1_label_seq_id 
_pdbx_struct_conn_angle.ptnr1_auth_atom_id 
_pdbx_struct_conn_angle.ptnr1_auth_asym_id 
_pdbx_struct_conn_angle.ptnr1_auth_comp_id 
_pdbx_struct_conn_angle.ptnr1_auth_seq_id 
_pdbx_struct_conn_angle.ptnr1_PDB_ins_code 
_pdbx_struct_conn_angle.ptnr1_symmetry 
_pdbx_struct_conn_angle.ptnr2_label_atom_id 
_pdbx_struct_conn_angle.ptnr2_label_alt_id 
_pdbx_struct_conn_angle.ptnr2_label_asym_id 
_pdbx_struct_conn_angle.ptnr2_label_comp_id 
_pdbx_struct_conn_angle.ptnr2_label_seq_id 
_pdbx_struct_conn_angle.ptnr2_auth_atom_id 
_pdbx_struct_conn_angle.ptnr2_auth_asym_id 
_pdbx_struct_conn_angle.ptnr2_auth_comp_id 
_pdbx_struct_conn_angle.ptnr2_auth_seq_id 
_pdbx_struct_conn_angle.ptnr2_PDB_ins_code 
_pdbx_struct_conn_angle.ptnr2_symmetry 
_pdbx_struct_conn_angle.ptnr3_label_atom_id 
_pdbx_struct_conn_angle.ptnr3_label_alt_id 
_pdbx_struct_conn_angle.ptnr3_label_asym_id 
_pdbx_struct_conn_angle.ptnr3_label_comp_id 
_pdbx_struct_conn_angle.ptnr3_label_seq_id 
_pdbx_struct_conn_angle.ptnr3_auth_atom_id 
_pdbx_struct_conn_angle.ptnr3_auth_asym_id 
_pdbx_struct_conn_angle.ptnr3_auth_comp_id 
_pdbx_struct_conn_angle.ptnr3_auth_seq_id 
_pdbx_struct_conn_angle.ptnr3_PDB_ins_code 
_pdbx_struct_conn_angle.ptnr3_symmetry 
_pdbx_struct_conn_angle.value 
_pdbx_struct_conn_angle.value_esd 
1   O6 ? A G 7  ? B G 7  ? 1_555 K ? G K . ? B K 105 ? 1_555 O6 ? A G 8  ? B G 8  ? 1_555 72.7  ? 
2   O6 ? A G 7  ? B G 7  ? 1_555 K ? G K . ? B K 105 ? 1_555 O6 ? A G 12 ? B G 12 ? 1_555 85.7  ? 
3   O6 ? A G 8  ? B G 8  ? 1_555 K ? G K . ? B K 105 ? 1_555 O6 ? A G 12 ? B G 12 ? 1_555 79.0  ? 
4   O6 ? A G 7  ? B G 7  ? 1_555 K ? G K . ? B K 105 ? 1_555 O6 ? A G 13 ? B G 13 ? 1_555 134.4 ? 
5   O6 ? A G 8  ? B G 8  ? 1_555 K ? G K . ? B K 105 ? 1_555 O6 ? A G 13 ? B G 13 ? 1_555 66.3  ? 
6   O6 ? A G 12 ? B G 12 ? 1_555 K ? G K . ? B K 105 ? 1_555 O6 ? A G 13 ? B G 13 ? 1_555 68.0  ? 
7   O6 ? A G 7  ? B G 7  ? 1_555 K ? G K . ? B K 105 ? 1_555 O6 ? A G 17 ? B G 17 ? 1_555 132.7 ? 
8   O6 ? A G 8  ? B G 8  ? 1_555 K ? G K . ? B K 105 ? 1_555 O6 ? A G 17 ? B G 17 ? 1_555 140.6 ? 
9   O6 ? A G 12 ? B G 12 ? 1_555 K ? G K . ? B K 105 ? 1_555 O6 ? A G 17 ? B G 17 ? 1_555 74.8  ? 
10  O6 ? A G 13 ? B G 13 ? 1_555 K ? G K . ? B K 105 ? 1_555 O6 ? A G 17 ? B G 17 ? 1_555 76.8  ? 
11  O6 ? A G 7  ? B G 7  ? 1_555 K ? G K . ? B K 105 ? 1_555 O6 ? A G 18 ? B G 18 ? 1_555 143.6 ? 
12  O6 ? A G 8  ? B G 8  ? 1_555 K ? G K . ? B K 105 ? 1_555 O6 ? A G 18 ? B G 18 ? 1_555 99.8  ? 
13  O6 ? A G 12 ? B G 12 ? 1_555 K ? G K . ? B K 105 ? 1_555 O6 ? A G 18 ? B G 18 ? 1_555 128.8 ? 
14  O6 ? A G 13 ? B G 13 ? 1_555 K ? G K . ? B K 105 ? 1_555 O6 ? A G 18 ? B G 18 ? 1_555 65.2  ? 
15  O6 ? A G 17 ? B G 17 ? 1_555 K ? G K . ? B K 105 ? 1_555 O6 ? A G 18 ? B G 18 ? 1_555 75.4  ? 
16  O6 ? A G 7  ? B G 7  ? 1_555 K ? G K . ? B K 105 ? 1_555 O6 ? A G 23 ? B G 23 ? 1_555 86.8  ? 
17  O6 ? A G 8  ? B G 8  ? 1_555 K ? G K . ? B K 105 ? 1_555 O6 ? A G 23 ? B G 23 ? 1_555 146.0 ? 
18  O6 ? A G 12 ? B G 12 ? 1_555 K ? G K . ? B K 105 ? 1_555 O6 ? A G 23 ? B G 23 ? 1_555 127.2 ? 
19  O6 ? A G 13 ? B G 13 ? 1_555 K ? G K . ? B K 105 ? 1_555 O6 ? A G 23 ? B G 23 ? 1_555 138.8 ? 
20  O6 ? A G 17 ? B G 17 ? 1_555 K ? G K . ? B K 105 ? 1_555 O6 ? A G 23 ? B G 23 ? 1_555 72.8  ? 
21  O6 ? A G 18 ? B G 18 ? 1_555 K ? G K . ? B K 105 ? 1_555 O6 ? A G 23 ? B G 23 ? 1_555 80.6  ? 
22  O6 ? A G 7  ? B G 7  ? 1_555 K ? G K . ? B K 105 ? 1_555 O6 ? A G 24 ? B G 24 ? 1_555 79.9  ? 
23  O6 ? A G 8  ? B G 8  ? 1_555 K ? G K . ? B K 105 ? 1_555 O6 ? A G 24 ? B G 24 ? 1_555 65.2  ? 
24  O6 ? A G 12 ? B G 12 ? 1_555 K ? G K . ? B K 105 ? 1_555 O6 ? A G 24 ? B G 24 ? 1_555 143.9 ? 
25  O6 ? A G 13 ? B G 13 ? 1_555 K ? G K . ? B K 105 ? 1_555 O6 ? A G 24 ? B G 24 ? 1_555 99.6  ? 
26  O6 ? A G 17 ? B G 17 ? 1_555 K ? G K . ? B K 105 ? 1_555 O6 ? A G 24 ? B G 24 ? 1_555 137.4 ? 
27  O6 ? A G 18 ? B G 18 ? 1_555 K ? G K . ? B K 105 ? 1_555 O6 ? A G 24 ? B G 24 ? 1_555 65.1  ? 
28  O6 ? A G 23 ? B G 23 ? 1_555 K ? G K . ? B K 105 ? 1_555 O6 ? A G 24 ? B G 24 ? 1_555 85.0  ? 
29  O6 ? A G 8  ? B G 8  ? 1_555 K ? F K . ? B K 104 ? 1_555 O6 ? A G 10 ? B G 10 ? 1_555 84.7  ? 
30  O6 ? A G 8  ? B G 8  ? 1_555 K ? F K . ? B K 104 ? 1_555 O6 ? A G 13 ? B G 13 ? 1_555 65.1  ? 
31  O6 ? A G 10 ? B G 10 ? 1_555 K ? F K . ? B K 104 ? 1_555 O6 ? A G 13 ? B G 13 ? 1_555 99.4  ? 
32  O6 ? A G 8  ? B G 8  ? 1_555 K ? F K . ? B K 104 ? 1_555 O6 ? A G 15 ? B G 15 ? 1_555 152.4 ? 
33  O6 ? A G 10 ? B G 10 ? 1_555 K ? F K . ? B K 104 ? 1_555 O6 ? A G 15 ? B G 15 ? 1_555 77.0  ? 
34  O6 ? A G 13 ? B G 13 ? 1_555 K ? F K . ? B K 104 ? 1_555 O6 ? A G 15 ? B G 15 ? 1_555 97.5  ? 
35  O6 ? A G 8  ? B G 8  ? 1_555 K ? F K . ? B K 104 ? 1_555 O6 ? A G 18 ? B G 18 ? 1_555 104.5 ? 
36  O6 ? A G 10 ? B G 10 ? 1_555 K ? F K . ? B K 104 ? 1_555 O6 ? A G 18 ? B G 18 ? 1_555 161.0 ? 
37  O6 ? A G 13 ? B G 13 ? 1_555 K ? F K . ? B K 104 ? 1_555 O6 ? A G 18 ? B G 18 ? 1_555 70.8  ? 
38  O6 ? A G 15 ? B G 15 ? 1_555 K ? F K . ? B K 104 ? 1_555 O6 ? A G 18 ? B G 18 ? 1_555 88.0  ? 
39  O6 ? A G 8  ? B G 8  ? 1_555 K ? F K . ? B K 104 ? 1_555 O6 ? A G 21 ? B G 21 ? 1_555 134.2 ? 
40  O6 ? A G 10 ? B G 10 ? 1_555 K ? F K . ? B K 104 ? 1_555 O6 ? A G 21 ? B G 21 ? 1_555 100.2 ? 
41  O6 ? A G 13 ? B G 13 ? 1_555 K ? F K . ? B K 104 ? 1_555 O6 ? A G 21 ? B G 21 ? 1_555 153.7 ? 
42  O6 ? A G 15 ? B G 15 ? 1_555 K ? F K . ? B K 104 ? 1_555 O6 ? A G 21 ? B G 21 ? 1_555 70.2  ? 
43  O6 ? A G 18 ? B G 18 ? 1_555 K ? F K . ? B K 104 ? 1_555 O6 ? A G 21 ? B G 21 ? 1_555 85.3  ? 
44  O6 ? A G 8  ? B G 8  ? 1_555 K ? F K . ? B K 104 ? 1_555 O6 ? A G 24 ? B G 24 ? 1_555 60.7  ? 
45  O6 ? A G 10 ? B G 10 ? 1_555 K ? F K . ? B K 104 ? 1_555 O6 ? A G 24 ? B G 24 ? 1_555 131.2 ? 
46  O6 ? A G 13 ? B G 13 ? 1_555 K ? F K . ? B K 104 ? 1_555 O6 ? A G 24 ? B G 24 ? 1_555 95.9  ? 
47  O6 ? A G 15 ? B G 15 ? 1_555 K ? F K . ? B K 104 ? 1_555 O6 ? A G 24 ? B G 24 ? 1_555 145.9 ? 
48  O6 ? A G 18 ? B G 18 ? 1_555 K ? F K . ? B K 104 ? 1_555 O6 ? A G 24 ? B G 24 ? 1_555 67.1  ? 
49  O6 ? A G 21 ? B G 21 ? 1_555 K ? F K . ? B K 104 ? 1_555 O6 ? A G 24 ? B G 24 ? 1_555 84.2  ? 
50  O6 ? A G 8  ? B G 8  ? 1_555 K ? F K . ? B K 104 ? 1_555 O6 ? A G 26 ? B G 26 ? 1_555 76.9  ? 
51  O6 ? A G 10 ? B G 10 ? 1_555 K ? F K . ? B K 104 ? 1_555 O6 ? A G 26 ? B G 26 ? 1_555 58.3  ? 
52  O6 ? A G 13 ? B G 13 ? 1_555 K ? F K . ? B K 104 ? 1_555 O6 ? A G 26 ? B G 26 ? 1_555 138.0 ? 
53  O6 ? A G 15 ? B G 15 ? 1_555 K ? F K . ? B K 104 ? 1_555 O6 ? A G 26 ? B G 26 ? 1_555 109.4 ? 
54  O6 ? A G 18 ? B G 18 ? 1_555 K ? F K . ? B K 104 ? 1_555 O6 ? A G 26 ? B G 26 ? 1_555 139.4 ? 
55  O6 ? A G 21 ? B G 21 ? 1_555 K ? F K . ? B K 104 ? 1_555 O6 ? A G 26 ? B G 26 ? 1_555 68.0  ? 
56  O6 ? A G 24 ? B G 24 ? 1_555 K ? F K . ? B K 104 ? 1_555 O6 ? A G 26 ? B G 26 ? 1_555 79.8  ? 
57  O6 ? B G 7  ? E G 7  ? 1_555 K ? J K . ? E K 103 ? 1_555 O6 ? B G 8  ? E G 8  ? 1_555 77.6  ? 
58  O6 ? B G 7  ? E G 7  ? 1_555 K ? J K . ? E K 103 ? 1_555 O6 ? B G 12 ? E G 12 ? 1_555 90.0  ? 
59  O6 ? B G 8  ? E G 8  ? 1_555 K ? J K . ? E K 103 ? 1_555 O6 ? B G 12 ? E G 12 ? 1_555 89.2  ? 
60  O6 ? B G 7  ? E G 7  ? 1_555 K ? J K . ? E K 103 ? 1_555 O6 ? B G 13 ? E G 13 ? 1_555 137.7 ? 
61  O6 ? B G 8  ? E G 8  ? 1_555 K ? J K . ? E K 103 ? 1_555 O6 ? B G 13 ? E G 13 ? 1_555 65.7  ? 
62  O6 ? B G 12 ? E G 12 ? 1_555 K ? J K . ? E K 103 ? 1_555 O6 ? B G 13 ? E G 13 ? 1_555 70.0  ? 
63  O6 ? B G 7  ? E G 7  ? 1_555 K ? J K . ? E K 103 ? 1_555 O6 ? B G 17 ? E G 17 ? 1_555 135.2 ? 
64  O6 ? B G 8  ? E G 8  ? 1_555 K ? J K . ? E K 103 ? 1_555 O6 ? B G 17 ? E G 17 ? 1_555 140.8 ? 
65  O6 ? B G 12 ? E G 12 ? 1_555 K ? J K . ? E K 103 ? 1_555 O6 ? B G 17 ? E G 17 ? 1_555 73.0  ? 
66  O6 ? B G 13 ? E G 13 ? 1_555 K ? J K . ? E K 103 ? 1_555 O6 ? B G 17 ? E G 17 ? 1_555 75.3  ? 
67  O6 ? B G 7  ? E G 7  ? 1_555 K ? J K . ? E K 103 ? 1_555 O6 ? B G 18 ? E G 18 ? 1_555 146.4 ? 
68  O6 ? B G 8  ? E G 8  ? 1_555 K ? J K . ? E K 103 ? 1_555 O6 ? B G 18 ? E G 18 ? 1_555 96.6  ? 
69  O6 ? B G 12 ? E G 12 ? 1_555 K ? J K . ? E K 103 ? 1_555 O6 ? B G 18 ? E G 18 ? 1_555 123.3 ? 
70  O6 ? B G 13 ? E G 13 ? 1_555 K ? J K . ? E K 103 ? 1_555 O6 ? B G 18 ? E G 18 ? 1_555 62.0  ? 
71  O6 ? B G 17 ? E G 17 ? 1_555 K ? J K . ? E K 103 ? 1_555 O6 ? B G 18 ? E G 18 ? 1_555 67.5  ? 
72  O6 ? B G 7  ? E G 7  ? 1_555 K ? J K . ? E K 103 ? 1_555 O6 ? B G 23 ? E G 23 ? 1_555 80.5  ? 
73  O6 ? B G 8  ? E G 8  ? 1_555 K ? J K . ? E K 103 ? 1_555 O6 ? B G 23 ? E G 23 ? 1_555 138.9 ? 
74  O6 ? B G 12 ? E G 12 ? 1_555 K ? J K . ? E K 103 ? 1_555 O6 ? B G 23 ? E G 23 ? 1_555 125.2 ? 
75  O6 ? B G 13 ? E G 13 ? 1_555 K ? J K . ? E K 103 ? 1_555 O6 ? B G 23 ? E G 23 ? 1_555 141.6 ? 
76  O6 ? B G 17 ? E G 17 ? 1_555 K ? J K . ? E K 103 ? 1_555 O6 ? B G 23 ? E G 23 ? 1_555 76.9  ? 
77  O6 ? B G 18 ? E G 18 ? 1_555 K ? J K . ? E K 103 ? 1_555 O6 ? B G 23 ? E G 23 ? 1_555 83.0  ? 
78  O6 ? B G 7  ? E G 7  ? 1_555 K ? J K . ? E K 103 ? 1_555 O6 ? B G 24 ? E G 24 ? 1_555 88.1  ? 
79  O6 ? B G 8  ? E G 8  ? 1_555 K ? J K . ? E K 103 ? 1_555 O6 ? B G 24 ? E G 24 ? 1_555 66.1  ? 
80  O6 ? B G 12 ? E G 12 ? 1_555 K ? J K . ? E K 103 ? 1_555 O6 ? B G 24 ? E G 24 ? 1_555 155.1 ? 
81  O6 ? B G 13 ? E G 13 ? 1_555 K ? J K . ? E K 103 ? 1_555 O6 ? B G 24 ? E G 24 ? 1_555 95.3  ? 
82  O6 ? B G 17 ? E G 17 ? 1_555 K ? J K . ? E K 103 ? 1_555 O6 ? B G 24 ? E G 24 ? 1_555 124.0 ? 
83  O6 ? B G 18 ? E G 18 ? 1_555 K ? J K . ? E K 103 ? 1_555 O6 ? B G 24 ? E G 24 ? 1_555 59.9  ? 
84  O6 ? B G 23 ? E G 23 ? 1_555 K ? J K . ? E K 103 ? 1_555 O6 ? B G 24 ? E G 24 ? 1_555 78.9  ? 
85  O6 ? B G 8  ? E G 8  ? 1_555 K ? K K . ? E K 104 ? 1_555 O6 ? B G 10 ? E G 10 ? 1_555 93.0  ? 
86  O6 ? B G 8  ? E G 8  ? 1_555 K ? K K . ? E K 104 ? 1_555 O6 ? B G 13 ? E G 13 ? 1_555 74.5  ? 
87  O6 ? B G 10 ? E G 10 ? 1_555 K ? K K . ? E K 104 ? 1_555 O6 ? B G 13 ? E G 13 ? 1_555 94.7  ? 
88  O6 ? B G 8  ? E G 8  ? 1_555 K ? K K . ? E K 104 ? 1_555 O6 ? B G 15 ? E G 15 ? 1_555 157.1 ? 
89  O6 ? B G 10 ? E G 10 ? 1_555 K ? K K . ? E K 104 ? 1_555 O6 ? B G 15 ? E G 15 ? 1_555 67.6  ? 
90  O6 ? B G 13 ? E G 13 ? 1_555 K ? K K . ? E K 104 ? 1_555 O6 ? B G 15 ? E G 15 ? 1_555 94.4  ? 
91  O6 ? B G 8  ? E G 8  ? 1_555 K ? K K . ? E K 104 ? 1_555 O6 ? B G 18 ? E G 18 ? 1_555 105.6 ? 
92  O6 ? B G 10 ? E G 10 ? 1_555 K ? K K . ? E K 104 ? 1_555 O6 ? B G 18 ? E G 18 ? 1_555 147.6 ? 
93  O6 ? B G 13 ? E G 13 ? 1_555 K ? K K . ? E K 104 ? 1_555 O6 ? B G 18 ? E G 18 ? 1_555 66.0  ? 
94  O6 ? B G 15 ? E G 15 ? 1_555 K ? K K . ? E K 104 ? 1_555 O6 ? B G 18 ? E G 18 ? 1_555 87.3  ? 
95  O6 ? B G 8  ? E G 8  ? 1_555 K ? K K . ? E K 104 ? 1_555 O6 ? B G 21 ? E G 21 ? 1_555 129.2 ? 
96  O6 ? B G 10 ? E G 10 ? 1_555 K ? K K . ? E K 104 ? 1_555 O6 ? B G 21 ? E G 21 ? 1_555 100.1 ? 
97  O6 ? B G 13 ? E G 13 ? 1_555 K ? K K . ? E K 104 ? 1_555 O6 ? B G 21 ? E G 21 ? 1_555 150.7 ? 
98  O6 ? B G 15 ? E G 15 ? 1_555 K ? K K . ? E K 104 ? 1_555 O6 ? B G 21 ? E G 21 ? 1_555 68.7  ? 
99  O6 ? B G 18 ? E G 18 ? 1_555 K ? K K . ? E K 104 ? 1_555 O6 ? B G 21 ? E G 21 ? 1_555 88.6  ? 
100 O6 ? B G 8  ? E G 8  ? 1_555 K ? K K . ? E K 104 ? 1_555 O6 ? B G 24 ? E G 24 ? 1_555 70.7  ? 
101 O6 ? B G 10 ? E G 10 ? 1_555 K ? K K . ? E K 104 ? 1_555 O6 ? B G 24 ? E G 24 ? 1_555 152.2 ? 
102 O6 ? B G 13 ? E G 13 ? 1_555 K ? K K . ? E K 104 ? 1_555 O6 ? B G 24 ? E G 24 ? 1_555 102.1 ? 
103 O6 ? B G 15 ? E G 15 ? 1_555 K ? K K . ? E K 104 ? 1_555 O6 ? B G 24 ? E G 24 ? 1_555 131.9 ? 
104 O6 ? B G 18 ? E G 18 ? 1_555 K ? K K . ? E K 104 ? 1_555 O6 ? B G 24 ? E G 24 ? 1_555 60.3  ? 
105 O6 ? B G 21 ? E G 21 ? 1_555 K ? K K . ? E K 104 ? 1_555 O6 ? B G 24 ? E G 24 ? 1_555 75.6  ? 
106 O6 ? B G 8  ? E G 8  ? 1_555 K ? K K . ? E K 104 ? 1_555 O6 ? B G 26 ? E G 26 ? 1_555 71.9  ? 
107 O6 ? B G 10 ? E G 10 ? 1_555 K ? K K . ? E K 104 ? 1_555 O6 ? B G 26 ? E G 26 ? 1_555 66.7  ? 
108 O6 ? B G 13 ? E G 13 ? 1_555 K ? K K . ? E K 104 ? 1_555 O6 ? B G 26 ? E G 26 ? 1_555 140.2 ? 
109 O6 ? B G 15 ? E G 15 ? 1_555 K ? K K . ? E K 104 ? 1_555 O6 ? B G 26 ? E G 26 ? 1_555 108.7 ? 
110 O6 ? B G 18 ? E G 18 ? 1_555 K ? K K . ? E K 104 ? 1_555 O6 ? B G 26 ? E G 26 ? 1_555 144.2 ? 
111 O6 ? B G 21 ? E G 21 ? 1_555 K ? K K . ? E K 104 ? 1_555 O6 ? B G 26 ? E G 26 ? 1_555 69.1  ? 
112 O6 ? B G 24 ? E G 24 ? 1_555 K ? K K . ? E K 104 ? 1_555 O6 ? B G 26 ? E G 26 ? 1_555 86.4  ? 
# 
loop_
_struct_site.id 
_struct_site.pdbx_evidence_code 
_struct_site.pdbx_auth_asym_id 
_struct_site.pdbx_auth_comp_id 
_struct_site.pdbx_auth_seq_id 
_struct_site.pdbx_auth_ins_code 
_struct_site.pdbx_num_residues 
_struct_site.details 
AC1 Software B QW4 101 ? 7 'binding site for residue QW4 B 101' 
AC2 Software B QW4 102 ? 6 'binding site for residue QW4 B 102' 
AC3 Software B BR  103 ? 2 'binding site for residue BR B 103'  
AC4 Software B K   104 ? 9 'binding site for residue K B 104'   
AC5 Software B K   105 ? 9 'binding site for residue K B 105'   
AC6 Software E QW4 101 ? 8 'binding site for residue QW4 E 101' 
AC7 Software E BR  102 ? 2 'binding site for residue BR E 102'  
AC8 Software E K   103 ? 9 'binding site for residue K E 103'   
AC9 Software E K   104 ? 9 'binding site for residue K E 104'   
# 
loop_
_struct_site_gen.id 
_struct_site_gen.site_id 
_struct_site_gen.pdbx_num_res 
_struct_site_gen.label_comp_id 
_struct_site_gen.label_asym_id 
_struct_site_gen.label_seq_id 
_struct_site_gen.pdbx_auth_ins_code 
_struct_site_gen.auth_comp_id 
_struct_site_gen.auth_asym_id 
_struct_site_gen.auth_seq_id 
_struct_site_gen.label_atom_id 
_struct_site_gen.label_alt_id 
_struct_site_gen.symmetry 
_struct_site_gen.details 
1  AC1 7 A   A 9  ? A   B 9   . ? 1_555 ? 
2  AC1 7 A   A 19 ? A   B 19  . ? 1_555 ? 
3  AC1 7 U   A 20 ? U   B 20  . ? 1_555 ? 
4  AC1 7 U   A 20 ? U   B 20  . ? 5_554 ? 
5  AC1 7 C   A 25 ? C   B 25  . ? 1_555 ? 
6  AC1 7 G   A 26 ? G   B 26  . ? 1_555 ? 
7  AC1 7 QW4 D .  ? QW4 B 102 . ? 1_555 ? 
8  AC2 6 G   A 10 ? G   B 10  . ? 1_555 ? 
9  AC2 6 A   A 19 ? A   B 19  . ? 1_555 ? 
10 AC2 6 G   A 21 ? G   B 21  . ? 1_555 ? 
11 AC2 6 C   A 25 ? C   B 25  . ? 1_555 ? 
12 AC2 6 G   A 26 ? G   B 26  . ? 1_555 ? 
13 AC2 6 QW4 C .  ? QW4 B 101 . ? 1_555 ? 
14 AC3 2 A   A 1  ? A   B 1   . ? 1_555 ? 
15 AC3 2 U   A 2  ? U   B 2   . ? 1_555 ? 
16 AC4 9 G   A 8  ? G   B 8   . ? 1_555 ? 
17 AC4 9 G   A 10 ? G   B 10  . ? 1_555 ? 
18 AC4 9 G   A 13 ? G   B 13  . ? 1_555 ? 
19 AC4 9 G   A 15 ? G   B 15  . ? 1_555 ? 
20 AC4 9 G   A 18 ? G   B 18  . ? 1_555 ? 
21 AC4 9 G   A 21 ? G   B 21  . ? 1_555 ? 
22 AC4 9 G   A 24 ? G   B 24  . ? 1_555 ? 
23 AC4 9 G   A 26 ? G   B 26  . ? 1_555 ? 
24 AC4 9 K   G .  ? K   B 105 . ? 1_555 ? 
25 AC5 9 G   A 7  ? G   B 7   . ? 1_555 ? 
26 AC5 9 G   A 8  ? G   B 8   . ? 1_555 ? 
27 AC5 9 G   A 12 ? G   B 12  . ? 1_555 ? 
28 AC5 9 G   A 13 ? G   B 13  . ? 1_555 ? 
29 AC5 9 G   A 17 ? G   B 17  . ? 1_555 ? 
30 AC5 9 G   A 18 ? G   B 18  . ? 1_555 ? 
31 AC5 9 G   A 23 ? G   B 23  . ? 1_555 ? 
32 AC5 9 G   A 24 ? G   B 24  . ? 1_555 ? 
33 AC5 9 K   F .  ? K   B 104 . ? 1_555 ? 
34 AC6 8 A   B 9  ? A   E 9   . ? 1_555 ? 
35 AC6 8 G   B 10 ? G   E 10  . ? 1_555 ? 
36 AC6 8 G   B 15 ? G   E 15  . ? 1_555 ? 
37 AC6 8 A   B 19 ? A   E 19  . ? 1_555 ? 
38 AC6 8 U   B 20 ? U   E 20  . ? 1_555 ? 
39 AC6 8 G   B 21 ? G   E 21  . ? 1_555 ? 
40 AC6 8 C   B 25 ? C   E 25  . ? 1_555 ? 
41 AC6 8 G   B 26 ? G   E 26  . ? 1_555 ? 
42 AC7 2 A   B 1  ? A   E 1   . ? 1_555 ? 
43 AC7 2 U   B 2  ? U   E 2   . ? 1_555 ? 
44 AC8 9 G   B 7  ? G   E 7   . ? 1_555 ? 
45 AC8 9 G   B 8  ? G   E 8   . ? 1_555 ? 
46 AC8 9 G   B 12 ? G   E 12  . ? 1_555 ? 
47 AC8 9 G   B 13 ? G   E 13  . ? 1_555 ? 
48 AC8 9 G   B 17 ? G   E 17  . ? 1_555 ? 
49 AC8 9 G   B 18 ? G   E 18  . ? 1_555 ? 
50 AC8 9 G   B 23 ? G   E 23  . ? 1_555 ? 
51 AC8 9 G   B 24 ? G   E 24  . ? 1_555 ? 
52 AC8 9 K   K .  ? K   E 104 . ? 1_555 ? 
53 AC9 9 G   B 8  ? G   E 8   . ? 1_555 ? 
54 AC9 9 G   B 10 ? G   E 10  . ? 1_555 ? 
55 AC9 9 G   B 13 ? G   E 13  . ? 1_555 ? 
56 AC9 9 G   B 15 ? G   E 15  . ? 1_555 ? 
57 AC9 9 G   B 18 ? G   E 18  . ? 1_555 ? 
58 AC9 9 G   B 21 ? G   E 21  . ? 1_555 ? 
59 AC9 9 G   B 24 ? G   E 24  . ? 1_555 ? 
60 AC9 9 G   B 26 ? G   E 26  . ? 1_555 ? 
61 AC9 9 K   J .  ? K   E 103 . ? 1_555 ? 
# 
loop_
_pdbx_validate_close_contact.id 
_pdbx_validate_close_contact.PDB_model_num 
_pdbx_validate_close_contact.auth_atom_id_1 
_pdbx_validate_close_contact.auth_asym_id_1 
_pdbx_validate_close_contact.auth_comp_id_1 
_pdbx_validate_close_contact.auth_seq_id_1 
_pdbx_validate_close_contact.PDB_ins_code_1 
_pdbx_validate_close_contact.label_alt_id_1 
_pdbx_validate_close_contact.auth_atom_id_2 
_pdbx_validate_close_contact.auth_asym_id_2 
_pdbx_validate_close_contact.auth_comp_id_2 
_pdbx_validate_close_contact.auth_seq_id_2 
_pdbx_validate_close_contact.PDB_ins_code_2 
_pdbx_validate_close_contact.label_alt_id_2 
_pdbx_validate_close_contact.dist 
1 1 C5 B U 2 ? ? BR B BR 103 ? ? 1.95 
2 1 C5 E U 2 ? ? BR E BR 102 ? ? 2.01 
# 
_pdbx_validate_symm_contact.id                1 
_pdbx_validate_symm_contact.PDB_model_num     1 
_pdbx_validate_symm_contact.auth_atom_id_1    N3 
_pdbx_validate_symm_contact.auth_asym_id_1    B 
_pdbx_validate_symm_contact.auth_comp_id_1    A 
_pdbx_validate_symm_contact.auth_seq_id_1     16 
_pdbx_validate_symm_contact.PDB_ins_code_1    ? 
_pdbx_validate_symm_contact.label_alt_id_1    ? 
_pdbx_validate_symm_contact.site_symmetry_1   1_555 
_pdbx_validate_symm_contact.auth_atom_id_2    "O5'" 
_pdbx_validate_symm_contact.auth_asym_id_2    E 
_pdbx_validate_symm_contact.auth_comp_id_2    A 
_pdbx_validate_symm_contact.auth_seq_id_2     1 
_pdbx_validate_symm_contact.PDB_ins_code_2    ? 
_pdbx_validate_symm_contact.label_alt_id_2    ? 
_pdbx_validate_symm_contact.site_symmetry_2   4_555 
_pdbx_validate_symm_contact.dist              2.11 
# 
loop_
_pdbx_validate_rmsd_angle.id 
_pdbx_validate_rmsd_angle.PDB_model_num 
_pdbx_validate_rmsd_angle.auth_atom_id_1 
_pdbx_validate_rmsd_angle.auth_asym_id_1 
_pdbx_validate_rmsd_angle.auth_comp_id_1 
_pdbx_validate_rmsd_angle.auth_seq_id_1 
_pdbx_validate_rmsd_angle.PDB_ins_code_1 
_pdbx_validate_rmsd_angle.label_alt_id_1 
_pdbx_validate_rmsd_angle.auth_atom_id_2 
_pdbx_validate_rmsd_angle.auth_asym_id_2 
_pdbx_validate_rmsd_angle.auth_comp_id_2 
_pdbx_validate_rmsd_angle.auth_seq_id_2 
_pdbx_validate_rmsd_angle.PDB_ins_code_2 
_pdbx_validate_rmsd_angle.label_alt_id_2 
_pdbx_validate_rmsd_angle.auth_atom_id_3 
_pdbx_validate_rmsd_angle.auth_asym_id_3 
_pdbx_validate_rmsd_angle.auth_comp_id_3 
_pdbx_validate_rmsd_angle.auth_seq_id_3 
_pdbx_validate_rmsd_angle.PDB_ins_code_3 
_pdbx_validate_rmsd_angle.label_alt_id_3 
_pdbx_validate_rmsd_angle.angle_value 
_pdbx_validate_rmsd_angle.angle_target_value 
_pdbx_validate_rmsd_angle.angle_deviation 
_pdbx_validate_rmsd_angle.angle_standard_deviation 
_pdbx_validate_rmsd_angle.linker_flag 
1 1 "O4'" B A 27 ? ? "C1'" B A 27 ? ? N9    B A 27 ? ? 113.97 108.50 5.47  0.70 N 
2 1 N9    E A 1  ? ? "C1'" E A 1  ? ? "C2'" E A 1  ? ? 122.72 114.00 8.72  1.30 N 
3 1 "O4'" E A 1  ? ? "C1'" E A 1  ? ? N9    E A 1  ? ? 116.51 108.50 8.01  0.70 N 
4 1 N3    E U 2  ? ? C2    E U 2  ? ? O2    E U 2  ? ? 117.91 122.20 -4.29 0.70 N 
# 
loop_
_space_group_symop.id 
_space_group_symop.operation_xyz 
1 x,y,z          
2 -y,x-y,z+1/3   
3 -x+y,-x,z+2/3  
4 x-y,-y,-z+2/3  
5 -x,-x+y,-z+1/3 
6 y,x,-z         
# 
_pdbx_entry_details.entry_id                 6V9D 
_pdbx_entry_details.has_ligand_of_interest   N 
_pdbx_entry_details.compound_details         ? 
_pdbx_entry_details.source_details           ? 
_pdbx_entry_details.nonpolymer_details       ? 
_pdbx_entry_details.sequence_details         ? 
# 
_pdbx_unobs_or_zero_occ_residues.id               1 
_pdbx_unobs_or_zero_occ_residues.PDB_model_num    1 
_pdbx_unobs_or_zero_occ_residues.polymer_flag     Y 
_pdbx_unobs_or_zero_occ_residues.occupancy_flag   1 
_pdbx_unobs_or_zero_occ_residues.auth_asym_id     E 
_pdbx_unobs_or_zero_occ_residues.auth_comp_id     U 
_pdbx_unobs_or_zero_occ_residues.auth_seq_id      28 
_pdbx_unobs_or_zero_occ_residues.PDB_ins_code     ? 
_pdbx_unobs_or_zero_occ_residues.label_asym_id    B 
_pdbx_unobs_or_zero_occ_residues.label_comp_id    U 
_pdbx_unobs_or_zero_occ_residues.label_seq_id     28 
# 
loop_
_chem_comp_atom.comp_id 
_chem_comp_atom.atom_id 
_chem_comp_atom.type_symbol 
_chem_comp_atom.pdbx_aromatic_flag 
_chem_comp_atom.pdbx_stereo_config 
_chem_comp_atom.pdbx_ordinal 
A   OP3    O  N N 1   
A   P      P  N N 2   
A   OP1    O  N N 3   
A   OP2    O  N N 4   
A   "O5'"  O  N N 5   
A   "C5'"  C  N N 6   
A   "C4'"  C  N R 7   
A   "O4'"  O  N N 8   
A   "C3'"  C  N S 9   
A   "O3'"  O  N N 10  
A   "C2'"  C  N R 11  
A   "O2'"  O  N N 12  
A   "C1'"  C  N R 13  
A   N9     N  Y N 14  
A   C8     C  Y N 15  
A   N7     N  Y N 16  
A   C5     C  Y N 17  
A   C6     C  Y N 18  
A   N6     N  N N 19  
A   N1     N  Y N 20  
A   C2     C  Y N 21  
A   N3     N  Y N 22  
A   C4     C  Y N 23  
A   HOP3   H  N N 24  
A   HOP2   H  N N 25  
A   "H5'"  H  N N 26  
A   "H5''" H  N N 27  
A   "H4'"  H  N N 28  
A   "H3'"  H  N N 29  
A   "HO3'" H  N N 30  
A   "H2'"  H  N N 31  
A   "HO2'" H  N N 32  
A   "H1'"  H  N N 33  
A   H8     H  N N 34  
A   H61    H  N N 35  
A   H62    H  N N 36  
A   H2     H  N N 37  
BR  BR     BR N N 38  
C   OP3    O  N N 39  
C   P      P  N N 40  
C   OP1    O  N N 41  
C   OP2    O  N N 42  
C   "O5'"  O  N N 43  
C   "C5'"  C  N N 44  
C   "C4'"  C  N R 45  
C   "O4'"  O  N N 46  
C   "C3'"  C  N S 47  
C   "O3'"  O  N N 48  
C   "C2'"  C  N R 49  
C   "O2'"  O  N N 50  
C   "C1'"  C  N R 51  
C   N1     N  N N 52  
C   C2     C  N N 53  
C   O2     O  N N 54  
C   N3     N  N N 55  
C   C4     C  N N 56  
C   N4     N  N N 57  
C   C5     C  N N 58  
C   C6     C  N N 59  
C   HOP3   H  N N 60  
C   HOP2   H  N N 61  
C   "H5'"  H  N N 62  
C   "H5''" H  N N 63  
C   "H4'"  H  N N 64  
C   "H3'"  H  N N 65  
C   "HO3'" H  N N 66  
C   "H2'"  H  N N 67  
C   "HO2'" H  N N 68  
C   "H1'"  H  N N 69  
C   H41    H  N N 70  
C   H42    H  N N 71  
C   H5     H  N N 72  
C   H6     H  N N 73  
G   OP3    O  N N 74  
G   P      P  N N 75  
G   OP1    O  N N 76  
G   OP2    O  N N 77  
G   "O5'"  O  N N 78  
G   "C5'"  C  N N 79  
G   "C4'"  C  N R 80  
G   "O4'"  O  N N 81  
G   "C3'"  C  N S 82  
G   "O3'"  O  N N 83  
G   "C2'"  C  N R 84  
G   "O2'"  O  N N 85  
G   "C1'"  C  N R 86  
G   N9     N  Y N 87  
G   C8     C  Y N 88  
G   N7     N  Y N 89  
G   C5     C  Y N 90  
G   C6     C  N N 91  
G   O6     O  N N 92  
G   N1     N  N N 93  
G   C2     C  N N 94  
G   N2     N  N N 95  
G   N3     N  N N 96  
G   C4     C  Y N 97  
G   HOP3   H  N N 98  
G   HOP2   H  N N 99  
G   "H5'"  H  N N 100 
G   "H5''" H  N N 101 
G   "H4'"  H  N N 102 
G   "H3'"  H  N N 103 
G   "HO3'" H  N N 104 
G   "H2'"  H  N N 105 
G   "HO2'" H  N N 106 
G   "H1'"  H  N N 107 
G   H8     H  N N 108 
G   H1     H  N N 109 
G   H21    H  N N 110 
G   H22    H  N N 111 
K   K      K  N N 112 
QW4 C10    C  N N 113 
QW4 C12    C  N N 114 
QW4 C01    C  N N 115 
QW4 C02    C  N N 116 
QW4 C04    C  N N 117 
QW4 C06    C  Y N 118 
QW4 C07    C  N N 119 
QW4 C08    C  N N 120 
QW4 C09    C  N N 121 
QW4 C13    C  Y N 122 
QW4 C14    C  Y N 123 
QW4 C15    C  Y N 124 
QW4 C16    C  Y N 125 
QW4 C17    C  Y N 126 
QW4 C18    C  Y N 127 
QW4 C20    C  Y N 128 
QW4 C21    C  Y N 129 
QW4 C22    C  Y N 130 
QW4 C23    C  Y N 131 
QW4 C24    C  Y N 132 
QW4 C25    C  Y N 133 
QW4 N05    N  Y N 134 
QW4 N11    N  N N 135 
QW4 O03    O  N N 136 
QW4 S19    S  Y N 137 
QW4 H1     H  N N 138 
QW4 H2     H  N N 139 
QW4 H3     H  N N 140 
QW4 H4     H  N N 141 
QW4 H5     H  N N 142 
QW4 H6     H  N N 143 
QW4 H7     H  N N 144 
QW4 H8     H  N N 145 
QW4 H9     H  N N 146 
QW4 H10    H  N N 147 
QW4 H12    H  N N 148 
QW4 H13    H  N N 149 
QW4 H14    H  N N 150 
QW4 H15    H  N N 151 
QW4 H16    H  N N 152 
QW4 H17    H  N N 153 
QW4 H18    H  N N 154 
QW4 H19    H  N N 155 
QW4 H20    H  N N 156 
U   OP3    O  N N 157 
U   P      P  N N 158 
U   OP1    O  N N 159 
U   OP2    O  N N 160 
U   "O5'"  O  N N 161 
U   "C5'"  C  N N 162 
U   "C4'"  C  N R 163 
U   "O4'"  O  N N 164 
U   "C3'"  C  N S 165 
U   "O3'"  O  N N 166 
U   "C2'"  C  N R 167 
U   "O2'"  O  N N 168 
U   "C1'"  C  N R 169 
U   N1     N  N N 170 
U   C2     C  N N 171 
U   O2     O  N N 172 
U   N3     N  N N 173 
U   C4     C  N N 174 
U   O4     O  N N 175 
U   C5     C  N N 176 
U   C6     C  N N 177 
U   HOP3   H  N N 178 
U   HOP2   H  N N 179 
U   "H5'"  H  N N 180 
U   "H5''" H  N N 181 
U   "H4'"  H  N N 182 
U   "H3'"  H  N N 183 
U   "HO3'" H  N N 184 
U   "H2'"  H  N N 185 
U   "HO2'" H  N N 186 
U   "H1'"  H  N N 187 
U   H3     H  N N 188 
U   H5     H  N N 189 
U   H6     H  N N 190 
# 
loop_
_chem_comp_bond.comp_id 
_chem_comp_bond.atom_id_1 
_chem_comp_bond.atom_id_2 
_chem_comp_bond.value_order 
_chem_comp_bond.pdbx_aromatic_flag 
_chem_comp_bond.pdbx_stereo_config 
_chem_comp_bond.pdbx_ordinal 
A   OP3   P      sing N N 1   
A   OP3   HOP3   sing N N 2   
A   P     OP1    doub N N 3   
A   P     OP2    sing N N 4   
A   P     "O5'"  sing N N 5   
A   OP2   HOP2   sing N N 6   
A   "O5'" "C5'"  sing N N 7   
A   "C5'" "C4'"  sing N N 8   
A   "C5'" "H5'"  sing N N 9   
A   "C5'" "H5''" sing N N 10  
A   "C4'" "O4'"  sing N N 11  
A   "C4'" "C3'"  sing N N 12  
A   "C4'" "H4'"  sing N N 13  
A   "O4'" "C1'"  sing N N 14  
A   "C3'" "O3'"  sing N N 15  
A   "C3'" "C2'"  sing N N 16  
A   "C3'" "H3'"  sing N N 17  
A   "O3'" "HO3'" sing N N 18  
A   "C2'" "O2'"  sing N N 19  
A   "C2'" "C1'"  sing N N 20  
A   "C2'" "H2'"  sing N N 21  
A   "O2'" "HO2'" sing N N 22  
A   "C1'" N9     sing N N 23  
A   "C1'" "H1'"  sing N N 24  
A   N9    C8     sing Y N 25  
A   N9    C4     sing Y N 26  
A   C8    N7     doub Y N 27  
A   C8    H8     sing N N 28  
A   N7    C5     sing Y N 29  
A   C5    C6     sing Y N 30  
A   C5    C4     doub Y N 31  
A   C6    N6     sing N N 32  
A   C6    N1     doub Y N 33  
A   N6    H61    sing N N 34  
A   N6    H62    sing N N 35  
A   N1    C2     sing Y N 36  
A   C2    N3     doub Y N 37  
A   C2    H2     sing N N 38  
A   N3    C4     sing Y N 39  
C   OP3   P      sing N N 40  
C   OP3   HOP3   sing N N 41  
C   P     OP1    doub N N 42  
C   P     OP2    sing N N 43  
C   P     "O5'"  sing N N 44  
C   OP2   HOP2   sing N N 45  
C   "O5'" "C5'"  sing N N 46  
C   "C5'" "C4'"  sing N N 47  
C   "C5'" "H5'"  sing N N 48  
C   "C5'" "H5''" sing N N 49  
C   "C4'" "O4'"  sing N N 50  
C   "C4'" "C3'"  sing N N 51  
C   "C4'" "H4'"  sing N N 52  
C   "O4'" "C1'"  sing N N 53  
C   "C3'" "O3'"  sing N N 54  
C   "C3'" "C2'"  sing N N 55  
C   "C3'" "H3'"  sing N N 56  
C   "O3'" "HO3'" sing N N 57  
C   "C2'" "O2'"  sing N N 58  
C   "C2'" "C1'"  sing N N 59  
C   "C2'" "H2'"  sing N N 60  
C   "O2'" "HO2'" sing N N 61  
C   "C1'" N1     sing N N 62  
C   "C1'" "H1'"  sing N N 63  
C   N1    C2     sing N N 64  
C   N1    C6     sing N N 65  
C   C2    O2     doub N N 66  
C   C2    N3     sing N N 67  
C   N3    C4     doub N N 68  
C   C4    N4     sing N N 69  
C   C4    C5     sing N N 70  
C   N4    H41    sing N N 71  
C   N4    H42    sing N N 72  
C   C5    C6     doub N N 73  
C   C5    H5     sing N N 74  
C   C6    H6     sing N N 75  
G   OP3   P      sing N N 76  
G   OP3   HOP3   sing N N 77  
G   P     OP1    doub N N 78  
G   P     OP2    sing N N 79  
G   P     "O5'"  sing N N 80  
G   OP2   HOP2   sing N N 81  
G   "O5'" "C5'"  sing N N 82  
G   "C5'" "C4'"  sing N N 83  
G   "C5'" "H5'"  sing N N 84  
G   "C5'" "H5''" sing N N 85  
G   "C4'" "O4'"  sing N N 86  
G   "C4'" "C3'"  sing N N 87  
G   "C4'" "H4'"  sing N N 88  
G   "O4'" "C1'"  sing N N 89  
G   "C3'" "O3'"  sing N N 90  
G   "C3'" "C2'"  sing N N 91  
G   "C3'" "H3'"  sing N N 92  
G   "O3'" "HO3'" sing N N 93  
G   "C2'" "O2'"  sing N N 94  
G   "C2'" "C1'"  sing N N 95  
G   "C2'" "H2'"  sing N N 96  
G   "O2'" "HO2'" sing N N 97  
G   "C1'" N9     sing N N 98  
G   "C1'" "H1'"  sing N N 99  
G   N9    C8     sing Y N 100 
G   N9    C4     sing Y N 101 
G   C8    N7     doub Y N 102 
G   C8    H8     sing N N 103 
G   N7    C5     sing Y N 104 
G   C5    C6     sing N N 105 
G   C5    C4     doub Y N 106 
G   C6    O6     doub N N 107 
G   C6    N1     sing N N 108 
G   N1    C2     sing N N 109 
G   N1    H1     sing N N 110 
G   C2    N2     sing N N 111 
G   C2    N3     doub N N 112 
G   N2    H21    sing N N 113 
G   N2    H22    sing N N 114 
G   N3    C4     sing N N 115 
QW4 C22   C21    doub Y N 116 
QW4 C22   C23    sing Y N 117 
QW4 C21   C20    sing Y N 118 
QW4 O03   C02    doub N N 119 
QW4 C23   C24    doub Y N 120 
QW4 C20   S19    sing Y N 121 
QW4 C20   C25    doub Y N 122 
QW4 S19   C06    sing Y N 123 
QW4 C24   C25    sing Y N 124 
QW4 C25   N05    sing Y N 125 
QW4 C02   C01    sing N N 126 
QW4 C02   C04    sing N N 127 
QW4 N05   C06    doub Y N 128 
QW4 N05   C04    sing N N 129 
QW4 C06   C07    sing N N 130 
QW4 C09   C10    doub N N 131 
QW4 C09   C08    sing N N 132 
QW4 C10   N11    sing N N 133 
QW4 C07   C08    doub N E 134 
QW4 C08   C18    sing N N 135 
QW4 N11   C12    sing N N 136 
QW4 N11   C13    sing N N 137 
QW4 C18   C13    doub Y N 138 
QW4 C18   C17    sing Y N 139 
QW4 C13   C14    sing Y N 140 
QW4 C17   C16    doub Y N 141 
QW4 C14   C15    doub Y N 142 
QW4 C16   C15    sing Y N 143 
QW4 C10   H1     sing N N 144 
QW4 C12   H2     sing N N 145 
QW4 C12   H3     sing N N 146 
QW4 C12   H4     sing N N 147 
QW4 C01   H5     sing N N 148 
QW4 C01   H6     sing N N 149 
QW4 C01   H7     sing N N 150 
QW4 C04   H8     sing N N 151 
QW4 C04   H9     sing N N 152 
QW4 C07   H10    sing N N 153 
QW4 C09   H12    sing N N 154 
QW4 C14   H13    sing N N 155 
QW4 C15   H14    sing N N 156 
QW4 C16   H15    sing N N 157 
QW4 C17   H16    sing N N 158 
QW4 C21   H17    sing N N 159 
QW4 C22   H18    sing N N 160 
QW4 C23   H19    sing N N 161 
QW4 C24   H20    sing N N 162 
U   OP3   P      sing N N 163 
U   OP3   HOP3   sing N N 164 
U   P     OP1    doub N N 165 
U   P     OP2    sing N N 166 
U   P     "O5'"  sing N N 167 
U   OP2   HOP2   sing N N 168 
U   "O5'" "C5'"  sing N N 169 
U   "C5'" "C4'"  sing N N 170 
U   "C5'" "H5'"  sing N N 171 
U   "C5'" "H5''" sing N N 172 
U   "C4'" "O4'"  sing N N 173 
U   "C4'" "C3'"  sing N N 174 
U   "C4'" "H4'"  sing N N 175 
U   "O4'" "C1'"  sing N N 176 
U   "C3'" "O3'"  sing N N 177 
U   "C3'" "C2'"  sing N N 178 
U   "C3'" "H3'"  sing N N 179 
U   "O3'" "HO3'" sing N N 180 
U   "C2'" "O2'"  sing N N 181 
U   "C2'" "C1'"  sing N N 182 
U   "C2'" "H2'"  sing N N 183 
U   "O2'" "HO2'" sing N N 184 
U   "C1'" N1     sing N N 185 
U   "C1'" "H1'"  sing N N 186 
U   N1    C2     sing N N 187 
U   N1    C6     sing N N 188 
U   C2    O2     doub N N 189 
U   C2    N3     sing N N 190 
U   N3    C4     sing N N 191 
U   N3    H3     sing N N 192 
U   C4    O4     doub N N 193 
U   C4    C5     sing N N 194 
U   C5    C6     doub N N 195 
U   C5    H5     sing N N 196 
U   C6    H6     sing N N 197 
# 
loop_
_ndb_struct_conf_na.entry_id 
_ndb_struct_conf_na.feature 
6V9D 'double helix'    
6V9D 'quadruple helix' 
# 
_ndb_struct_na_base_pair.model_number      1 
_ndb_struct_na_base_pair.i_label_asym_id   A 
_ndb_struct_na_base_pair.i_label_comp_id   A 
_ndb_struct_na_base_pair.i_label_seq_id    1 
_ndb_struct_na_base_pair.i_symmetry        1_555 
_ndb_struct_na_base_pair.j_label_asym_id   B 
_ndb_struct_na_base_pair.j_label_comp_id   G 
_ndb_struct_na_base_pair.j_label_seq_id    6 
_ndb_struct_na_base_pair.j_symmetry        1_555 
_ndb_struct_na_base_pair.shear             0.084 
_ndb_struct_na_base_pair.stretch           1.503 
_ndb_struct_na_base_pair.stagger           -0.362 
_ndb_struct_na_base_pair.buckle            -1.366 
_ndb_struct_na_base_pair.propeller         -8.764 
_ndb_struct_na_base_pair.opening           -15.444 
_ndb_struct_na_base_pair.pair_number       1 
_ndb_struct_na_base_pair.pair_name         B_A1:G6_E 
_ndb_struct_na_base_pair.i_auth_asym_id    B 
_ndb_struct_na_base_pair.i_auth_seq_id     1 
_ndb_struct_na_base_pair.i_PDB_ins_code    ? 
_ndb_struct_na_base_pair.j_auth_asym_id    E 
_ndb_struct_na_base_pair.j_auth_seq_id     6 
_ndb_struct_na_base_pair.j_PDB_ins_code    ? 
_ndb_struct_na_base_pair.hbond_type_28     8 
_ndb_struct_na_base_pair.hbond_type_12     1 
# 
_space_group.name_H-M_alt     'P 31 2 1' 
_space_group.name_Hall        
;P 31 2"
;
_space_group.IT_number        152 
_space_group.crystal_system   trigonal 
_space_group.id               1 
# 
_atom_sites.entry_id                    6V9D 
_atom_sites.Cartn_transf_matrix[1][1]   ? 
_atom_sites.Cartn_transf_matrix[1][2]   ? 
_atom_sites.Cartn_transf_matrix[1][3]   ? 
_atom_sites.Cartn_transf_matrix[2][1]   ? 
_atom_sites.Cartn_transf_matrix[2][2]   ? 
_atom_sites.Cartn_transf_matrix[2][3]   ? 
_atom_sites.Cartn_transf_matrix[3][1]   ? 
_atom_sites.Cartn_transf_matrix[3][2]   ? 
_atom_sites.Cartn_transf_matrix[3][3]   ? 
_atom_sites.Cartn_transf_vector[1]      ? 
_atom_sites.Cartn_transf_vector[2]      ? 
_atom_sites.Cartn_transf_vector[3]      ? 
_atom_sites.fract_transf_matrix[1][1]   0.01791176 
_atom_sites.fract_transf_matrix[1][2]   -0.01380439 
_atom_sites.fract_transf_matrix[1][3]   -0.00677012 
_atom_sites.fract_transf_matrix[2][1]   0.00565059 
_atom_sites.fract_transf_matrix[2][2]   -0.00163954 
_atom_sites.fract_transf_matrix[2][3]   -0.02285998 
_atom_sites.fract_transf_matrix[3][1]   0.00513087 
_atom_sites.fract_transf_matrix[3][2]   0.00625555 
_atom_sites.fract_transf_matrix[3][3]   0.00081961 
_atom_sites.fract_transf_vector[1]      0.542432 
_atom_sites.fract_transf_vector[2]      0.350620 
_atom_sites.fract_transf_vector[3]      0.016621 
_atom_sites.solution_primary            ? 
_atom_sites.solution_secondary          ? 
_atom_sites.solution_hydrogens          ? 
_atom_sites.special_details             ? 
# 
loop_
_atom_type.symbol 
_atom_type.scat_dispersion_real 
_atom_type.scat_dispersion_imag 
_atom_type.scat_Cromer_Mann_a1 
_atom_type.scat_Cromer_Mann_a2 
_atom_type.scat_Cromer_Mann_a3 
_atom_type.scat_Cromer_Mann_a4 
_atom_type.scat_Cromer_Mann_b1 
_atom_type.scat_Cromer_Mann_b2 
_atom_type.scat_Cromer_Mann_b3 
_atom_type.scat_Cromer_Mann_b4 
_atom_type.scat_Cromer_Mann_c 
_atom_type.scat_source 
_atom_type.scat_dispersion_source 
BR ? ? 25.79822 9.11301 ? ? 1.35700  25.34896 ? ? 0.0 
;2-Gaussian fit: Grosse-Kunstleve RW, Sauter NK, Adams PD: Newsletter of the IUCr Commission on Crystallographic Computing 2004, 3, 22-31.
;
? 
C  ? ? 3.54356  2.42580 ? ? 25.62398 1.50364  ? ? 0.0 
;2-Gaussian fit: Grosse-Kunstleve RW, Sauter NK, Adams PD: Newsletter of the IUCr Commission on Crystallographic Computing 2004, 3, 22-31.
;
? 
K  ? ? 16.37977 2.54835 ? ? 4.54127  84.28225 ? ? 0.0 
;2-Gaussian fit: Grosse-Kunstleve RW, Sauter NK, Adams PD: Newsletter of the IUCr Commission on Crystallographic Computing 2004, 3, 22-31.
;
? 
N  ? ? 4.01032  2.96436 ? ? 19.97189 1.75589  ? ? 0.0 
;2-Gaussian fit: Grosse-Kunstleve RW, Sauter NK, Adams PD: Newsletter of the IUCr Commission on Crystallographic Computing 2004, 3, 22-31.
;
? 
O  ? ? 7.96527  ?       ? ? 9.05267  ?        ? ? 0.0 
;1-Gaussian fit: Grosse-Kunstleve RW, Sauter NK, Adams PD: Newsletter of the IUCr Commission on Crystallographic Computing 2004, 3, 22-31.
;
? 
P  ? ? 9.51135  5.44231 ? ? 1.42069  35.72801 ? ? 0.0 
;2-Gaussian fit: Grosse-Kunstleve RW, Sauter NK, Adams PD: Newsletter of the IUCr Commission on Crystallographic Computing 2004, 3, 22-31.
;
? 
S  ? ? 9.55732  6.39887 ? ? 1.23737  29.19336 ? ? 0.0 
;2-Gaussian fit: Grosse-Kunstleve RW, Sauter NK, Adams PD: Newsletter of the IUCr Commission on Crystallographic Computing 2004, 3, 22-31.
;
? 
# 
loop_
_atom_site.group_PDB 
_atom_site.id 
_atom_site.type_symbol 
_atom_site.label_atom_id 
_atom_site.label_alt_id 
_atom_site.label_comp_id 
_atom_site.label_asym_id 
_atom_site.label_entity_id 
_atom_site.label_seq_id 
_atom_site.pdbx_PDB_ins_code 
_atom_site.Cartn_x 
_atom_site.Cartn_y 
_atom_site.Cartn_z 
_atom_site.occupancy 
_atom_site.B_iso_or_equiv 
_atom_site.pdbx_formal_charge 
_atom_site.auth_seq_id 
_atom_site.auth_comp_id 
_atom_site.auth_asym_id 
_atom_site.auth_atom_id 
_atom_site.pdbx_PDB_model_num 
ATOM   1    O  "O5'" . A   A 1 1  ? -0.02808  1.01001   -7.55933  1.000 39.11358  ? 1   A   B "O5'" 1 
ATOM   2    C  "C5'" . A   A 1 1  ? -0.20895  0.07081   -8.60553  1.000 29.97432  ? 1   A   B "C5'" 1 
ATOM   3    C  "C4'" . A   A 1 1  ? 1.10899   -0.48594  -9.05587  1.000 29.29962  ? 1   A   B "C4'" 1 
ATOM   4    O  "O4'" . A   A 1 1  ? 2.07013   0.59477   -9.22340  1.000 31.49213  ? 1   A   B "O4'" 1 
ATOM   5    C  "C3'" . A   A 1 1  ? 1.78114   -1.44634  -8.09236  1.000 25.29487  ? 1   A   B "C3'" 1 
ATOM   6    O  "O3'" . A   A 1 1  ? 1.28500   -2.76606  -8.23837  1.000 27.95271  ? 1   A   B "O3'" 1 
ATOM   7    C  "C2'" . A   A 1 1  ? 3.24478   -1.30529  -8.46900  1.000 28.51732  ? 1   A   B "C2'" 1 
ATOM   8    O  "O2'" . A   A 1 1  ? 3.49765   -2.00717  -9.67858  1.000 29.81656  ? 1   A   B "O2'" 1 
ATOM   9    C  "C1'" . A   A 1 1  ? 3.33453   0.19052   -8.76091  1.000 27.24589  ? 1   A   B "C1'" 1 
ATOM   10   N  N9    . A   A 1 1  ? 3.62647   0.99723   -7.55461  1.000 26.56838  ? 1   A   B N9    1 
ATOM   11   C  C8    . A   A 1 1  ? 2.70767   1.74723   -6.88085  1.000 25.56616  ? 1   A   B C8    1 
ATOM   12   N  N7    . A   A 1 1  ? 3.17813   2.37800   -5.84744  1.000 26.64932  ? 1   A   B N7    1 
ATOM   13   C  C5    . A   A 1 1  ? 4.51471   2.03914   -5.82651  1.000 28.26756  ? 1   A   B C5    1 
ATOM   14   C  C6    . A   A 1 1  ? 5.56636   2.38908   -4.95527  1.000 31.71566  ? 1   A   B C6    1 
ATOM   15   N  N6    . A   A 1 1  ? 5.43167   3.19169   -3.89980  1.000 26.81298  ? 1   A   B N6    1 
ATOM   16   N  N1    . A   A 1 1  ? 6.79100   1.87827   -5.21425  1.000 33.65550  ? 1   A   B N1    1 
ATOM   17   C  C2    . A   A 1 1  ? 6.93115   1.06402   -6.26061  1.000 29.04329  ? 1   A   B C2    1 
ATOM   18   N  N3    . A   A 1 1  ? 6.01942   0.65985   -7.13373  1.000 29.73774  ? 1   A   B N3    1 
ATOM   19   C  C4    . A   A 1 1  ? 4.81110   1.18870   -6.87201  1.000 28.57964  ? 1   A   B C4    1 
ATOM   20   P  P     . U   A 1 2  ? 1.19642   -3.78041  -6.98911  1.000 31.06317  ? 2   U   B P     1 
ATOM   21   O  OP1   . U   A 1 2  ? 0.92740   -5.14824  -7.51919  1.000 30.80204  ? 2   U   B OP1   1 
ATOM   22   O  OP2   . U   A 1 2  ? 0.31150   -3.20834  -5.92992  1.000 30.05629  ? 2   U   B OP2   1 
ATOM   23   O  "O5'" . U   A 1 2  ? 2.69892   -3.86237  -6.49329  1.000 32.42850  ? 2   U   B "O5'" 1 
ATOM   24   C  "C5'" . U   A 1 2  ? 3.66193   -4.49051  -7.32058  1.000 32.46247  ? 2   U   B "C5'" 1 
ATOM   25   C  "C4'" . U   A 1 2  ? 5.03213   -4.37703  -6.73061  1.000 32.89359  ? 2   U   B "C4'" 1 
ATOM   26   O  "O4'" . U   A 1 2  ? 5.40702   -2.98398  -6.62217  1.000 27.79692  ? 2   U   B "O4'" 1 
ATOM   27   C  "C3'" . U   A 1 2  ? 5.18771   -4.90712  -5.31574  1.000 33.68899  ? 2   U   B "C3'" 1 
ATOM   28   O  "O3'" . U   A 1 2  ? 5.29229   -6.32445  -5.27776  1.000 33.62293  ? 2   U   B "O3'" 1 
ATOM   29   C  "C2'" . U   A 1 2  ? 6.44142   -4.17906  -4.85041  1.000 34.10160  ? 2   U   B "C2'" 1 
ATOM   30   O  "O2'" . U   A 1 2  ? 7.59527   -4.77803  -5.42250  1.000 32.42017  ? 2   U   B "O2'" 1 
ATOM   31   C  "C1'" . U   A 1 2  ? 6.25166   -2.80752  -5.50768  1.000 33.00071  ? 2   U   B "C1'" 1 
ATOM   32   N  N1    . U   A 1 2  ? 5.62129   -1.81765  -4.60656  1.000 30.77439  ? 2   U   B N1    1 
ATOM   33   C  C2    . U   A 1 2  ? 6.38202   -1.10511  -3.69522  1.000 29.86834  ? 2   U   B C2    1 
ATOM   34   O  O2    . U   A 1 2  ? 7.58304   -1.22389  -3.55692  1.000 32.10816  ? 2   U   B O2    1 
ATOM   35   N  N3    . U   A 1 2  ? 5.68789   -0.21381  -2.93212  1.000 31.98407  ? 2   U   B N3    1 
ATOM   36   C  C4    . U   A 1 2  ? 4.33424   0.02899   -2.98144  1.000 31.21454  ? 2   U   B C4    1 
ATOM   37   O  O4    . U   A 1 2  ? 3.82838   0.86109   -2.23008  1.000 31.27728  ? 2   U   B O4    1 
ATOM   38   C  C5    . U   A 1 2  ? 3.63848   -0.75354  -3.93900  1.000 27.67762  ? 2   U   B C5    1 
ATOM   39   C  C6    . U   A 1 2  ? 4.27794   -1.61794  -4.70947  1.000 29.53040  ? 2   U   B C6    1 
ATOM   40   P  P     . C   A 1 3  ? 4.64662   -7.19545  -4.08627  1.000 35.26750  ? 3   C   B P     1 
ATOM   41   O  OP1   . C   A 1 3  ? 4.81587   -8.61355  -4.48970  1.000 42.21598  ? 3   C   B OP1   1 
ATOM   42   O  OP2   . C   A 1 3  ? 3.32441   -6.69849  -3.66882  1.000 33.44991  ? 3   C   B OP2   1 
ATOM   43   O  "O5'" . C   A 1 3  ? 5.64971   -6.97874  -2.87841  1.000 42.67067  ? 3   C   B "O5'" 1 
ATOM   44   C  "C5'" . C   A 1 3  ? 7.02117   -7.27904  -3.05302  1.000 37.13951  ? 3   C   B "C5'" 1 
ATOM   45   C  "C4'" . C   A 1 3  ? 7.81066   -6.80453  -1.87833  1.000 38.52793  ? 3   C   B "C4'" 1 
ATOM   46   O  "O4'" . C   A 1 3  ? 7.98550   -5.37272  -1.95925  1.000 39.17538  ? 3   C   B "O4'" 1 
ATOM   47   C  "C3'" . C   A 1 3  ? 7.15301   -7.01458  -0.52357  1.000 41.00192  ? 3   C   B "C3'" 1 
ATOM   48   O  "O3'" . C   A 1 3  ? 7.29912   -8.33862  -0.05032  1.000 39.79748  ? 3   C   B "O3'" 1 
ATOM   49   C  "C2'" . C   A 1 3  ? 7.85387   -5.97252  0.33427   1.000 42.40339  ? 3   C   B "C2'" 1 
ATOM   50   O  "O2'" . C   A 1 3  ? 9.17067   -6.39979  0.67631   1.000 41.82464  ? 3   C   B "O2'" 1 
ATOM   51   C  "C1'" . C   A 1 3  ? 7.96962   -4.81589  -0.65782  1.000 40.33720  ? 3   C   B "C1'" 1 
ATOM   52   N  N1    . C   A 1 3  ? 6.83831   -3.87349  -0.54225  1.000 39.43862  ? 3   C   B N1    1 
ATOM   53   C  C2    . C   A 1 3  ? 6.94185   -2.91744  0.46888   1.000 37.08530  ? 3   C   B C2    1 
ATOM   54   O  O2    . C   A 1 3  ? 7.96855   -2.94472  1.16913   1.000 36.34694  ? 3   C   B O2    1 
ATOM   55   N  N3    . C   A 1 3  ? 5.94387   -2.01626  0.64830   1.000 31.13786  ? 3   C   B N3    1 
ATOM   56   C  C4    . C   A 1 3  ? 4.89037   -2.06696  -0.15105  1.000 29.89681  ? 3   C   B C4    1 
ATOM   57   N  N4    . C   A 1 3  ? 3.92047   -1.17615  0.04055   1.000 33.14618  ? 3   C   B N4    1 
ATOM   58   C  C5    . C   A 1 3  ? 4.77647   -3.02991  -1.19584  1.000 34.54693  ? 3   C   B C5    1 
ATOM   59   C  C6    . C   A 1 3  ? 5.75037   -3.92485  -1.36418  1.000 32.25835  ? 3   C   B C6    1 
ATOM   60   P  P     . G   A 1 4  ? 6.23435   -8.97802  0.95757   1.000 45.84718  ? 4   G   B P     1 
ATOM   61   O  OP1   . G   A 1 4  ? 6.81263   -10.32310 1.20803   1.000 46.11594  ? 4   G   B OP1   1 
ATOM   62   O  OP2   . G   A 1 4  ? 4.82834   -8.86404  0.47212   1.000 36.24882  ? 4   G   B OP2   1 
ATOM   63   O  "O5'" . G   A 1 4  ? 6.41621   -8.12125  2.27952   1.000 33.23982  ? 4   G   B "O5'" 1 
ATOM   64   C  "C5'" . G   A 1 4  ? 7.62661   -8.20340  3.00074   1.000 30.17602  ? 4   G   B "C5'" 1 
ATOM   65   C  "C4'" . G   A 1 4  ? 7.66766   -7.21820  4.12638   1.000 25.95627  ? 4   G   B "C4'" 1 
ATOM   66   O  "O4'" . G   A 1 4  ? 7.57492   -5.87095  3.61335   1.000 29.85593  ? 4   G   B "O4'" 1 
ATOM   67   C  "C3'" . G   A 1 4  ? 6.52518   -7.29194  5.10991   1.000 30.12839  ? 4   G   B "C3'" 1 
ATOM   68   O  "O3'" . G   A 1 4  ? 6.64342   -8.35865  6.02139   1.000 37.37014  ? 4   G   B "O3'" 1 
ATOM   69   C  "C2'" . G   A 1 4  ? 6.58773   -5.92859  5.76213   1.000 31.92222  ? 4   G   B "C2'" 1 
ATOM   70   O  "O2'" . G   A 1 4  ? 7.64808   -5.87352  6.69312   1.000 25.81793  ? 4   G   B "O2'" 1 
ATOM   71   C  "C1'" . G   A 1 4  ? 6.93797   -5.04837  4.57142   1.000 36.26340  ? 4   G   B "C1'" 1 
ATOM   72   N  N9    . G   A 1 4  ? 5.71736   -4.44638  3.99604   1.000 32.76648  ? 4   G   B N9    1 
ATOM   73   C  C8    . G   A 1 4  ? 5.06586   -4.81021  2.85453   1.000 30.82889  ? 4   G   B C8    1 
ATOM   74   N  N7    . G   A 1 4  ? 4.01137   -4.07770  2.62807   1.000 34.07343  ? 4   G   B N7    1 
ATOM   75   C  C5    . G   A 1 4  ? 3.94861   -3.20145  3.70019   1.000 32.60512  ? 4   G   B C5    1 
ATOM   76   C  C6    . G   A 1 4  ? 3.01838   -2.16683  3.98755   1.000 34.59104  ? 4   G   B C6    1 
ATOM   77   O  O6    . G   A 1 4  ? 2.02307   -1.80937  3.34684   1.000 38.62463  ? 4   G   B O6    1 
ATOM   78   N  N1    . G   A 1 4  ? 3.32360   -1.49764  5.16120   1.000 33.14118  ? 4   G   B N1    1 
ATOM   79   C  C2    . G   A 1 4  ? 4.39850   -1.79416  5.94540   1.000 33.83294  ? 4   G   B C2    1 
ATOM   80   N  N2    . G   A 1 4  ? 4.50111   -1.01875  7.02964   1.000 35.15298  ? 4   G   B N2    1 
ATOM   81   N  N3    . G   A 1 4  ? 5.28269   -2.75297  5.69026   1.000 30.01768  ? 4   G   B N3    1 
ATOM   82   C  C4    . G   A 1 4  ? 4.99502   -3.41610  4.55585   1.000 29.11590  ? 4   G   B C4    1 
ATOM   83   P  P     . A   A 1 5  ? 5.34276   -8.97694  6.73495   1.000 47.03786  ? 5   A   B P     1 
ATOM   84   O  OP1   . A   A 1 5  ? 5.83219   -10.11695 7.56572   1.000 46.27016  ? 5   A   B OP1   1 
ATOM   85   O  OP2   . A   A 1 5  ? 4.25218   -9.20812  5.73832   1.000 40.06641  ? 5   A   B OP2   1 
ATOM   86   O  "O5'" . A   A 1 5  ? 4.85170   -7.81794  7.70372   1.000 31.61332  ? 5   A   B "O5'" 1 
ATOM   87   C  "C5'" . A   A 1 5  ? 5.74584   -7.20977  8.60768   1.000 34.49703  ? 5   A   B "C5'" 1 
ATOM   88   C  "C4'" . A   A 1 5  ? 5.03147   -6.14523  9.36914   1.000 39.75334  ? 5   A   B "C4'" 1 
ATOM   89   O  "O4'" . A   A 1 5  ? 4.74103   -5.02307  8.50773   1.000 42.23401  ? 5   A   B "O4'" 1 
ATOM   90   C  "C3'" . A   A 1 5  ? 3.68731   -6.59477  9.88560   1.000 42.65500  ? 5   A   B "C3'" 1 
ATOM   91   O  "O3'" . A   A 1 5  ? 3.85779   -7.26897  11.11697  1.000 49.11084  ? 5   A   B "O3'" 1 
ATOM   92   C  "C2'" . A   A 1 5  ? 2.87856   -5.29992  9.97378   1.000 44.08795  ? 5   A   B "C2'" 1 
ATOM   93   O  "O2'" . A   A 1 5  ? 3.06306   -4.65888  11.22959  1.000 48.67343  ? 5   A   B "O2'" 1 
ATOM   94   C  "C1'" . A   A 1 5  ? 3.51150   -4.44359  8.86748   1.000 39.83918  ? 5   A   B "C1'" 1 
ATOM   95   N  N9    . A   A 1 5  ? 2.69206   -4.36792  7.65720   1.000 39.04667  ? 5   A   B N9    1 
ATOM   96   C  C8    . A   A 1 5  ? 2.76242   -5.19435  6.55943   1.000 37.27323  ? 5   A   B C8    1 
ATOM   97   N  N7    . A   A 1 5  ? 1.91565   -4.85162  5.62170   1.000 37.59901  ? 5   A   B N7    1 
ATOM   98   C  C5    . A   A 1 5  ? 1.25682   -3.73968  6.15050   1.000 38.05615  ? 5   A   B C5    1 
ATOM   99   C  C6    . A   A 1 5  ? 0.24828   -2.91017  5.63609   1.000 37.62130  ? 5   A   B C6    1 
ATOM   100  N  N6    . A   A 1 5  ? -0.29504  -3.11486  4.42747   1.000 36.76862  ? 5   A   B N6    1 
ATOM   101  N  N1    . A   A 1 5  ? -0.17160  -1.87443  6.40642   1.000 35.28487  ? 5   A   B N1    1 
ATOM   102  C  C2    . A   A 1 5  ? 0.39436   -1.70106  7.60924   1.000 36.93405  ? 5   A   B C2    1 
ATOM   103  N  N3    . A   A 1 5  ? 1.35835   -2.40562  8.19914   1.000 33.30139  ? 5   A   B N3    1 
ATOM   104  C  C4    . A   A 1 5  ? 1.73844   -3.41945  7.40373   1.000 36.61112  ? 5   A   B C4    1 
ATOM   105  P  P     . G   A 1 6  ? 2.73068   -8.25485  11.68427  1.000 51.71880  ? 6   G   B P     1 
ATOM   106  O  OP1   . G   A 1 6  ? 3.32721   -9.07651  12.78212  1.000 49.30522  ? 6   G   B OP1   1 
ATOM   107  O  OP2   . G   A 1 6  ? 2.00223   -8.93365  10.57376  1.000 39.78856  ? 6   G   B OP2   1 
ATOM   108  O  "O5'" . G   A 1 6  ? 1.74969   -7.22124  12.34878  1.000 37.09518  ? 6   G   B "O5'" 1 
ATOM   109  C  "C5'" . G   A 1 6  ? 0.41674   -7.58629  12.52707  1.000 44.32791  ? 6   G   B "C5'" 1 
ATOM   110  C  "C4'" . G   A 1 6  ? -0.42150  -6.37453  12.69683  1.000 48.47529  ? 6   G   B "C4'" 1 
ATOM   111  O  "O4'" . G   A 1 6  ? -0.33580  -5.55280  11.49535  1.000 53.44139  ? 6   G   B "O4'" 1 
ATOM   112  C  "C3'" . G   A 1 6  ? -1.88495  -6.71749  12.88536  1.000 45.32890  ? 6   G   B "C3'" 1 
ATOM   113  O  "O3'" . G   A 1 6  ? -2.44807  -5.83389  13.83551  1.000 45.15142  ? 6   G   B "O3'" 1 
ATOM   114  C  "C2'" . G   A 1 6  ? -2.46675  -6.49967  11.50391  1.000 47.50393  ? 6   G   B "C2'" 1 
ATOM   115  O  "O2'" . G   A 1 6  ? -3.85946  -6.25618  11.47356  1.000 50.08281  ? 6   G   B "O2'" 1 
ATOM   116  C  "C1'" . G   A 1 6  ? -1.63515  -5.31672  11.00645  1.000 45.42635  ? 6   G   B "C1'" 1 
ATOM   117  N  N9    . G   A 1 6  ? -1.64670  -5.23916  9.55075   1.000 39.93443  ? 6   G   B N9    1 
ATOM   118  C  C8    . G   A 1 6  ? -1.20109  -6.18119  8.65332   1.000 46.14526  ? 6   G   B C8    1 
ATOM   119  N  N7    . G   A 1 6  ? -1.44718  -5.86869  7.40434   1.000 43.97070  ? 6   G   B N7    1 
ATOM   120  C  C5    . G   A 1 6  ? -2.13100  -4.66500  7.49718   1.000 38.85080  ? 6   G   B C5    1 
ATOM   121  C  C6    . G   A 1 6  ? -2.66463  -3.85536  6.47895   1.000 34.47860  ? 6   G   B C6    1 
ATOM   122  O  O6    . G   A 1 6  ? -2.63186  -4.03460  5.25806   1.000 35.36090  ? 6   G   B O6    1 
ATOM   123  N  N1    . G   A 1 6  ? -3.26142  -2.72467  7.00804   1.000 37.40602  ? 6   G   B N1    1 
ATOM   124  C  C2    . G   A 1 6  ? -3.34542  -2.41055  8.34147   1.000 39.43127  ? 6   G   B C2    1 
ATOM   125  N  N2    . G   A 1 6  ? -3.98537  -1.26348  8.63422   1.000 39.45929  ? 6   G   B N2    1 
ATOM   126  N  N3    . G   A 1 6  ? -2.85988  -3.17055  9.31391   1.000 40.21063  ? 6   G   B N3    1 
ATOM   127  C  C4    . G   A 1 6  ? -2.27319  -4.27213  8.81316   1.000 39.68882  ? 6   G   B C4    1 
ATOM   128  P  P     . G   A 1 7  ? -2.84853  -6.47884  15.23902  1.000 49.82616  ? 7   G   B P     1 
ATOM   129  O  OP1   . G   A 1 7  ? -1.62088  -6.76492  16.03456  1.000 55.61266  ? 7   G   B OP1   1 
ATOM   130  O  OP2   . G   A 1 7  ? -3.69936  -7.62133  14.81044  1.000 51.17578  ? 7   G   B OP2   1 
ATOM   131  O  "O5'" . G   A 1 7  ? -3.69492  -5.35251  15.98521  1.000 46.52843  ? 7   G   B "O5'" 1 
ATOM   132  C  "C5'" . G   A 1 7  ? -3.16141  -4.65585  17.09746  1.000 45.02693  ? 7   G   B "C5'" 1 
ATOM   133  C  "C4'" . G   A 1 7  ? -3.66595  -3.24784  17.10234  1.000 45.04463  ? 7   G   B "C4'" 1 
ATOM   134  O  "O4'" . G   A 1 7  ? -3.40153  -2.69214  15.80024  1.000 48.97125  ? 7   G   B "O4'" 1 
ATOM   135  C  "C3'" . G   A 1 7  ? -5.16872  -3.09049  17.26557  1.000 51.09990  ? 7   G   B "C3'" 1 
ATOM   136  O  "O3'" . G   A 1 7  ? -5.59771  -3.11128  18.61084  1.000 55.93715  ? 7   G   B "O3'" 1 
ATOM   137  C  "C2'" . G   A 1 7  ? -5.46360  -1.77748  16.54900  1.000 51.19538  ? 7   G   B "C2'" 1 
ATOM   138  O  "O2'" . G   A 1 7  ? -5.18849  -0.65110  17.36873  1.000 53.50786  ? 7   G   B "O2'" 1 
ATOM   139  C  "C1'" . G   A 1 7  ? -4.43770  -1.81038  15.42578  1.000 47.09562  ? 7   G   B "C1'" 1 
ATOM   140  N  N9    . G   A 1 7  ? -5.00273  -2.25314  14.13891  1.000 44.95778  ? 7   G   B N9    1 
ATOM   141  C  C8    . G   A 1 7  ? -4.73084  -3.41550  13.45095  1.000 43.45812  ? 7   G   B C8    1 
ATOM   142  N  N7    . G   A 1 7  ? -5.36963  -3.48425  12.31229  1.000 41.57952  ? 7   G   B N7    1 
ATOM   143  C  C5    . G   A 1 7  ? -6.09466  -2.29261  12.25683  1.000 40.65186  ? 7   G   B C5    1 
ATOM   144  C  C6    . G   A 1 7  ? -6.97196  -1.79957  11.26814  1.000 37.87186  ? 7   G   B C6    1 
ATOM   145  O  O6    . G   A 1 7  ? -7.28719  -2.36130  10.21591  1.000 36.82085  ? 7   G   B O6    1 
ATOM   146  N  N1    . G   A 1 7  ? -7.49225  -0.55349  11.61377  1.000 40.60937  ? 7   G   B N1    1 
ATOM   147  C  C2    . G   A 1 7  ? -7.19959  0.13672   12.77104  1.000 39.82102  ? 7   G   B C2    1 
ATOM   148  N  N2    . G   A 1 7  ? -7.78376  1.33043   12.96573  1.000 37.84009  ? 7   G   B N2    1 
ATOM   149  N  N3    . G   A 1 7  ? -6.38474  -0.31965  13.69121  1.000 38.36061  ? 7   G   B N3    1 
ATOM   150  C  C4    . G   A 1 7  ? -5.87545  -1.52217  13.37030  1.000 39.92662  ? 7   G   B C4    1 
ATOM   151  P  P     . G   A 1 8  ? -6.94709  -3.89270  18.98014  1.000 62.04955  ? 8   G   B P     1 
ATOM   152  O  OP1   . G   A 1 8  ? -7.02649  -3.95243  20.46477  1.000 63.70049  ? 8   G   B OP1   1 
ATOM   153  O  OP2   . G   A 1 8  ? -6.94680  -5.15980  18.19089  1.000 47.82171  ? 8   G   B OP2   1 
ATOM   154  O  "O5'" . G   A 1 8  ? -8.10691  -2.89984  18.51138  1.000 52.63317  ? 8   G   B "O5'" 1 
ATOM   155  C  "C5'" . G   A 1 8  ? -8.33304  -1.70243  19.23883  1.000 55.90141  ? 8   G   B "C5'" 1 
ATOM   156  C  "C4'" . G   A 1 8  ? -9.37135  -0.79846  18.61134  1.000 61.40022  ? 8   G   B "C4'" 1 
ATOM   157  O  "O4'" . G   A 1 8  ? -8.86732  -0.19192  17.38513  1.000 58.11915  ? 8   G   B "O4'" 1 
ATOM   158  C  "C3'" . G   A 1 8  ? -10.68228 -1.43224  18.17641  1.000 59.89475  ? 8   G   B "C3'" 1 
ATOM   159  O  "O3'" . G   A 1 8  ? -11.55563 -1.78229  19.23632  1.000 62.27538  ? 8   G   B "O3'" 1 
ATOM   160  C  "C2'" . G   A 1 8  ? -11.23171 -0.37951  17.22668  1.000 58.95239  ? 8   G   B "C2'" 1 
ATOM   161  O  "O2'" . G   A 1 8  ? -11.73933 0.73796   17.94329  1.000 60.36117  ? 8   G   B "O2'" 1 
ATOM   162  C  "C1'" . G   A 1 8  ? -9.94692  0.03376   16.49396  1.000 58.15907  ? 8   G   B "C1'" 1 
ATOM   163  N  N9    . G   A 1 8  ? -9.78007  -0.79847  15.28305  1.000 48.20547  ? 8   G   B N9    1 
ATOM   164  C  C8    . G   A 1 8  ? -9.13136  -2.00634  15.11935  1.000 46.23203  ? 8   G   B C8    1 
ATOM   165  N  N7    . G   A 1 8  ? -9.24322  -2.50284  13.91165  1.000 40.06480  ? 8   G   B N7    1 
ATOM   166  C  C5    . G   A 1 8  ? -10.04146 -1.57385  13.25518  1.000 43.85357  ? 8   G   B C5    1 
ATOM   167  C  C6    . G   A 1 8  ? -10.51234 -1.54802  11.91788  1.000 41.81894  ? 8   G   B C6    1 
ATOM   168  O  O6    . G   A 1 8  ? -10.31599 -2.36778  11.01524  1.000 41.52663  ? 8   G   B O6    1 
ATOM   169  N  N1    . G   A 1 8  ? -11.28826 -0.41973  11.67738  1.000 41.91999  ? 8   G   B N1    1 
ATOM   170  C  C2    . G   A 1 8  ? -11.57185 0.55877   12.59719  1.000 43.57221  ? 8   G   B C2    1 
ATOM   171  N  N2    . G   A 1 8  ? -12.33487 1.56894   12.15579  1.000 45.88252  ? 8   G   B N2    1 
ATOM   172  N  N3    . G   A 1 8  ? -11.13836 0.55680   13.84296  1.000 41.14036  ? 8   G   B N3    1 
ATOM   173  C  C4    . G   A 1 8  ? -10.38594 -0.52890  14.09043  1.000 43.79435  ? 8   G   B C4    1 
ATOM   174  P  P     . A   A 1 9  ? -12.04047 -3.31190  19.36800  1.000 70.35695  ? 9   A   B P     1 
ATOM   175  O  OP1   . A   A 1 9  ? -11.93170 -3.71941  20.78682  1.000 74.88235  ? 9   A   B OP1   1 
ATOM   176  O  OP2   . A   A 1 9  ? -11.29303 -4.12169  18.36486  1.000 67.25575  ? 9   A   B OP2   1 
ATOM   177  O  "O5'" . A   A 1 9  ? -13.57648 -3.26312  18.95055  1.000 67.90402  ? 9   A   B "O5'" 1 
ATOM   178  C  "C5'" . A   A 1 9  ? -14.45135 -2.32939  19.56743  1.000 73.86845  ? 9   A   B "C5'" 1 
ATOM   179  C  "C4'" . A   A 1 9  ? -15.89413 -2.57623  19.20838  1.000 76.26684  ? 9   A   B "C4'" 1 
ATOM   180  O  "O4'" . A   A 1 9  ? -16.06745 -3.95046  18.74593  1.000 74.83981  ? 9   A   B "O4'" 1 
ATOM   181  C  "C3'" . A   A 1 9  ? -16.87229 -2.40038  20.37305  1.000 76.04304  ? 9   A   B "C3'" 1 
ATOM   182  O  "O3'" . A   A 1 9  ? -18.11477 -1.91179  19.86875  1.000 71.35304  ? 9   A   B "O3'" 1 
ATOM   183  C  "C2'" . A   A 1 9  ? -17.05652 -3.83377  20.84787  1.000 80.13923  ? 9   A   B "C2'" 1 
ATOM   184  O  "O2'" . A   A 1 9  ? -18.21486 -4.07058  21.61921  1.000 89.33949  ? 9   A   B "O2'" 1 
ATOM   185  C  "C1'" . A   A 1 9  ? -17.09293 -4.55397  19.50998  1.000 78.44708  ? 9   A   B "C1'" 1 
ATOM   186  N  N9    . A   A 1 9  ? -16.91728 -6.00524  19.57021  1.000 74.20262  ? 9   A   B N9    1 
ATOM   187  C  C8    . A   A 1 9  ? -17.94889 -6.91489  19.55198  1.000 73.91220  ? 9   A   B C8    1 
ATOM   188  N  N7    . A   A 1 9  ? -17.56231 -8.15834  19.63152  1.000 75.27034  ? 9   A   B N7    1 
ATOM   189  C  C5    . A   A 1 9  ? -16.17854 -8.06245  19.71477  1.000 77.42665  ? 9   A   B C5    1 
ATOM   190  C  C6    . A   A 1 9  ? -15.17986 -9.04922  19.82264  1.000 75.73630  ? 9   A   B C6    1 
ATOM   191  N  N6    . A   A 1 9  ? -15.44528 -10.36303 19.85459  1.000 69.57897  ? 9   A   B N6    1 
ATOM   192  N  N1    . A   A 1 9  ? -13.89344 -8.62279  19.89073  1.000 74.15191  ? 9   A   B N1    1 
ATOM   193  C  C2    . A   A 1 9  ? -13.64423 -7.30099  19.84901  1.000 76.96369  ? 9   A   B C2    1 
ATOM   194  N  N3    . A   A 1 9  ? -14.49799 -6.27744  19.74769  1.000 76.70515  ? 9   A   B N3    1 
ATOM   195  C  C4    . A   A 1 9  ? -15.76329 -6.73557  19.68555  1.000 76.19626  ? 9   A   B C4    1 
ATOM   196  P  P     . G   A 1 10 ? -18.28503 -0.34386  19.55417  1.000 94.04653  ? 10  G   B P     1 
ATOM   197  O  OP1   . G   A 1 10 ? -17.32695 0.40030   20.41934  1.000 82.57949  ? 10  G   B OP1   1 
ATOM   198  O  OP2   . G   A 1 10 ? -19.73202 0.00020   19.62014  1.000 85.28548  ? 10  G   B OP2   1 
ATOM   199  O  "O5'" . G   A 1 10 ? -17.79799 -0.20821  18.03846  1.000 81.65161  ? 10  G   B "O5'" 1 
ATOM   200  C  "C5'" . G   A 1 10 ? -17.52195 1.06629   17.45734  1.000 72.76949  ? 10  G   B "C5'" 1 
ATOM   201  C  "C4'" . G   A 1 10 ? -16.03809 1.34060   17.42184  1.000 68.40404  ? 10  G   B "C4'" 1 
ATOM   202  O  "O4'" . G   A 1 10 ? -15.36805 0.32588   16.62641  1.000 61.41439  ? 10  G   B "O4'" 1 
ATOM   203  C  "C3'" . G   A 1 10 ? -15.61148 2.69291   16.85171  1.000 68.43628  ? 10  G   B "C3'" 1 
ATOM   204  O  "O3'" . G   A 1 10 ? -14.50642 3.17517   17.60087  1.000 80.77761  ? 10  G   B "O3'" 1 
ATOM   205  C  "C2'" . G   A 1 10 ? -15.11861 2.34802   15.45296  1.000 64.60704  ? 10  G   B "C2'" 1 
ATOM   206  O  "O2'" . G   A 1 10 ? -14.12650 3.22979   14.96710  1.000 62.11999  ? 10  G   B "O2'" 1 
ATOM   207  C  "C1'" . G   A 1 10 ? -14.55362 0.94303   15.64999  1.000 58.58399  ? 10  G   B "C1'" 1 
ATOM   208  N  N9    . G   A 1 10 ? -14.61134 0.12833   14.43596  1.000 53.64610  ? 10  G   B N9    1 
ATOM   209  C  C8    . G   A 1 10 ? -15.28383 0.45179   13.28167  1.000 47.06223  ? 10  G   B C8    1 
ATOM   210  N  N7    . G   A 1 10 ? -15.16300 -0.46472  12.36474  1.000 49.30115  ? 10  G   B N7    1 
ATOM   211  C  C5    . G   A 1 10 ? -14.36718 -1.44378  12.95063  1.000 47.31454  ? 10  G   B C5    1 
ATOM   212  C  C6    . G   A 1 10 ? -13.89485 -2.67481  12.44315  1.000 45.97901  ? 10  G   B C6    1 
ATOM   213  O  O6    . G   A 1 10 ? -14.08335 -3.17511  11.33681  1.000 48.53387  ? 10  G   B O6    1 
ATOM   214  N  N1    . G   A 1 10 ? -13.12843 -3.35827  13.36597  1.000 46.13847  ? 10  G   B N1    1 
ATOM   215  C  C2    . G   A 1 10 ? -12.84285 -2.91083  14.62178  1.000 46.36551  ? 10  G   B C2    1 
ATOM   216  N  N2    . G   A 1 10 ? -12.07971 -3.71588  15.36826  1.000 48.83672  ? 10  G   B N2    1 
ATOM   217  N  N3    . G   A 1 10 ? -13.26769 -1.76845  15.10960  1.000 48.19329  ? 10  G   B N3    1 
ATOM   218  C  C4    . G   A 1 10 ? -14.01974 -1.09261  14.22808  1.000 48.96422  ? 10  G   B C4    1 
ATOM   219  P  P     . U   A 1 11 ? -14.73940 3.79359   19.05840  1.000 82.99701  ? 11  U   B P     1 
ATOM   220  O  OP1   . U   A 1 11 ? -14.40906 2.72968   20.04781  1.000 67.11259  ? 11  U   B OP1   1 
ATOM   221  O  OP2   . U   A 1 11 ? -16.10427 4.40293   19.07285  1.000 73.27933  ? 11  U   B OP2   1 
ATOM   222  O  "O5'" . U   A 1 11 ? -13.63004 4.93452   19.13318  1.000 69.52130  ? 11  U   B "O5'" 1 
ATOM   223  C  "C5'" . U   A 1 11 ? -12.78872 5.18428   18.02088  1.000 72.20299  ? 11  U   B "C5'" 1 
ATOM   224  C  "C4'" . U   A 1 11 ? -11.68844 6.13192   18.38778  1.000 75.56502  ? 11  U   B "C4'" 1 
ATOM   225  O  "O4'" . U   A 1 11 ? -10.92860 5.60001   19.50816  1.000 87.02993  ? 11  U   B "O4'" 1 
ATOM   226  C  "C3'" . U   A 1 11 ? -10.60801 6.32751   17.35923  1.000 83.97031  ? 11  U   B "C3'" 1 
ATOM   227  O  "O3'" . U   A 1 11 ? -10.94121 7.01880   16.19308  1.000 84.72848  ? 11  U   B "O3'" 1 
ATOM   228  C  "C2'" . U   A 1 11 ? -9.51271  6.95075   18.18664  1.000 90.42862  ? 11  U   B "C2'" 1 
ATOM   229  O  "O2'" . U   A 1 11 ? -9.89742  8.25633   18.60435  1.000 86.77592  ? 11  U   B "O2'" 1 
ATOM   230  C  "C1'" . U   A 1 11 ? -9.57166  6.02313   19.39054  1.000 91.61160  ? 11  U   B "C1'" 1 
ATOM   231  N  N1    . U   A 1 11 ? -8.67210  4.85313   19.18151  1.000 90.22860  ? 11  U   B N1    1 
ATOM   232  C  C2    . U   A 1 11 ? -7.31357  5.04955   19.44164  1.000 90.67714  ? 11  U   B C2    1 
ATOM   233  O  O2    . U   A 1 11 ? -6.84705  6.09870   19.85162  1.000 93.98740  ? 11  U   B O2    1 
ATOM   234  N  N3    . U   A 1 11 ? -6.48773  3.97219   19.23608  1.000 94.27433  ? 11  U   B N3    1 
ATOM   235  C  C4    . U   A 1 11 ? -6.85917  2.72649   18.78184  1.000 96.56116  ? 11  U   B C4    1 
ATOM   236  O  O4    . U   A 1 11 ? -5.99008  1.85739   18.64218  1.000 94.03061  ? 11  U   B O4    1 
ATOM   237  C  C5    . U   A 1 11 ? -8.26875  2.59717   18.51423  1.000 89.68809  ? 11  U   B C5    1 
ATOM   238  C  C6    . U   A 1 11 ? -9.10596  3.62881   18.71388  1.000 85.70934  ? 11  U   B C6    1 
ATOM   239  P  P     . G   A 1 12 ? -10.29436 6.41385   14.85710  1.000 86.60537  ? 12  G   B P     1 
ATOM   240  O  OP1   . G   A 1 12 ? -9.64940  5.10993   15.20909  1.000 71.55054  ? 12  G   B OP1   1 
ATOM   241  O  OP2   . G   A 1 12 ? -9.45166  7.45022   14.19274  1.000 69.56620  ? 12  G   B OP2   1 
ATOM   242  O  "O5'" . G   A 1 12 ? -11.58121 6.09939   13.99353  1.000 66.78510  ? 12  G   B "O5'" 1 
ATOM   243  C  "C5'" . G   A 1 12 ? -12.40566 7.17036   13.60331  1.000 60.25277  ? 12  G   B "C5'" 1 
ATOM   244  C  "C4'" . G   A 1 12 ? -12.36406 7.31322   12.11914  1.000 47.65368  ? 12  G   B "C4'" 1 
ATOM   245  O  "O4'" . G   A 1 12 ? -11.05352 6.94482   11.61903  1.000 37.98817  ? 12  G   B "O4'" 1 
ATOM   246  C  "C3'" . G   A 1 12 ? -13.29286 6.37668   11.40617  1.000 43.22717  ? 12  G   B "C3'" 1 
ATOM   247  O  "O3'" . G   A 1 12 ? -14.62617 6.82059   11.46823  1.000 43.00068  ? 12  G   B "O3'" 1 
ATOM   248  C  "C2'" . G   A 1 12 ? -12.67056 6.29453   10.01813  1.000 46.31960  ? 12  G   B "C2'" 1 
ATOM   249  O  "O2'" . G   A 1 12 ? -12.91220 7.46974   9.26337   1.000 42.62650  ? 12  G   B "O2'" 1 
ATOM   250  C  "C1'" . G   A 1 12 ? -11.18991 6.28601   10.37857  1.000 44.89154  ? 12  G   B "C1'" 1 
ATOM   251  N  N9    . G   A 1 12 ? -10.63482 4.92092   10.49688  1.000 39.33343  ? 12  G   B N9    1 
ATOM   252  C  C8    . G   A 1 12 ? -10.08760 4.38917   11.61504  1.000 37.15705  ? 12  G   B C8    1 
ATOM   253  N  N7    . G   A 1 12 ? -9.65775  3.18301   11.43064  1.000 41.68260  ? 12  G   B N7    1 
ATOM   254  C  C5    . G   A 1 12 ? -9.92838  2.88903   10.10671  1.000 38.19466  ? 12  G   B C5    1 
ATOM   255  C  C6    . G   A 1 12 ? -9.66789  1.70597   9.34334   1.000 43.62308  ? 12  G   B C6    1 
ATOM   256  O  O6    . G   A 1 12 ? -9.12689  0.64082   9.71250   1.000 39.26126  ? 12  G   B O6    1 
ATOM   257  N  N1    . G   A 1 12 ? -10.12184 1.84528   8.02521   1.000 41.62220  ? 12  G   B N1    1 
ATOM   258  C  C2    . G   A 1 12 ? -10.72680 2.97426   7.53141   1.000 37.30810  ? 12  G   B C2    1 
ATOM   259  N  N2    . G   A 1 12 ? -11.09712 2.93105   6.25078   1.000 34.62301  ? 12  G   B N2    1 
ATOM   260  N  N3    . G   A 1 12 ? -10.96123 4.06697   8.23707   1.000 39.30514  ? 12  G   B N3    1 
ATOM   261  C  C4    . G   A 1 12 ? -10.53565 3.96068   9.51221   1.000 36.12467  ? 12  G   B C4    1 
ATOM   262  P  P     . G   A 1 13 ? -15.72927 5.87953   12.14784  1.000 53.06796  ? 13  G   B P     1 
ATOM   263  O  OP1   . G   A 1 13 ? -16.75881 6.74936   12.77158  1.000 51.77725  ? 13  G   B OP1   1 
ATOM   264  O  OP2   . G   A 1 13 ? -15.02518 4.87802   12.97829  1.000 50.64779  ? 13  G   B OP2   1 
ATOM   265  O  "O5'" . G   A 1 13 ? -16.37157 5.15175   10.88241  1.000 51.17613  ? 13  G   B "O5'" 1 
ATOM   266  C  "C5'" . G   A 1 13 ? -16.74335 5.93590   9.75896   1.000 43.76858  ? 13  G   B "C5'" 1 
ATOM   267  C  "C4'" . G   A 1 13 ? -16.72343 5.16038   8.46915   1.000 40.39747  ? 13  G   B "C4'" 1 
ATOM   268  O  "O4'" . G   A 1 13 ? -15.36643 4.86591   8.06979   1.000 42.34832  ? 13  G   B "O4'" 1 
ATOM   269  C  "C3'" . G   A 1 13 ? -17.39679 3.80316   8.46395   1.000 37.81852  ? 13  G   B "C3'" 1 
ATOM   270  O  "O3'" . G   A 1 13 ? -18.80591 3.88265   8.39865   1.000 41.81931  ? 13  G   B "O3'" 1 
ATOM   271  C  "C2'" . G   A 1 13 ? -16.79379 3.16639   7.22802   1.000 42.08380  ? 13  G   B "C2'" 1 
ATOM   272  O  "O2'" . G   A 1 13 ? -17.39750 3.70906   6.05362   1.000 40.62511  ? 13  G   B "O2'" 1 
ATOM   273  C  "C1'" . G   A 1 13 ? -15.35209 3.67047   7.31926   1.000 41.79126  ? 13  G   B "C1'" 1 
ATOM   274  N  N9    . G   A 1 13 ? -14.46237 2.70896   7.98563   1.000 37.47507  ? 13  G   B N9    1 
ATOM   275  C  C8    . G   A 1 13 ? -14.02275 2.72703   9.28497   1.000 43.72654  ? 13  G   B C8    1 
ATOM   276  N  N7    . G   A 1 13 ? -13.22130 1.73067   9.57064   1.000 41.18688  ? 13  G   B N7    1 
ATOM   277  C  C5    . G   A 1 13 ? -13.12784 1.02068   8.38702   1.000 37.66712  ? 13  G   B C5    1 
ATOM   278  C  C6    . G   A 1 13 ? -12.39373 -0.14483  8.07419   1.000 35.20548  ? 13  G   B C6    1 
ATOM   279  O  O6    . G   A 1 13 ? -11.66955 -0.81118  8.81227   1.000 34.69060  ? 13  G   B O6    1 
ATOM   280  N  N1    . G   A 1 13 ? -12.58626 -0.52355  6.75611   1.000 32.84218  ? 13  G   B N1    1 
ATOM   281  C  C2    . G   A 1 13 ? -13.37437 0.14755   5.85563   1.000 35.07883  ? 13  G   B C2    1 
ATOM   282  N  N2    . G   A 1 13 ? -13.43618 -0.35885  4.62121   1.000 34.81140  ? 13  G   B N2    1 
ATOM   283  N  N3    . G   A 1 13 ? -14.06131 1.24489   6.12943   1.000 38.90907  ? 13  G   B N3    1 
ATOM   284  C  C4    . G   A 1 13 ? -13.88917 1.61701   7.40671   1.000 38.13401  ? 13  G   B C4    1 
ATOM   285  P  P     . U   A 1 14 ? -19.69481 3.52602   9.68554   1.000 41.86716  ? 14  U   B P     1 
ATOM   286  O  OP1   . U   A 1 14 ? -20.69924 4.62482   9.81566   1.000 44.98214  ? 14  U   B OP1   1 
ATOM   287  O  OP2   . U   A 1 14 ? -18.78962 3.12011   10.80125  1.000 42.92092  ? 14  U   B OP2   1 
ATOM   288  O  "O5'" . U   A 1 14 ? -20.46480 2.21233   9.26542   1.000 35.23028  ? 14  U   B "O5'" 1 
ATOM   289  C  "C5'" . U   A 1 14 ? -20.18963 1.60945   8.02541   1.000 39.02989  ? 14  U   B "C5'" 1 
ATOM   290  C  "C4'" . U   A 1 14 ? -21.19361 0.54482   7.71217   1.000 45.60818  ? 14  U   B "C4'" 1 
ATOM   291  O  "O4'" . U   A 1 14 ? -21.53328 -0.17391  8.92425   1.000 47.65623  ? 14  U   B "O4'" 1 
ATOM   292  C  "C3'" . U   A 1 14 ? -22.50139 1.03581   7.11364   1.000 46.93640  ? 14  U   B "C3'" 1 
ATOM   293  O  "O3'" . U   A 1 14 ? -22.89663 0.09435   6.11651   1.000 46.96366  ? 14  U   B "O3'" 1 
ATOM   294  C  "C2'" . U   A 1 14 ? -23.46186 1.02538   8.31187   1.000 49.15052  ? 14  U   B "C2'" 1 
ATOM   295  O  "O2'" . U   A 1 14 ? -24.82412 0.85492   7.97839   1.000 48.27027  ? 14  U   B "O2'" 1 
ATOM   296  C  "C1'" . U   A 1 14 ? -22.93161 -0.14381  9.13923   1.000 50.25103  ? 14  U   B "C1'" 1 
ATOM   297  N  N1    . U   A 1 14 ? -23.11097 -0.01568  10.59593  1.000 58.15781  ? 14  U   B N1    1 
ATOM   298  C  C2    . U   A 1 14 ? -23.96886 -0.86551  11.28798  1.000 60.99600  ? 14  U   B C2    1 
ATOM   299  O  O2    . U   A 1 14 ? -24.66777 -1.71524  10.75648  1.000 61.29290  ? 14  U   B O2    1 
ATOM   300  N  N3    . U   A 1 14 ? -24.00359 -0.66342  12.64839  1.000 59.08024  ? 14  U   B N3    1 
ATOM   301  C  C4    . U   A 1 14 ? -23.27335 0.26255   13.37317  1.000 60.16545  ? 14  U   B C4    1 
ATOM   302  O  O4    . U   A 1 14 ? -23.41056 0.32779   14.59888  1.000 60.61888  ? 14  U   B O4    1 
ATOM   303  C  C5    . U   A 1 14 ? -22.40007 1.08195   12.59049  1.000 56.11967  ? 14  U   B C5    1 
ATOM   304  C  C6    . U   A 1 14 ? -22.34729 0.90916   11.27055  1.000 53.72002  ? 14  U   B C6    1 
ATOM   305  P  P     . G   A 1 15 ? -23.69681 0.57870   4.82014   1.000 55.79829  ? 15  G   B P     1 
ATOM   306  O  OP1   . G   A 1 15 ? -23.98945 2.04000   4.95368   1.000 48.98780  ? 15  G   B OP1   1 
ATOM   307  O  OP2   . G   A 1 15 ? -24.80127 -0.40589  4.67563   1.000 57.04936  ? 15  G   B OP2   1 
ATOM   308  O  "O5'" . G   A 1 15 ? -22.68221 0.44167   3.58449   1.000 57.15594  ? 15  G   B "O5'" 1 
ATOM   309  C  "C5'" . G   A 1 15 ? -21.40406 -0.18235  3.68830   1.000 48.94782  ? 15  G   B "C5'" 1 
ATOM   310  C  "C4'" . G   A 1 15 ? -20.36611 0.76317   4.24317   1.000 41.81491  ? 15  G   B "C4'" 1 
ATOM   311  O  "O4'" . G   A 1 15 ? -19.54270 0.02560   5.17082   1.000 36.68220  ? 15  G   B "O4'" 1 
ATOM   312  C  "C3'" . G   A 1 15 ? -19.40792 1.44834   3.25131   1.000 38.49289  ? 15  G   B "C3'" 1 
ATOM   313  O  "O3'" . G   A 1 15 ? -19.30910 2.85505   3.50994   1.000 38.82251  ? 15  G   B "O3'" 1 
ATOM   314  C  "C2'" . G   A 1 15 ? -18.05819 0.80624   3.55564   1.000 34.64941  ? 15  G   B "C2'" 1 
ATOM   315  O  "O2'" . G   A 1 15 ? -16.97037 1.68755   3.40379   1.000 37.15815  ? 15  G   B "O2'" 1 
ATOM   316  C  "C1'" . G   A 1 15 ? -18.21033 0.41112   5.01551   1.000 37.27407  ? 15  G   B "C1'" 1 
ATOM   317  N  N9    . G   A 1 15 ? -17.35182 -0.69613  5.43428   1.000 38.08469  ? 15  G   B N9    1 
ATOM   318  C  C8    . G   A 1 15 ? -16.89993 -1.75355  4.68761   1.000 34.30188  ? 15  G   B C8    1 
ATOM   319  N  N7    . G   A 1 15 ? -16.13017 -2.54394  5.36579   1.000 31.97666  ? 15  G   B N7    1 
ATOM   320  C  C5    . G   A 1 15 ? -16.05466 -1.97077  6.63489   1.000 35.37382  ? 15  G   B C5    1 
ATOM   321  C  C6    . G   A 1 15 ? -15.35272 -2.36732  7.81302   1.000 35.31213  ? 15  G   B C6    1 
ATOM   322  O  O6    . G   A 1 15 ? -14.62674 -3.36399  7.99338   1.000 32.41726  ? 15  G   B O6    1 
ATOM   323  N  N1    . G   A 1 15 ? -15.56926 -1.46963  8.85699   1.000 35.90081  ? 15  G   B N1    1 
ATOM   324  C  C2    . G   A 1 15 ? -16.35277 -0.34430  8.79290   1.000 38.52105  ? 15  G   B C2    1 
ATOM   325  N  N2    . G   A 1 15 ? -16.44569 0.39662   9.91198   1.000 40.47622  ? 15  G   B N2    1 
ATOM   326  N  N3    . G   A 1 15 ? -17.01024 0.02320   7.70905   1.000 35.70649  ? 15  G   B N3    1 
ATOM   327  C  C4    . G   A 1 15 ? -16.81151 -0.82738  6.68472   1.000 36.39340  ? 15  G   B C4    1 
ATOM   328  P  P     . A   A 1 16 ? -19.96484 3.92101   2.48216   1.000 44.44754  ? 16  A   B P     1 
ATOM   329  O  OP1   . A   A 1 16 ? -20.53890 5.04276   3.26832   1.000 42.17541  ? 16  A   B OP1   1 
ATOM   330  O  OP2   . A   A 1 16 ? -20.78498 3.15863   1.50306   1.000 44.69064  ? 16  A   B OP2   1 
ATOM   331  O  "O5'" . A   A 1 16 ? -18.74095 4.54067   1.66934   1.000 37.47237  ? 16  A   B "O5'" 1 
ATOM   332  C  "C5'" . A   A 1 16 ? -17.85614 3.71934   0.92225   1.000 28.21573  ? 16  A   B "C5'" 1 
ATOM   333  C  "C4'" . A   A 1 16 ? -16.69342 4.51045   0.38496   1.000 29.12301  ? 16  A   B "C4'" 1 
ATOM   334  O  "O4'" . A   A 1 16 ? -17.18165 5.52657   -0.53026  1.000 42.97127  ? 16  A   B "O4'" 1 
ATOM   335  C  "C3'" . A   A 1 16 ? -15.82863 5.24312   1.41071   1.000 32.16183  ? 16  A   B "C3'" 1 
ATOM   336  O  "O3'" . A   A 1 16 ? -14.47397 5.19588   0.96418   1.000 38.58580  ? 16  A   B "O3'" 1 
ATOM   337  C  "C2'" . A   A 1 16 ? -16.33151 6.68748   1.31759   1.000 32.37588  ? 16  A   B "C2'" 1 
ATOM   338  O  "O2'" . A   A 1 16 ? -15.38183 7.66449   1.66846   1.000 27.98594  ? 16  A   B "O2'" 1 
ATOM   339  C  "C1'" . A   A 1 16 ? -16.65925 6.79198   -0.16082  1.000 41.20674  ? 16  A   B "C1'" 1 
ATOM   340  N  N9    . A   A 1 16 ? -17.63214 7.83262   -0.52387  1.000 40.14126  ? 16  A   B N9    1 
ATOM   341  C  C8    . A   A 1 16 ? -18.86821 8.08213   0.01193   1.000 39.85552  ? 16  A   B C8    1 
ATOM   342  N  N7    . A   A 1 16 ? -19.50084 9.07170   -0.57388  1.000 40.92586  ? 16  A   B N7    1 
ATOM   343  C  C5    . A   A 1 16 ? -18.62838 9.49523   -1.56756  1.000 37.79199  ? 16  A   B C5    1 
ATOM   344  C  C6    . A   A 1 16 ? -18.69650 10.50264  -2.55428  1.000 40.05755  ? 16  A   B C6    1 
ATOM   345  N  N6    . A   A 1 16 ? -19.71825 11.34194  -2.73203  1.000 45.99469  ? 16  A   B N6    1 
ATOM   346  N  N1    . A   A 1 16 ? -17.65510 10.65661  -3.38632  1.000 41.80000  ? 16  A   B N1    1 
ATOM   347  C  C2    . A   A 1 16 ? -16.61157 9.84825   -3.23557  1.000 41.80477  ? 16  A   B C2    1 
ATOM   348  N  N3    . A   A 1 16 ? -16.43794 8.86569   -2.35786  1.000 39.25871  ? 16  A   B N3    1 
ATOM   349  C  C4    . A   A 1 16 ? -17.48549 8.73868   -1.54245  1.000 35.89548  ? 16  A   B C4    1 
ATOM   350  P  P     . G   A 1 17 ? -13.42423 4.16834   1.61418   1.000 25.64747  ? 17  G   B P     1 
ATOM   351  O  OP1   . G   A 1 17 ? -13.91949 3.81879   2.96693   1.000 32.27766  ? 17  G   B OP1   1 
ATOM   352  O  OP2   . G   A 1 17 ? -12.06432 4.75046   1.42733   1.000 30.01960  ? 17  G   B OP2   1 
ATOM   353  O  "O5'" . G   A 1 17 ? -13.51387 2.87948   0.69501   1.000 32.89361  ? 17  G   B "O5'" 1 
ATOM   354  C  "C5'" . G   A 1 17 ? -12.91284 2.87803   -0.58885  1.000 30.97613  ? 17  G   B "C5'" 1 
ATOM   355  C  "C4'" . G   A 1 17 ? -11.91948 1.74861   -0.73761  1.000 30.33307  ? 17  G   B "C4'" 1 
ATOM   356  O  "O4'" . G   A 1 17 ? -10.70690 2.02728   -0.00573  1.000 26.44711  ? 17  G   B "O4'" 1 
ATOM   357  C  "C3'" . G   A 1 17 ? -12.35659 0.39628   -0.22071  1.000 23.39464  ? 17  G   B "C3'" 1 
ATOM   358  O  "O3'" . G   A 1 17 ? -13.18376 -0.26487  -1.14577  1.000 32.51404  ? 17  G   B "O3'" 1 
ATOM   359  C  "C2'" . G   A 1 17 ? -11.03727 -0.31646  -0.01685  1.000 29.44751  ? 17  G   B "C2'" 1 
ATOM   360  O  "O2'" . G   A 1 17 ? -10.53242 -0.79826  -1.24967  1.000 28.21664  ? 17  G   B "O2'" 1 
ATOM   361  C  "C1'" . G   A 1 17 ? -10.14583 0.82426   0.46372   1.000 32.09062  ? 17  G   B "C1'" 1 
ATOM   362  N  N9    . G   A 1 17 ? -10.07103 0.88089   1.93784   1.000 36.51002  ? 17  G   B N9    1 
ATOM   363  C  C8    . G   A 1 17 ? -10.55885 1.89059   2.73758   1.000 30.72679  ? 17  G   B C8    1 
ATOM   364  N  N7    . G   A 1 17 ? -10.34148 1.66670   3.99915   1.000 30.86367  ? 17  G   B N7    1 
ATOM   365  C  C5    . G   A 1 17 ? -9.69264  0.44489   4.04238   1.000 31.43708  ? 17  G   B C5    1 
ATOM   366  C  C6    . G   A 1 17 ? -9.21814  -0.28412  5.15477   1.000 32.65887  ? 17  G   B C6    1 
ATOM   367  O  O6    . G   A 1 17 ? -9.29381  0.02073   6.35724   1.000 33.70497  ? 17  G   B O6    1 
ATOM   368  N  N1    . G   A 1 17 ? -8.61865  -1.47238  4.75138   1.000 32.64729  ? 17  G   B N1    1 
ATOM   369  C  C2    . G   A 1 17 ? -8.47772  -1.90051  3.45477   1.000 31.46353  ? 17  G   B C2    1 
ATOM   370  N  N2    . G   A 1 17 ? -7.85466  -3.08098  3.27560   1.000 25.88443  ? 17  G   B N2    1 
ATOM   371  N  N3    . G   A 1 17 ? -8.91484  -1.21020  2.41217   1.000 32.19049  ? 17  G   B N3    1 
ATOM   372  C  C4    . G   A 1 17 ? -9.50957  -0.05973  2.77783   1.000 32.01233  ? 17  G   B C4    1 
ATOM   373  P  P     . G   A 1 18 ? -14.43831 -1.11177  -0.64421  1.000 29.25237  ? 18  G   B P     1 
ATOM   374  O  OP1   . G   A 1 18 ? -15.34336 -1.29757  -1.80154  1.000 33.19961  ? 18  G   B OP1   1 
ATOM   375  O  OP2   . G   A 1 18 ? -14.91888 -0.43388  0.59789   1.000 35.82833  ? 18  G   B OP2   1 
ATOM   376  O  "O5'" . G   A 1 18 ? -13.81555 -2.53952  -0.35357  1.000 27.81255  ? 18  G   B "O5'" 1 
ATOM   377  C  "C5'" . G   A 1 18 ? -13.09488 -3.21348  -1.36665  1.000 26.81829  ? 18  G   B "C5'" 1 
ATOM   378  C  "C4'" . G   A 1 18 ? -12.39125 -4.42878  -0.82495  1.000 30.92183  ? 18  G   B "C4'" 1 
ATOM   379  O  "O4'" . G   A 1 18 ? -11.25061 -4.03112  -0.01807  1.000 29.58541  ? 18  G   B "O4'" 1 
ATOM   380  C  "C3'" . G   A 1 18 ? -13.20380 -5.29253  0.11352   1.000 32.11128  ? 18  G   B "C3'" 1 
ATOM   381  O  "O3'" . G   A 1 18 ? -14.15567 -6.10582  -0.53966  1.000 35.51458  ? 18  G   B "O3'" 1 
ATOM   382  C  "C2'" . G   A 1 18 ? -12.12559 -6.04688  0.87104   1.000 36.26038  ? 18  G   B "C2'" 1 
ATOM   383  O  "O2'" . G   A 1 18 ? -11.57642 -7.08874  0.08370   1.000 39.02310  ? 18  G   B "O2'" 1 
ATOM   384  C  "C1'" . G   A 1 18 ? -11.07213 -4.95292  1.03430   1.000 32.20079  ? 18  G   B "C1'" 1 
ATOM   385  N  N9    . G   A 1 18 ? -11.24996 -4.23548  2.30470   1.000 32.41566  ? 18  G   B N9    1 
ATOM   386  C  C8    . G   A 1 18 ? -11.89654 -3.04098  2.50928   1.000 31.53265  ? 18  G   B C8    1 
ATOM   387  N  N7    . G   A 1 18 ? -11.89335 -2.66856  3.76245   1.000 31.18433  ? 18  G   B N7    1 
ATOM   388  C  C5    . G   A 1 18 ? -11.22024 -3.68308  4.41963   1.000 31.45251  ? 18  G   B C5    1 
ATOM   389  C  C6    . G   A 1 18 ? -10.89737 -3.83400  5.78486   1.000 28.34665  ? 18  G   B C6    1 
ATOM   390  O  O6    . G   A 1 18 ? -11.16657 -3.08024  6.70766   1.000 28.57648  ? 18  G   B O6    1 
ATOM   391  N  N1    . G   A 1 18 ? -10.19595 -5.00418  6.02678   1.000 28.22605  ? 18  G   B N1    1 
ATOM   392  C  C2    . G   A 1 18 ? -9.85200  -5.91065  5.06149   1.000 30.51077  ? 18  G   B C2    1 
ATOM   393  N  N2    . G   A 1 18 ? -9.17851  -6.98803  5.47495   1.000 33.89634  ? 18  G   B N2    1 
ATOM   394  N  N3    . G   A 1 18 ? -10.15097 -5.79142  3.78014   1.000 30.35798  ? 18  G   B N3    1 
ATOM   395  C  C4    . G   A 1 18 ? -10.82776 -4.66152  3.53480   1.000 30.82468  ? 18  G   B C4    1 
ATOM   396  P  P     . A   A 1 19 ? -15.70468 -5.98823  -0.11057  1.000 42.76057  ? 19  A   B P     1 
ATOM   397  O  OP1   . A   A 1 19 ? -16.50284 -6.61919  -1.18274  1.000 47.10619  ? 19  A   B OP1   1 
ATOM   398  O  OP2   . A   A 1 19 ? -16.02822 -4.59851  0.28249   1.000 39.09335  ? 19  A   B OP2   1 
ATOM   399  O  "O5'" . A   A 1 19 ? -15.79247 -6.86704  1.21982   1.000 51.58306  ? 19  A   B "O5'" 1 
ATOM   400  C  "C5'" . A   A 1 19 ? -15.41818 -8.24636  1.22501   1.000 48.35880  ? 19  A   B "C5'" 1 
ATOM   401  C  "C4'" . A   A 1 19 ? -16.55430 -9.13230  1.68055   1.000 54.09929  ? 19  A   B "C4'" 1 
ATOM   402  O  "O4'" . A   A 1 19 ? -17.25230 -8.47025  2.76676   1.000 60.64857  ? 19  A   B "O4'" 1 
ATOM   403  C  "C3'" . A   A 1 19 ? -17.61267 -9.43184  0.62685   1.000 61.05221  ? 19  A   B "C3'" 1 
ATOM   404  O  "O3'" . A   A 1 19 ? -18.17488 -10.71938 0.88090   1.000 66.73436  ? 19  A   B "O3'" 1 
ATOM   405  C  "C2'" . A   A 1 19 ? -18.65420 -8.35076  0.88425   1.000 62.84841  ? 19  A   B "C2'" 1 
ATOM   406  O  "O2'" . A   A 1 19 ? -19.94667 -8.66764  0.42204   1.000 68.74624  ? 19  A   B "O2'" 1 
ATOM   407  C  "C1'" . A   A 1 19 ? -18.60264 -8.23483  2.40608   1.000 66.25418  ? 19  A   B "C1'" 1 
ATOM   408  N  N9    . A   A 1 19 ? -18.96792 -6.91313  2.93077   1.000 65.77947  ? 19  A   B N9    1 
ATOM   409  C  C8    . A   A 1 19 ? -18.62740 -5.67809  2.43217   1.000 63.92281  ? 19  A   B C8    1 
ATOM   410  N  N7    . A   A 1 19 ? -19.08504 -4.66513  3.13443   1.000 64.76611  ? 19  A   B N7    1 
ATOM   411  C  C5    . A   A 1 19 ? -19.76731 -5.27296  4.17779   1.000 69.87336  ? 19  A   B C5    1 
ATOM   412  C  C6    . A   A 1 19 ? -20.48455 -4.74582  5.26987   1.000 68.71188  ? 19  A   B C6    1 
ATOM   413  N  N6    . A   A 1 19 ? -20.63076 -3.43244  5.50164   1.000 57.61526  ? 19  A   B N6    1 
ATOM   414  N  N1    . A   A 1 19 ? -21.05022 -5.63666  6.12661   1.000 74.92363  ? 19  A   B N1    1 
ATOM   415  C  C2    . A   A 1 19 ? -20.90203 -6.95211  5.89854   1.000 71.38668  ? 19  A   B C2    1 
ATOM   416  N  N3    . A   A 1 19 ? -20.25497 -7.56710  4.90525   1.000 74.13757  ? 19  A   B N3    1 
ATOM   417  C  C4    . A   A 1 19 ? -19.70223 -6.65976  4.06899   1.000 73.46014  ? 19  A   B C4    1 
ATOM   418  P  P     . U   A 1 20 ? -17.71589 -11.97187 -0.01932  1.000 88.50806  ? 20  U   B P     1 
ATOM   419  O  OP1   . U   A 1 20 ? -16.22377 -11.96532 -0.10005  1.000 64.87820  ? 20  U   B OP1   1 
ATOM   420  O  OP2   . U   A 1 20 ? -18.56453 -11.96041 -1.24895  1.000 70.79723  ? 20  U   B OP2   1 
ATOM   421  O  "O5'" . U   A 1 20 ? -18.09555 -13.26023 0.83829   1.000 87.14760  ? 20  U   B "O5'" 1 
ATOM   422  C  "C5'" . U   A 1 20 ? -17.16859 -14.33245 0.97863   1.000 81.70969  ? 20  U   B "C5'" 1 
ATOM   423  C  "C4'" . U   A 1 20 ? -16.39326 -14.18940 2.25712   1.000 79.73097  ? 20  U   B "C4'" 1 
ATOM   424  O  "O4'" . U   A 1 20 ? -17.32615 -13.92417 3.34617   1.000 89.81068  ? 20  U   B "O4'" 1 
ATOM   425  C  "C3'" . U   A 1 20 ? -15.58556 -15.41205 2.69533   1.000 88.35944  ? 20  U   B "C3'" 1 
ATOM   426  O  "O3'" . U   A 1 20 ? -14.51819 -14.93622 3.52720   1.000 89.52226  ? 20  U   B "O3'" 1 
ATOM   427  C  "C2'" . U   A 1 20 ? -16.58696 -16.12496 3.60226   1.000 91.56977  ? 20  U   B "C2'" 1 
ATOM   428  O  "O2'" . U   A 1 20 ? -16.02060 -17.08876 4.46608   1.000 87.80789  ? 20  U   B "O2'" 1 
ATOM   429  C  "C1'" . U   A 1 20 ? -17.14990 -14.91584 4.34931   1.000 94.45464  ? 20  U   B "C1'" 1 
ATOM   430  N  N1    . U   A 1 20 ? -18.38346 -15.07629 5.16758   1.000 96.27837  ? 20  U   B N1    1 
ATOM   431  C  C2    . U   A 1 20 ? -19.67479 -14.90409 4.65285   1.000 96.92040  ? 20  U   B C2    1 
ATOM   432  O  O2    . U   A 1 20 ? -19.91998 -14.67777 3.46818   1.000 89.11085  ? 20  U   B O2    1 
ATOM   433  N  N3    . U   A 1 20 ? -20.69273 -15.04389 5.59431   1.000 98.25732  ? 20  U   B N3    1 
ATOM   434  C  C4    . U   A 1 20 ? -20.59062 -15.30029 6.95868   1.000 84.39079  ? 20  U   B C4    1 
ATOM   435  O  O4    . U   A 1 20 ? -21.60464 -15.38860 7.66380   1.000 73.33590  ? 20  U   B O4    1 
ATOM   436  C  C5    . U   A 1 20 ? -19.24171 -15.43495 7.41300   1.000 83.06865  ? 20  U   B C5    1 
ATOM   437  C  C6    . U   A 1 20 ? -18.23646 -15.31815 6.52933   1.000 88.16343  ? 20  U   B C6    1 
ATOM   438  P  P     . G   A 1 21 ? -12.98098 -14.91051 3.05252   1.000 89.56299  ? 21  G   B P     1 
ATOM   439  O  OP1   . G   A 1 21 ? -12.91112 -15.45971 1.66828   1.000 79.09868  ? 21  G   B OP1   1 
ATOM   440  O  OP2   . G   A 1 21 ? -12.19426 -15.49422 4.17566   1.000 71.81142  ? 21  G   B OP2   1 
ATOM   441  O  "O5'" . G   A 1 21 ? -12.59377 -13.35427 3.02487   1.000 79.97543  ? 21  G   B "O5'" 1 
ATOM   442  C  "C5'" . G   A 1 21 ? -13.43290 -12.40306 2.36971   1.000 64.32891  ? 21  G   B "C5'" 1 
ATOM   443  C  "C4'" . G   A 1 21 ? -12.75082 -11.08487 2.07370   1.000 50.95508  ? 21  G   B "C4'" 1 
ATOM   444  O  "O4'" . G   A 1 21 ? -13.05251 -10.10288 3.11163   1.000 49.19138  ? 21  G   B "O4'" 1 
ATOM   445  C  "C3'" . G   A 1 21 ? -11.22322 -11.09653 1.92269   1.000 46.58007  ? 21  G   B "C3'" 1 
ATOM   446  O  "O3'" . G   A 1 21 ? -10.84701 -10.27858 0.81037   1.000 45.23079  ? 21  G   B "O3'" 1 
ATOM   447  C  "C2'" . G   A 1 21 ? -10.75375 -10.39849 3.20235   1.000 42.62190  ? 21  G   B "C2'" 1 
ATOM   448  O  "O2'" . G   A 1 21 ? -9.50899  -9.74718  3.08977   1.000 46.48566  ? 21  G   B "O2'" 1 
ATOM   449  C  "C1'" . G   A 1 21 ? -11.87473 -9.39440  3.41187   1.000 40.63772  ? 21  G   B "C1'" 1 
ATOM   450  N  N9    . G   A 1 21 ? -11.95923 -8.80365  4.74652   1.000 36.31868  ? 21  G   B N9    1 
ATOM   451  C  C8    . G   A 1 21 ? -11.37534 -9.23809  5.90473   1.000 39.73756  ? 21  G   B C8    1 
ATOM   452  N  N7    . G   A 1 21 ? -11.62467 -8.46543  6.93033   1.000 37.45093  ? 21  G   B N7    1 
ATOM   453  C  C5    . G   A 1 21 ? -12.41803 -7.44679  6.43281   1.000 36.08796  ? 21  G   B C5    1 
ATOM   454  C  C6    . G   A 1 21 ? -13.00195 -6.31406  7.07402   1.000 34.06558  ? 21  G   B C6    1 
ATOM   455  O  O6    . G   A 1 21 ? -12.94603 -5.96259  8.25691   1.000 35.21982  ? 21  G   B O6    1 
ATOM   456  N  N1    . G   A 1 21 ? -13.73123 -5.54416  6.18302   1.000 31.64527  ? 21  G   B N1    1 
ATOM   457  C  C2    . G   A 1 21 ? -13.87060 -5.83367  4.85231   1.000 33.01147  ? 21  G   B C2    1 
ATOM   458  N  N2    . G   A 1 21 ? -14.60179 -4.98645  4.13012   1.000 35.97719  ? 21  G   B N2    1 
ATOM   459  N  N3    . G   A 1 21 ? -13.33778 -6.87670  4.24617   1.000 38.89717  ? 21  G   B N3    1 
ATOM   460  C  C4    . G   A 1 21 ? -12.62222 -7.64442  5.08349   1.000 38.78236  ? 21  G   B C4    1 
ATOM   461  P  P     . A   A 1 22 ? -11.53534 -10.45174 -0.63502  1.000 47.95811  ? 22  A   B P     1 
ATOM   462  O  OP1   . A   A 1 22 ? -12.62490 -9.45835  -0.76083  1.000 46.42551  ? 22  A   B OP1   1 
ATOM   463  O  OP2   . A   A 1 22 ? -11.80837 -11.88468 -0.91436  1.000 51.68041  ? 22  A   B OP2   1 
ATOM   464  O  "O5'" . A   A 1 22 ? -10.38051 -10.02923 -1.63472  1.000 42.35907  ? 22  A   B "O5'" 1 
ATOM   465  C  "C5'" . A   A 1 22 ? -9.19620  -10.80961 -1.72724  1.000 41.54750  ? 22  A   B "C5'" 1 
ATOM   466  C  "C4'" . A   A 1 22 ? -7.96039  -9.95382  -1.67385  1.000 42.33206  ? 22  A   B "C4'" 1 
ATOM   467  O  "O4'" . A   A 1 22 ? -8.03664  -8.91516  -2.68744  1.000 48.81241  ? 22  A   B "O4'" 1 
ATOM   468  C  "C3'" . A   A 1 22 ? -7.73976  -9.23755  -0.35354  1.000 46.67571  ? 22  A   B "C3'" 1 
ATOM   469  O  "O3'" . A   A 1 22 ? -6.34637  -9.06347  -0.16685  1.000 54.74588  ? 22  A   B "O3'" 1 
ATOM   470  C  "C2'" . A   A 1 22 ? -8.36570  -7.87461  -0.60436  1.000 44.72067  ? 22  A   B "C2'" 1 
ATOM   471  O  "O2'" . A   A 1 22 ? -7.87812  -6.84333  0.22478   1.000 39.53133  ? 22  A   B "O2'" 1 
ATOM   472  C  "C1'" . A   A 1 22 ? -8.01867  -7.63927  -2.07096  1.000 42.62244  ? 22  A   B "C1'" 1 
ATOM   473  N  N9    . A   A 1 22 ? -9.02124  -6.81623  -2.73858  1.000 36.46913  ? 22  A   B N9    1 
ATOM   474  C  C8    . A   A 1 22 ? -10.26631 -7.23228  -3.13346  1.000 35.53780  ? 22  A   B C8    1 
ATOM   475  N  N7    . A   A 1 22 ? -10.98310 -6.28571  -3.69451  1.000 37.46232  ? 22  A   B N7    1 
ATOM   476  C  C5    . A   A 1 22 ? -10.14654 -5.17830  -3.64471  1.000 32.36891  ? 22  A   B C5    1 
ATOM   477  C  C6    . A   A 1 22 ? -10.32058 -3.86251  -4.07610  1.000 27.79281  ? 22  A   B C6    1 
ATOM   478  N  N6    . A   A 1 22 ? -11.45036 -3.45361  -4.65315  1.000 25.25137  ? 22  A   B N6    1 
ATOM   479  N  N1    . A   A 1 22 ? -9.28837  -2.99116  -3.89451  1.000 29.20125  ? 22  A   B N1    1 
ATOM   480  C  C2    . A   A 1 22 ? -8.17170  -3.42569  -3.30193  1.000 28.79405  ? 22  A   B C2    1 
ATOM   481  N  N3    . A   A 1 22 ? -7.89294  -4.65573  -2.85809  1.000 31.02760  ? 22  A   B N3    1 
ATOM   482  C  C4    . A   A 1 22 ? -8.92940  -5.48830  -3.06309  1.000 34.40051  ? 22  A   B C4    1 
ATOM   483  P  P     . G   A 1 23 ? -5.43393  -10.29669 0.29991   1.000 60.94396  ? 23  G   B P     1 
ATOM   484  O  OP1   . G   A 1 23 ? -4.08392  -9.94341  -0.24613  1.000 46.84672  ? 23  G   B OP1   1 
ATOM   485  O  OP2   . G   A 1 23 ? -6.08962  -11.60393 0.01370   1.000 52.10740  ? 23  G   B OP2   1 
ATOM   486  O  "O5'" . G   A 1 23 ? -5.42812  -10.16727 1.88658   1.000 49.05469  ? 23  G   B "O5'" 1 
ATOM   487  C  "C5'" . G   A 1 23 ? -4.96692  -8.97184  2.47256   1.000 42.24574  ? 23  G   B "C5'" 1 
ATOM   488  C  "C4'" . G   A 1 23 ? -4.42531  -9.18291  3.85119   1.000 40.48155  ? 23  G   B "C4'" 1 
ATOM   489  O  "O4'" . G   A 1 23 ? -3.86848  -7.92027  4.27810   1.000 45.36055  ? 23  G   B "O4'" 1 
ATOM   490  C  "C3'" . G   A 1 23 ? -5.45785  -9.53770  4.91630   1.000 46.82806  ? 23  G   B "C3'" 1 
ATOM   491  O  "O3'" . G   A 1 23 ? -5.65039  -10.94217 5.03848   1.000 44.84592  ? 23  G   B "O3'" 1 
ATOM   492  C  "C2'" . G   A 1 23 ? -4.89430  -8.88448  6.17114   1.000 43.99096  ? 23  G   B "C2'" 1 
ATOM   493  O  "O2'" . G   A 1 23 ? -3.84821  -9.67759  6.70827   1.000 45.84008  ? 23  G   B "O2'" 1 
ATOM   494  C  "C1'" . G   A 1 23 ? -4.25153  -7.63387  5.59598   1.000 39.28878  ? 23  G   B "C1'" 1 
ATOM   495  N  N9    . G   A 1 23 ? -5.14394  -6.46378  5.55494   1.000 31.90871  ? 23  G   B N9    1 
ATOM   496  C  C8    . G   A 1 23 ? -5.77324  -5.93950  4.45482   1.000 30.46987  ? 23  G   B C8    1 
ATOM   497  N  N7    . G   A 1 23 ? -6.47248  -4.87284  4.72566   1.000 27.67130  ? 23  G   B N7    1 
ATOM   498  C  C5    . G   A 1 23 ? -6.26005  -4.66858  6.08203   1.000 32.21804  ? 23  G   B C5    1 
ATOM   499  C  C6    . G   A 1 23 ? -6.74613  -3.66654  6.95497   1.000 31.44597  ? 23  G   B C6    1 
ATOM   500  O  O6    . G   A 1 23 ? -7.48654  -2.72245  6.69283   1.000 30.37570  ? 23  G   B O6    1 
ATOM   501  N  N1    . G   A 1 23 ? -6.29049  -3.84214  8.25525   1.000 33.69980  ? 23  G   B N1    1 
ATOM   502  C  C2    . G   A 1 23 ? -5.46900  -4.85993  8.67383   1.000 35.54488  ? 23  G   B C2    1 
ATOM   503  N  N2    . G   A 1 23 ? -5.12936  -4.86664  9.96852   1.000 36.95221  ? 23  G   B N2    1 
ATOM   504  N  N3    . G   A 1 23 ? -5.00248  -5.79775  7.87754   1.000 37.28496  ? 23  G   B N3    1 
ATOM   505  C  C4    . G   A 1 23 ? -5.43263  -5.63677  6.60575   1.000 36.03876  ? 23  G   B C4    1 
ATOM   506  P  P     . G   A 1 24 ? -6.95426  -11.56596 5.76080   1.000 57.39760  ? 24  G   B P     1 
ATOM   507  O  OP1   . G   A 1 24 ? -6.74408  -13.03411 5.65629   1.000 57.79541  ? 24  G   B OP1   1 
ATOM   508  O  OP2   . G   A 1 24 ? -8.21750  -10.98567 5.22751   1.000 43.90014  ? 24  G   B OP2   1 
ATOM   509  O  "O5'" . G   A 1 24 ? -6.84462  -11.11770 7.29298   1.000 48.48770  ? 24  G   B "O5'" 1 
ATOM   510  C  "C5'" . G   A 1 24 ? -6.19329  -11.93565 8.25134   1.000 45.49860  ? 24  G   B "C5'" 1 
ATOM   511  C  "C4'" . G   A 1 24 ? -6.25427  -11.34315 9.63825   1.000 44.24200  ? 24  G   B "C4'" 1 
ATOM   512  O  "O4'" . G   A 1 24 ? -5.78566  -9.96748  9.62060   1.000 43.80106  ? 24  G   B "O4'" 1 
ATOM   513  C  "C3'" . G   A 1 24 ? -7.63061  -11.24586 10.26985  1.000 44.97234  ? 24  G   B "C3'" 1 
ATOM   514  O  "O3'" . G   A 1 24 ? -8.10125  -12.47629 10.77973  1.000 45.95386  ? 24  G   B "O3'" 1 
ATOM   515  C  "C2'" . G   A 1 24 ? -7.43003  -10.16383 11.32919  1.000 46.05977  ? 24  G   B "C2'" 1 
ATOM   516  O  "O2'" . G   A 1 24 ? -6.78046  -10.67484 12.48369  1.000 50.04727  ? 24  G   B "O2'" 1 
ATOM   517  C  "C1'" . G   A 1 24 ? -6.47423  -9.21241  10.60432  1.000 44.41639  ? 24  G   B "C1'" 1 
ATOM   518  N  N9    . G   A 1 24 ? -7.22489  -8.13456  9.93555   1.000 38.53521  ? 24  G   B N9    1 
ATOM   519  C  C8    . G   A 1 24 ? -7.58326  -8.09748  8.61765   1.000 35.77913  ? 24  G   B C8    1 
ATOM   520  N  N7    . G   A 1 24 ? -8.26879  -7.03581  8.31935   1.000 32.56354  ? 24  G   B N7    1 
ATOM   521  C  C5    . G   A 1 24 ? -8.37033  -6.33529  9.49909   1.000 34.69544  ? 24  G   B C5    1 
ATOM   522  C  C6    . G   A 1 24 ? -9.00675  -5.10553  9.77916   1.000 32.48513  ? 24  G   B C6    1 
ATOM   523  O  O6    . G   A 1 24 ? -9.61920  -4.37024  9.03011   1.000 30.70985  ? 24  G   B O6    1 
ATOM   524  N  N1    . G   A 1 24 ? -8.87845  -4.73566  11.09904  1.000 36.09333  ? 24  G   B N1    1 
ATOM   525  C  C2    . G   A 1 24 ? -8.22371  -5.47134  12.04635  1.000 37.82601  ? 24  G   B C2    1 
ATOM   526  N  N2    . G   A 1 24 ? -8.23226  -4.91877  13.27107  1.000 40.01686  ? 24  G   B N2    1 
ATOM   527  N  N3    . G   A 1 24 ? -7.62965  -6.63780  11.80703  1.000 35.33694  ? 24  G   B N3    1 
ATOM   528  C  C4    . G   A 1 24 ? -7.73812  -7.00407  10.51715  1.000 35.60288  ? 24  G   B C4    1 
ATOM   529  P  P     . C   A 1 25 ? -9.39851  -13.17236 10.13316  1.000 46.08268  ? 25  C   B P     1 
ATOM   530  O  OP1   . C   A 1 25 ? -8.97624  -14.46416 9.53991   1.000 42.97925  ? 25  C   B OP1   1 
ATOM   531  O  OP2   . C   A 1 25 ? -10.08351 -12.16538 9.28593   1.000 52.31421  ? 25  C   B OP2   1 
ATOM   532  O  "O5'" . C   A 1 25 ? -10.34748 -13.42932 11.38079  1.000 46.08391  ? 25  C   B "O5'" 1 
ATOM   533  C  "C5'" . C   A 1 25 ? -10.82208 -12.33310 12.15858  1.000 52.92719  ? 25  C   B "C5'" 1 
ATOM   534  C  "C4'" . C   A 1 25 ? -12.05575 -12.69050 12.95534  1.000 56.78178  ? 25  C   B "C4'" 1 
ATOM   535  O  "O4'" . C   A 1 25 ? -13.14488 -13.00708 12.05235  1.000 59.28335  ? 25  C   B "O4'" 1 
ATOM   536  C  "C3'" . C   A 1 25 ? -11.89746 -13.90220 13.85469  1.000 61.42120  ? 25  C   B "C3'" 1 
ATOM   537  O  "O3'" . C   A 1 25 ? -12.73641 -13.74628 14.99230  1.000 55.45709  ? 25  C   B "O3'" 1 
ATOM   538  C  "C2'" . C   A 1 25 ? -12.41136 -15.03618 12.98361  1.000 56.65026  ? 25  C   B "C2'" 1 
ATOM   539  O  "O2'" . C   A 1 25 ? -12.85509 -16.16344 13.70605  1.000 67.89363  ? 25  C   B "O2'" 1 
ATOM   540  C  "C1'" . C   A 1 25 ? -13.54768 -14.35246 12.23170  1.000 56.91686  ? 25  C   B "C1'" 1 
ATOM   541  N  N1    . C   A 1 25 ? -13.77326 -14.90775 10.89531  1.000 62.27366  ? 25  C   B N1    1 
ATOM   542  C  C2    . C   A 1 25 ? -15.07786 -15.01677 10.41053  1.000 66.45115  ? 25  C   B C2    1 
ATOM   543  O  O2    . C   A 1 25 ? -16.00859 -14.64374 11.13920  1.000 69.26158  ? 25  C   B O2    1 
ATOM   544  N  N3    . C   A 1 25 ? -15.28286 -15.51923 9.16669   1.000 69.45459  ? 25  C   B N3    1 
ATOM   545  C  C4    . C   A 1 25 ? -14.23415 -15.90230 8.42754   1.000 72.38272  ? 25  C   B C4    1 
ATOM   546  N  N4    . C   A 1 25 ? -14.45909 -16.39307 7.20421   1.000 78.81675  ? 25  C   B N4    1 
ATOM   547  C  C5    . C   A 1 25 ? -12.89453 -15.79987 8.90848   1.000 67.86149  ? 25  C   B C5    1 
ATOM   548  C  C6    . C   A 1 25 ? -12.70825 -15.30034 10.13609  1.000 62.10201  ? 25  C   B C6    1 
ATOM   549  P  P     . G   A 1 26 ? -12.08864 -13.88870 16.44683  1.000 62.53056  ? 26  G   B P     1 
ATOM   550  O  OP1   . G   A 1 26 ? -10.65306 -14.28346 16.28849  1.000 50.59796  ? 26  G   B OP1   1 
ATOM   551  O  OP2   . G   A 1 26 ? -12.99812 -14.77098 17.21952  1.000 82.05924  ? 26  G   B OP2   1 
ATOM   552  O  "O5'" . G   A 1 26 ? -12.20552 -12.42304 17.07283  1.000 58.96706  ? 26  G   B "O5'" 1 
ATOM   553  C  "C5'" . G   A 1 26 ? -12.02982 -11.26559 16.26541  1.000 63.04034  ? 26  G   B "C5'" 1 
ATOM   554  C  "C4'" . G   A 1 26 ? -10.58422 -11.08293 15.88163  1.000 62.18859  ? 26  G   B "C4'" 1 
ATOM   555  O  "O4'" . G   A 1 26 ? -10.48754 -10.34902 14.62681  1.000 56.41999  ? 26  G   B "O4'" 1 
ATOM   556  C  "C3'" . G   A 1 26 ? -9.75154  -10.32278 16.89866  1.000 67.52813  ? 26  G   B "C3'" 1 
ATOM   557  O  "O3'" . G   A 1 26 ? -8.46210  -10.91534 16.96823  1.000 71.83239  ? 26  G   B "O3'" 1 
ATOM   558  C  "C2'" . G   A 1 26 ? -9.67489  -8.91368  16.30741  1.000 62.90384  ? 26  G   B "C2'" 1 
ATOM   559  O  "O2'" . G   A 1 26 ? -8.53215  -8.17250  16.68298  1.000 68.56673  ? 26  G   B "O2'" 1 
ATOM   560  C  "C1'" . G   A 1 26 ? -9.71170  -9.18005  14.80108  1.000 54.96867  ? 26  G   B "C1'" 1 
ATOM   561  N  N9    . G   A 1 26 ? -10.36282 -8.08724  14.05834  1.000 49.29611  ? 26  G   B N9    1 
ATOM   562  C  C8    . G   A 1 26 ? -10.74444 -6.90468  14.64509  1.000 50.85819  ? 26  G   B C8    1 
ATOM   563  N  N7    . G   A 1 26 ? -11.31133 -6.05179  13.83429  1.000 49.71035  ? 26  G   B N7    1 
ATOM   564  C  C5    . G   A 1 26 ? -11.31129 -6.70419  12.60903  1.000 46.78111  ? 26  G   B C5    1 
ATOM   565  C  C6    . G   A 1 26 ? -11.79544 -6.24485  11.35432  1.000 40.98740  ? 26  G   B C6    1 
ATOM   566  O  O6    . G   A 1 26 ? -12.32806 -5.15956  11.10563  1.000 35.69775  ? 26  G   B O6    1 
ATOM   567  N  N1    . G   A 1 26 ? -11.59925 -7.19515  10.36013  1.000 37.29658  ? 26  G   B N1    1 
ATOM   568  C  C2    . G   A 1 26 ? -11.01510 -8.41830  10.57331  1.000 38.67411  ? 26  G   B C2    1 
ATOM   569  N  N2    . G   A 1 26 ? -10.90750 -9.21905  9.51193   1.000 41.18722  ? 26  G   B N2    1 
ATOM   570  N  N3    . G   A 1 26 ? -10.55450 -8.84885  11.73268  1.000 42.32112  ? 26  G   B N3    1 
ATOM   571  C  C4    . G   A 1 26 ? -10.72665 -7.95543  12.72108  1.000 44.91592  ? 26  G   B C4    1 
ATOM   572  P  P     . A   A 1 27 ? -7.52562  -10.69214 18.25741  1.000 80.04066  ? 27  A   B P     1 
ATOM   573  O  OP1   . A   A 1 27 ? -7.25128  -12.01352 18.89533  1.000 73.87447  ? 27  A   B OP1   1 
ATOM   574  O  OP2   . A   A 1 27 ? -8.07949  -9.61991  19.14773  1.000 47.72782  ? 27  A   B OP2   1 
ATOM   575  O  "O5'" . A   A 1 27 ? -6.16758  -10.25734 17.54664  1.000 82.46897  ? 27  A   B "O5'" 1 
ATOM   576  C  "C5'" . A   A 1 27 ? -5.53310  -11.11412 16.59630  1.000 81.79536  ? 27  A   B "C5'" 1 
ATOM   577  C  "C4'" . A   A 1 27 ? -4.15727  -11.50109 17.07582  1.000 70.43687  ? 27  A   B "C4'" 1 
ATOM   578  O  "O4'" . A   A 1 27 ? -3.53110  -12.49020 16.23839  1.000 65.17754  ? 27  A   B "O4'" 1 
ATOM   579  C  "C3'" . A   A 1 27 ? -3.14090  -10.37506 17.15661  1.000 63.81025  ? 27  A   B "C3'" 1 
ATOM   580  O  "O3'" . A   A 1 27 ? -3.20843  -9.74429  18.41161  1.000 63.74742  ? 27  A   B "O3'" 1 
ATOM   581  C  "C2'" . A   A 1 27 ? -1.78548  -11.07172 16.97877  1.000 71.60294  ? 27  A   B "C2'" 1 
ATOM   582  O  "O2'" . A   A 1 27 ? -1.08388  -11.15037 18.20269  1.000 71.76903  ? 27  A   B "O2'" 1 
ATOM   583  C  "C1'" . A   A 1 27 ? -2.16483  -12.48398 16.52880  1.000 76.28790  ? 27  A   B "C1'" 1 
ATOM   584  N  N9    . A   A 1 27 ? -1.31843  -12.98391 15.43353  1.000 95.92778  ? 27  A   B N9    1 
ATOM   585  C  C8    . A   A 1 27 ? -1.46896  -13.04206 14.06793  1.000 95.73007  ? 27  A   B C8    1 
ATOM   586  N  N7    . A   A 1 27 ? -0.41188  -13.56455 13.46999  1.000 102.98328 ? 27  A   B N7    1 
ATOM   587  C  C5    . A   A 1 27 ? 0.48815   -13.85512 14.50283  1.000 103.13471 ? 27  A   B C5    1 
ATOM   588  C  C6    . A   A 1 27 ? 1.79221   -14.41590 14.53814  1.000 104.36345 ? 27  A   B C6    1 
ATOM   589  N  N6    . A   A 1 27 ? 2.46080   -14.81390 13.44311  1.000 92.78201  ? 27  A   B N6    1 
ATOM   590  N  N1    . A   A 1 27 ? 2.38699   -14.55262 15.75985  1.000 102.99341 ? 27  A   B N1    1 
ATOM   591  C  C2    . A   A 1 27 ? 1.72481   -14.15416 16.86531  1.000 89.48406  ? 27  A   B C2    1 
ATOM   592  N  N3    . A   A 1 27 ? 0.50784   -13.61489 16.95603  1.000 85.61930  ? 27  A   B N3    1 
ATOM   593  C  C4    . A   A 1 27 ? -0.06295  -13.49309 15.72524  1.000 99.83806  ? 27  A   B C4    1 
ATOM   594  P  P     . U   A 1 28 ? -4.12431  -8.45824  18.70556  1.000 78.96538  ? 28  U   B P     1 
ATOM   595  O  OP1   . U   A 1 28 ? -5.33595  -8.79593  19.51443  1.000 78.86127  ? 28  U   B OP1   1 
ATOM   596  O  OP2   . U   A 1 28 ? -4.41494  -7.79632  17.41432  1.000 69.65536  ? 28  U   B OP2   1 
ATOM   597  O  "O5'" . U   A 1 28 ? -3.16926  -7.60227  19.65636  1.000 64.11847  ? 28  U   B "O5'" 1 
ATOM   598  C  "C5'" . U   A 1 28 ? -2.39357  -8.25987  20.65650  1.000 62.35935  ? 28  U   B "C5'" 1 
ATOM   599  C  "C4'" . U   A 1 28 ? -3.21159  -9.30828  21.37342  1.000 57.74951  ? 28  U   B "C4'" 1 
ATOM   600  O  "O4'" . U   A 1 28 ? -2.78573  -10.63999 20.98182  1.000 68.45803  ? 28  U   B "O4'" 1 
ATOM   601  C  "C3'" . U   A 1 28 ? -3.15304  -9.27646  22.88135  1.000 54.26277  ? 28  U   B "C3'" 1 
ATOM   602  O  "O3'" . U   A 1 28 ? -4.42626  -9.67965  23.36187  1.000 53.97720  ? 28  U   B "O3'" 1 
ATOM   603  C  "C2'" . U   A 1 28 ? -2.11589  -10.35031 23.20439  1.000 53.68495  ? 28  U   B "C2'" 1 
ATOM   604  O  "O2'" . U   A 1 28 ? -2.22179  -10.88997 24.50602  1.000 41.47496  ? 28  U   B "O2'" 1 
ATOM   605  C  "C1'" . U   A 1 28 ? -2.43856  -11.38455 22.13386  1.000 69.51788  ? 28  U   B "C1'" 1 
ATOM   606  N  N1    . U   A 1 28 ? -1.33878  -12.28800 21.76402  1.000 71.30167  ? 28  U   B N1    1 
ATOM   607  C  C2    . U   A 1 28 ? -1.23749  -13.51626 22.39206  1.000 61.10413  ? 28  U   B C2    1 
ATOM   608  O  O2    . U   A 1 28 ? -2.00958  -13.88063 23.28555  1.000 46.92319  ? 28  U   B O2    1 
ATOM   609  N  N3    . U   A 1 28 ? -0.16998  -14.26349 21.92447  1.000 60.55229  ? 28  U   B N3    1 
ATOM   610  C  C4    . U   A 1 28 ? 0.74095   -13.93590 20.92493  1.000 66.73832  ? 28  U   B C4    1 
ATOM   611  O  O4    . U   A 1 28 ? 1.64041   -14.71736 20.60172  1.000 71.62640  ? 28  U   B O4    1 
ATOM   612  C  C5    . U   A 1 28 ? 0.54014   -12.65936 20.32864  1.000 67.13111  ? 28  U   B C5    1 
ATOM   613  C  C6    . U   A 1 28 ? -0.46976  -11.91465 20.76975  1.000 66.68577  ? 28  U   B C6    1 
ATOM   614  O  "O5'" . A   B 1 1  ? -8.73444  4.45181   5.37713   1.000 48.48852  ? 1   A   E "O5'" 1 
ATOM   615  C  "C5'" . A   B 1 1  ? -8.59065  4.86916   4.02734   1.000 43.68391  ? 1   A   E "C5'" 1 
ATOM   616  C  "C4'" . A   B 1 1  ? -7.26134  4.44168   3.47086   1.000 33.30132  ? 1   A   E "C4'" 1 
ATOM   617  O  "O4'" . A   B 1 1  ? -7.12885  3.01058   3.52942   1.000 34.03589  ? 1   A   E "O4'" 1 
ATOM   618  C  "C3'" . A   B 1 1  ? -6.99696  4.82932   2.00223   1.000 37.77407  ? 1   A   E "C3'" 1 
ATOM   619  O  "O3'" . A   B 1 1  ? -6.04500  5.91307   1.88314   1.000 42.34223  ? 1   A   E "O3'" 1 
ATOM   620  C  "C2'" . A   B 1 1  ? -6.64303  3.50886   1.28670   1.000 34.05903  ? 1   A   E "C2'" 1 
ATOM   621  O  "O2'" . A   B 1 1  ? -5.52195  3.66617   0.42726   1.000 45.68765  ? 1   A   E "O2'" 1 
ATOM   622  C  "C1'" . A   B 1 1  ? -6.30377  2.63518   2.48605   1.000 39.97472  ? 1   A   E "C1'" 1 
ATOM   623  N  N9    . A   B 1 1  ? -6.00751  1.18894   2.36490   1.000 37.60488  ? 1   A   E N9    1 
ATOM   624  C  C8    . A   B 1 1  ? -5.68258  0.38540   1.29415   1.000 41.75196  ? 1   A   E C8    1 
ATOM   625  N  N7    . A   B 1 1  ? -5.30302  -0.83147  1.64139   1.000 36.73334  ? 1   A   E N7    1 
ATOM   626  C  C5    . A   B 1 1  ? -5.32210  -0.78159  3.02464   1.000 34.02925  ? 1   A   E C5    1 
ATOM   627  C  C6    . A   B 1 1  ? -5.00588  -1.72178  4.00776   1.000 39.44740  ? 1   A   E C6    1 
ATOM   628  N  N6    . A   B 1 1  ? -4.61309  -2.96376  3.69785   1.000 38.71903  ? 1   A   E N6    1 
ATOM   629  N  N1    . A   B 1 1  ? -5.12015  -1.34580  5.31850   1.000 38.32241  ? 1   A   E N1    1 
ATOM   630  C  C2    . A   B 1 1  ? -5.52123  -0.10691  5.61708   1.000 33.43317  ? 1   A   E C2    1 
ATOM   631  N  N3    . A   B 1 1  ? -5.83968  0.86197   4.76787   1.000 35.78435  ? 1   A   E N3    1 
ATOM   632  C  C4    . A   B 1 1  ? -5.71095  0.45737   3.48339   1.000 34.81829  ? 1   A   E C4    1 
ATOM   633  P  P     . U   B 1 2  ? -4.48925  5.91998   2.41584   1.000 30.11675  ? 2   U   E P     1 
ATOM   634  O  OP1   . U   B 1 2  ? -4.14573  7.34345   2.64984   1.000 33.53243  ? 2   U   E OP1   1 
ATOM   635  O  OP2   . U   B 1 2  ? -3.65982  5.16773   1.45108   1.000 25.82849  ? 2   U   E OP2   1 
ATOM   636  O  "O5'" . U   B 1 2  ? -4.45252  5.29871   3.89497   1.000 42.76178  ? 2   U   E "O5'" 1 
ATOM   637  C  "C5'" . U   B 1 2  ? -4.59321  6.12163   5.05843   1.000 32.79606  ? 2   U   E "C5'" 1 
ATOM   638  C  "C4'" . U   B 1 2  ? -4.11306  5.42812   6.31649   1.000 32.68457  ? 2   U   E "C4'" 1 
ATOM   639  O  "O4'" . U   B 1 2  ? -4.45479  4.01791   6.29195   1.000 36.47880  ? 2   U   E "O4'" 1 
ATOM   640  C  "C3'" . U   B 1 2  ? -2.61428  5.41565   6.55272   1.000 38.24911  ? 2   U   E "C3'" 1 
ATOM   641  O  "O3'" . U   B 1 2  ? -2.12326  6.62822   7.07219   1.000 36.47292  ? 2   U   E "O3'" 1 
ATOM   642  C  "C2'" . U   B 1 2  ? -2.44325  4.26152   7.52104   1.000 34.44660  ? 2   U   E "C2'" 1 
ATOM   643  O  "O2'" . U   B 1 2  ? -2.87084  4.67316   8.80584   1.000 41.66799  ? 2   U   E "O2'" 1 
ATOM   644  C  "C1'" . U   B 1 2  ? -3.47302  3.27448   6.99103   1.000 34.15710  ? 2   U   E "C1'" 1 
ATOM   645  N  N1    . U   B 1 2  ? -2.89533  2.25452   6.08146   1.000 33.97243  ? 2   U   E N1    1 
ATOM   646  C  C2    . U   B 1 2  ? -2.24959  1.13122   6.59580   1.000 35.09885  ? 2   U   E C2    1 
ATOM   647  O  O2    . U   B 1 2  ? -2.06848  0.91891   7.77303   1.000 41.23431  ? 2   U   E O2    1 
ATOM   648  N  N3    . U   B 1 2  ? -1.79092  0.20522   5.70042   1.000 35.67978  ? 2   U   E N3    1 
ATOM   649  C  C4    . U   B 1 2  ? -1.89910  0.27549   4.33202   1.000 39.79484  ? 2   U   E C4    1 
ATOM   650  O  O4    . U   B 1 2  ? -1.41730  -0.62406  3.62009   1.000 39.71437  ? 2   U   E O4    1 
ATOM   651  C  C5    . U   B 1 2  ? -2.57836  1.46014   3.88179   1.000 38.44702  ? 2   U   E C5    1 
ATOM   652  C  C6    . U   B 1 2  ? -3.05120  2.38446   4.72488   1.000 35.46944  ? 2   U   E C6    1 
ATOM   653  P  P     . C   B 1 3  ? -0.84842  7.27831   6.37953   1.000 32.20237  ? 3   C   E P     1 
ATOM   654  O  OP1   . C   B 1 3  ? -0.83351  8.72683   6.72921   1.000 39.98463  ? 3   C   E OP1   1 
ATOM   655  O  OP2   . C   B 1 3  ? -0.83517  6.80309   4.96368   1.000 37.18922  ? 3   C   E OP2   1 
ATOM   656  O  "O5'" . C   B 1 3  ? 0.35104   6.56766   7.12331   1.000 40.42399  ? 3   C   E "O5'" 1 
ATOM   657  C  "C5'" . C   B 1 3  ? 0.38175   6.61108   8.53493   1.000 45.30319  ? 3   C   E "C5'" 1 
ATOM   658  C  "C4'" . C   B 1 3  ? 1.22535   5.51045   9.10448   1.000 39.06526  ? 3   C   E "C4'" 1 
ATOM   659  O  "O4'" . C   B 1 3  ? 0.60396   4.22088   8.86469   1.000 36.75495  ? 3   C   E "O4'" 1 
ATOM   660  C  "C3'" . C   B 1 3  ? 2.59896   5.35396   8.50013   1.000 40.11296  ? 3   C   E "C3'" 1 
ATOM   661  O  "O3'" . C   B 1 3  ? 3.51403   6.35596   8.91579   1.000 39.82617  ? 3   C   E "O3'" 1 
ATOM   662  C  "C2'" . C   B 1 3  ? 2.95230   3.93258   8.92621   1.000 43.86655  ? 3   C   E "C2'" 1 
ATOM   663  O  "O2'" . C   B 1 3  ? 3.26824   3.88919   10.31293  1.000 41.43821  ? 3   C   E "O2'" 1 
ATOM   664  C  "C1'" . C   B 1 3  ? 1.60421   3.23578   8.72892   1.000 37.24963  ? 3   C   E "C1'" 1 
ATOM   665  N  N1    . C   B 1 3  ? 1.48889   2.62585   7.38716   1.000 34.44732  ? 3   C   E N1    1 
ATOM   666  C  C2    . C   B 1 3  ? 2.02669   1.35513   7.23801   1.000 35.93813  ? 3   C   E C2    1 
ATOM   667  O  O2    . C   B 1 3  ? 2.54657   0.86272   8.24575   1.000 36.72709  ? 3   C   E O2    1 
ATOM   668  N  N3    . C   B 1 3  ? 1.96182   0.71712   6.03310   1.000 34.74930  ? 3   C   E N3    1 
ATOM   669  C  C4    . C   B 1 3  ? 1.37694   1.33711   5.00389   1.000 32.05877  ? 3   C   E C4    1 
ATOM   670  N  N4    . C   B 1 3  ? 1.33177   0.69611   3.83724   1.000 33.57063  ? 3   C   E N4    1 
ATOM   671  C  C5    . C   B 1 3  ? 0.81487   2.64449   5.12895   1.000 31.35825  ? 3   C   E C5    1 
ATOM   672  C  C6    . C   B 1 3  ? 0.88896   3.25131   6.32361   1.000 33.95567  ? 3   C   E C6    1 
ATOM   673  P  P     . G   B 1 4  ? 4.74492   6.77721   7.96742   1.000 47.03667  ? 4   G   E P     1 
ATOM   674  O  OP1   . G   B 1 4  ? 5.46570   7.83815   8.72649   1.000 44.67584  ? 4   G   E OP1   1 
ATOM   675  O  OP2   . G   B 1 4  ? 4.31372   7.02235   6.57096   1.000 42.92669  ? 4   G   E OP2   1 
ATOM   676  O  "O5'" . G   B 1 4  ? 5.63322   5.45000   7.86313   1.000 43.18992  ? 4   G   E "O5'" 1 
ATOM   677  C  "C5'" . G   B 1 4  ? 6.27758   4.90653   9.00742   1.000 36.13145  ? 4   G   E "C5'" 1 
ATOM   678  C  "C4'" . G   B 1 4  ? 7.05594   3.66980   8.66056   1.000 37.83878  ? 4   G   E "C4'" 1 
ATOM   679  O  "O4'" . G   B 1 4  ? 6.13995   2.61691   8.26284   1.000 43.77550  ? 4   G   E "O4'" 1 
ATOM   680  C  "C3'" . G   B 1 4  ? 8.00850   3.78291   7.47925   1.000 41.11010  ? 4   G   E "C3'" 1 
ATOM   681  O  "O3'" . G   B 1 4  ? 9.23052   4.43290   7.79813   1.000 47.05493  ? 4   G   E "O3'" 1 
ATOM   682  C  "C2'" . G   B 1 4  ? 8.15461   2.32554   7.04196   1.000 40.63639  ? 4   G   E "C2'" 1 
ATOM   683  O  "O2'" . G   B 1 4  ? 9.00536   1.60245   7.92161   1.000 43.92322  ? 4   G   E "O2'" 1 
ATOM   684  C  "C1'" . G   B 1 4  ? 6.73247   1.81831   7.24969   1.000 39.05643  ? 4   G   E "C1'" 1 
ATOM   685  N  N9    . G   B 1 4  ? 5.91998   1.91860   6.01750   1.000 34.93012  ? 4   G   E N9    1 
ATOM   686  C  C8    . G   B 1 4  ? 4.92266   2.82053   5.70763   1.000 32.23678  ? 4   G   E C8    1 
ATOM   687  N  N7    . G   B 1 4  ? 4.40765   2.61442   4.52503   1.000 31.25119  ? 4   G   E N7    1 
ATOM   688  C  C5    . G   B 1 4  ? 5.10332   1.51616   4.02981   1.000 31.21655  ? 4   G   E C5    1 
ATOM   689  C  C6    . G   B 1 4  ? 4.99897   0.80741   2.80155   1.000 29.90617  ? 4   G   E C6    1 
ATOM   690  O  O6    . G   B 1 4  ? 4.24390   0.99561   1.85153   1.000 33.25712  ? 4   G   E O6    1 
ATOM   691  N  N1    . G   B 1 4  ? 5.90035   -0.23546  2.71385   1.000 31.30291  ? 4   G   E N1    1 
ATOM   692  C  C2    . G   B 1 4  ? 6.79648   -0.57083  3.69447   1.000 33.89010  ? 4   G   E C2    1 
ATOM   693  N  N2    . G   B 1 4  ? 7.58923   -1.61320  3.43767   1.000 31.23000  ? 4   G   E N2    1 
ATOM   694  N  N3    . G   B 1 4  ? 6.90006   0.06507   4.85125   1.000 36.42166  ? 4   G   E N3    1 
ATOM   695  C  C4    . G   B 1 4  ? 6.03148   1.08678   4.94444   1.000 32.01978  ? 4   G   E C4    1 
ATOM   696  P  P     . A   B 1 5  ? 9.97997   5.37289   6.71773   1.000 44.19833  ? 5   A   E P     1 
ATOM   697  O  OP1   . A   B 1 5  ? 11.18061  5.88876   7.42717   1.000 49.30185  ? 5   A   E OP1   1 
ATOM   698  O  OP2   . A   B 1 5  ? 9.08372   6.39787   6.12697   1.000 31.71693  ? 5   A   E OP2   1 
ATOM   699  O  "O5'" . A   B 1 5  ? 10.48271  4.32850   5.62261   1.000 39.82624  ? 5   A   E "O5'" 1 
ATOM   700  C  "C5'" . A   B 1 5  ? 11.26537  3.22135   6.03573   1.000 37.29527  ? 5   A   E "C5'" 1 
ATOM   701  C  "C4'" . A   B 1 5  ? 11.46318  2.20370   4.94444   1.000 40.45957  ? 5   A   E "C4'" 1 
ATOM   702  O  "O4'" . A   B 1 5  ? 10.21202  1.61397   4.54015   1.000 40.16140  ? 5   A   E "O4'" 1 
ATOM   703  C  "C3'" . A   B 1 5  ? 12.07265  2.69305   3.64774   1.000 40.68942  ? 5   A   E "C3'" 1 
ATOM   704  O  "O3'" . A   B 1 5  ? 13.46989  2.82712   3.77662   1.000 41.08539  ? 5   A   E "O3'" 1 
ATOM   705  C  "C2'" . A   B 1 5  ? 11.67453  1.60220   2.65917   1.000 37.72540  ? 5   A   E "C2'" 1 
ATOM   706  O  "O2'" . A   B 1 5  ? 12.56544  0.49734   2.76482   1.000 32.11679  ? 5   A   E "O2'" 1 
ATOM   707  C  "C1'" . A   B 1 5  ? 10.31181  1.16886   3.20506   1.000 36.75453  ? 5   A   E "C1'" 1 
ATOM   708  N  N9    . A   B 1 5  ? 9.17449   1.70984   2.45659   1.000 35.84995  ? 5   A   E N9    1 
ATOM   709  C  C8    . A   B 1 5  ? 8.33162   2.72364   2.83683   1.000 36.42072  ? 5   A   E C8    1 
ATOM   710  N  N7    . A   B 1 5  ? 7.37177   2.95240   1.97789   1.000 36.48667  ? 5   A   E N7    1 
ATOM   711  C  C5    . A   B 1 5  ? 7.60213   2.01719   0.97370   1.000 34.72193  ? 5   A   E C5    1 
ATOM   712  C  C6    . A   B 1 5  ? 6.92970   1.73437   -0.22242  1.000 33.62820  ? 5   A   E C6    1 
ATOM   713  N  N6    . A   B 1 5  ? 5.85020   2.39264   -0.65265  1.000 36.17119  ? 5   A   E N6    1 
ATOM   714  N  N1    . A   B 1 5  ? 7.40881   0.73607   -0.98137  1.000 33.65349  ? 5   A   E N1    1 
ATOM   715  C  C2    . A   B 1 5  ? 8.49547   0.07163   -0.56259  1.000 39.20176  ? 5   A   E C2    1 
ATOM   716  N  N3    . A   B 1 5  ? 9.21784   0.23757   0.54249   1.000 39.85889  ? 5   A   E N3    1 
ATOM   717  C  C4    . A   B 1 5  ? 8.70392   1.24065   1.26721   1.000 36.45222  ? 5   A   E C4    1 
ATOM   718  P  P     . G   B 1 6  ? 14.20612  4.16044   3.28692   1.000 50.97050  ? 6   G   E P     1 
ATOM   719  O  OP1   . G   B 1 6  ? 15.31213  4.40005   4.25868   1.000 49.85143  ? 6   G   E OP1   1 
ATOM   720  O  OP2   . G   B 1 6  ? 13.21990  5.24917   3.02831   1.000 43.63388  ? 6   G   E OP2   1 
ATOM   721  O  "O5'" . G   B 1 6  ? 14.81504  3.69139   1.89719   1.000 45.52442  ? 6   G   E "O5'" 1 
ATOM   722  C  "C5'" . G   B 1 6  ? 15.32845  2.37150   1.77315   1.000 43.78418  ? 6   G   E "C5'" 1 
ATOM   723  C  "C4'" . G   B 1 6  ? 15.24807  1.88276   0.35922   1.000 38.32298  ? 6   G   E "C4'" 1 
ATOM   724  O  "O4'" . G   B 1 6  ? 13.85211  1.72698   -0.01771  1.000 43.01448  ? 6   G   E "O4'" 1 
ATOM   725  C  "C3'" . G   B 1 6  ? 15.86320  2.81798   -0.66774  1.000 41.58533  ? 6   G   E "C3'" 1 
ATOM   726  O  "O3'" . G   B 1 6  ? 16.46869  2.03235   -1.68961  1.000 53.01751  ? 6   G   E "O3'" 1 
ATOM   727  C  "C2'" . G   B 1 6  ? 14.64669  3.54704   -1.22613  1.000 40.42633  ? 6   G   E "C2'" 1 
ATOM   728  O  "O2'" . G   B 1 6  ? 14.81957  4.08787   -2.51735  1.000 42.63711  ? 6   G   E "O2'" 1 
ATOM   729  C  "C1'" . G   B 1 6  ? 13.60338  2.44128   -1.20353  1.000 37.64121  ? 6   G   E "C1'" 1 
ATOM   730  N  N9    . G   B 1 6  ? 12.21753  2.92492   -1.21177  1.000 38.72670  ? 6   G   E N9    1 
ATOM   731  C  C8    . G   B 1 6  ? 11.67037  3.92159   -0.43879  1.000 42.65814  ? 6   G   E C8    1 
ATOM   732  N  N7    . G   B 1 6  ? 10.40598  4.17813   -0.70421  1.000 39.28768  ? 6   G   E N7    1 
ATOM   733  C  C5    . G   B 1 6  ? 10.09681  3.28634   -1.71767  1.000 36.23797  ? 6   G   E C5    1 
ATOM   734  C  C6    . G   B 1 6  ? 8.87891   3.08998   -2.41480  1.000 36.04639  ? 6   G   E C6    1 
ATOM   735  O  O6    . G   B 1 6  ? 7.78316   3.66304   -2.27094  1.000 33.15096  ? 6   G   E O6    1 
ATOM   736  N  N1    . G   B 1 6  ? 9.01641   2.09387   -3.37446  1.000 35.08506  ? 6   G   E N1    1 
ATOM   737  C  C2    . G   B 1 6  ? 10.15162  1.38380   -3.62660  1.000 32.35444  ? 6   G   E C2    1 
ATOM   738  N  N2    . G   B 1 6  ? 10.04664  0.47016   -4.59641  1.000 35.38948  ? 6   G   E N2    1 
ATOM   739  N  N3    . G   B 1 6  ? 11.29346  1.55780   -2.98874  1.000 34.96108  ? 6   G   E N3    1 
ATOM   740  C  C4    . G   B 1 6  ? 11.19642  2.51370   -2.04635  1.000 35.99661  ? 6   G   E C4    1 
ATOM   741  P  P     . G   B 1 7  ? 17.82524  2.53650   -2.38010  1.000 65.35788  ? 7   G   E P     1 
ATOM   742  O  OP1   . G   B 1 7  ? 18.92411  2.32680   -1.39959  1.000 63.60074  ? 7   G   E OP1   1 
ATOM   743  O  OP2   . G   B 1 7  ? 17.55693  3.90609   -2.91556  1.000 59.40644  ? 7   G   E OP2   1 
ATOM   744  O  "O5'" . G   B 1 7  ? 18.04347  1.52567   -3.59239  1.000 50.44030  ? 7   G   E "O5'" 1 
ATOM   745  C  "C5'" . G   B 1 7  ? 18.68559  0.28236   -3.38419  1.000 53.65321  ? 7   G   E "C5'" 1 
ATOM   746  C  "C4'" . G   B 1 7  ? 18.34912  -0.69477  -4.47825  1.000 54.51730  ? 7   G   E "C4'" 1 
ATOM   747  O  "O4'" . G   B 1 7  ? 16.95412  -1.07520  -4.38611  1.000 53.19931  ? 7   G   E "O4'" 1 
ATOM   748  C  "C3'" . G   B 1 7  ? 18.49958  -0.17084  -5.89402  1.000 50.89384  ? 7   G   E "C3'" 1 
ATOM   749  O  "O3'" . G   B 1 7  ? 19.82941  -0.25759  -6.35293  1.000 57.70702  ? 7   G   E "O3'" 1 
ATOM   750  C  "C2'" . G   B 1 7  ? 17.54793  -1.05291  -6.67946  1.000 53.17801  ? 7   G   E "C2'" 1 
ATOM   751  O  "O2'" . G   B 1 7  ? 18.13563  -2.32342  -6.91549  1.000 51.90050  ? 7   G   E "O2'" 1 
ATOM   752  C  "C1'" . G   B 1 7  ? 16.41667  -1.23687  -5.67885  1.000 53.70265  ? 7   G   E "C1'" 1 
ATOM   753  N  N9    . G   B 1 7  ? 15.33130  -0.26036  -5.86096  1.000 46.21707  ? 7   G   E N9    1 
ATOM   754  C  C8    . G   B 1 7  ? 15.03925  0.83782   -5.09165  1.000 47.47919  ? 7   G   E C8    1 
ATOM   755  N  N7    . G   B 1 7  ? 13.97980  1.48512   -5.49281  1.000 40.38262  ? 7   G   E N7    1 
ATOM   756  C  C5    . G   B 1 7  ? 13.55911  0.75578   -6.58668  1.000 41.96488  ? 7   G   E C5    1 
ATOM   757  C  C6    . G   B 1 7  ? 12.45841  0.96563   -7.43525  1.000 44.62658  ? 7   G   E C6    1 
ATOM   758  O  O6    . G   B 1 7  ? 11.63610  1.88265   -7.35272  1.000 44.80133  ? 7   G   E O6    1 
ATOM   759  N  N1    . G   B 1 7  ? 12.38097  -0.00175  -8.43435  1.000 43.98668  ? 7   G   E N1    1 
ATOM   760  C  C2    . G   B 1 7  ? 13.26450  -1.04594  -8.58079  1.000 46.71468  ? 7   G   E C2    1 
ATOM   761  N  N2    . G   B 1 7  ? 13.04717  -1.90417  -9.58939  1.000 44.61203  ? 7   G   E N2    1 
ATOM   762  N  N3    . G   B 1 7  ? 14.29734  -1.25196  -7.78336  1.000 47.94527  ? 7   G   E N3    1 
ATOM   763  C  C4    . G   B 1 7  ? 14.37645  -0.31742  -6.82540  1.000 44.32143  ? 7   G   E C4    1 
ATOM   764  P  P     . G   B 1 8  ? 20.33398  0.66481   -7.57013  1.000 62.00549  ? 8   G   E P     1 
ATOM   765  O  OP1   . G   B 1 8  ? 21.79738  0.37722   -7.65160  1.000 60.80200  ? 8   G   E OP1   1 
ATOM   766  O  OP2   . G   B 1 8  ? 19.82396  2.05752   -7.42618  1.000 43.84289  ? 8   G   E OP2   1 
ATOM   767  O  "O5'" . G   B 1 8  ? 19.63259  0.03298   -8.84921  1.000 57.29453  ? 8   G   E "O5'" 1 
ATOM   768  C  "C5'" . G   B 1 8  ? 19.89337  -1.31345  -9.20741  1.000 55.50885  ? 8   G   E "C5'" 1 
ATOM   769  C  "C4'" . G   B 1 8  ? 19.14842  -1.70730  -10.45091 1.000 55.35307  ? 8   G   E "C4'" 1 
ATOM   770  O  "O4'" . G   B 1 8  ? 17.75841  -2.00020  -10.13602 1.000 52.53061  ? 8   G   E "O4'" 1 
ATOM   771  C  "C3'" . G   B 1 8  ? 19.04225  -0.65246  -11.54169 1.000 53.40783  ? 8   G   E "C3'" 1 
ATOM   772  O  "O3'" . G   B 1 8  ? 20.23125  -0.43819  -12.28714 1.000 57.40441  ? 8   G   E "O3'" 1 
ATOM   773  C  "C2'" . G   B 1 8  ? 17.88206  -1.18973  -12.34918 1.000 56.02054  ? 8   G   E "C2'" 1 
ATOM   774  O  "O2'" . G   B 1 8  ? 18.27207  -2.38283  -13.01135 1.000 53.50213  ? 8   G   E "O2'" 1 
ATOM   775  C  "C1'" . G   B 1 8  ? 16.94018  -1.58725  -11.21763 1.000 56.01186  ? 8   G   E "C1'" 1 
ATOM   776  N  N9    . G   B 1 8  ? 16.12098  -0.42687  -10.79024 1.000 52.33600  ? 8   G   E N9    1 
ATOM   777  C  C8    . G   B 1 8  ? 16.35312  0.42868   -9.73747  1.000 49.38739  ? 8   G   E C8    1 
ATOM   778  N  N7    . G   B 1 8  ? 15.45407  1.37014   -9.62490  1.000 48.06937  ? 8   G   E N7    1 
ATOM   779  C  C5    . G   B 1 8  ? 14.57659  1.13699   -10.66966 1.000 43.33531  ? 8   G   E C5    1 
ATOM   780  C  C6    . G   B 1 8  ? 13.40798  1.83456   -11.05144 1.000 39.66411  ? 8   G   E C6    1 
ATOM   781  O  O6    . G   B 1 8  ? 12.90527  2.82621   -10.52394 1.000 36.95574  ? 8   G   E O6    1 
ATOM   782  N  N1    . G   B 1 8  ? 12.82079  1.27012   -12.17692 1.000 43.98494  ? 8   G   E N1    1 
ATOM   783  C  C2    . G   B 1 8  ? 13.28859  0.16033   -12.84808 1.000 47.84405  ? 8   G   E C2    1 
ATOM   784  N  N2    . G   B 1 8  ? 12.58858  -0.25134  -13.92116 1.000 43.65460  ? 8   G   E N2    1 
ATOM   785  N  N3    . G   B 1 8  ? 14.38081  -0.50206  -12.49112 1.000 51.03141  ? 8   G   E N3    1 
ATOM   786  C  C4    . G   B 1 8  ? 14.97497  0.03979   -11.40306 1.000 48.05405  ? 8   G   E C4    1 
ATOM   787  P  P     . A   B 1 9  ? 20.60112  1.04838   -12.78736 1.000 60.50217  ? 9   A   E P     1 
ATOM   788  O  OP1   . A   B 1 9  ? 22.07011  1.19709   -12.96683 1.000 65.57465  ? 9   A   E OP1   1 
ATOM   789  O  OP2   . A   B 1 9  ? 19.92555  2.01114   -11.88525 1.000 59.03658  ? 9   A   E OP2   1 
ATOM   790  O  "O5'" . A   B 1 9  ? 19.95155  1.12509   -14.23733 1.000 63.36549  ? 9   A   E "O5'" 1 
ATOM   791  C  "C5'" . A   B 1 9  ? 20.68765  0.70575   -15.37924 1.000 70.43058  ? 9   A   E "C5'" 1 
ATOM   792  C  "C4'" . A   B 1 9  ? 20.36982  1.54401   -16.59302 1.000 74.44044  ? 9   A   E "C4'" 1 
ATOM   793  O  "O4'" . A   B 1 9  ? 20.43911  2.96769   -16.26469 1.000 70.95759  ? 9   A   E "O4'" 1 
ATOM   794  C  "C3'" . A   B 1 9  ? 21.30413  1.34038   -17.79694 1.000 80.95672  ? 9   A   E "C3'" 1 
ATOM   795  O  "O3'" . A   B 1 9  ? 20.54793  1.44162   -19.00364 1.000 82.05985  ? 9   A   E "O3'" 1 
ATOM   796  C  "C2'" . A   B 1 9  ? 22.21635  2.56021   -17.71552 1.000 84.14221  ? 9   A   E "C2'" 1 
ATOM   797  O  "O2'" . A   B 1 9  ? 22.82901  2.91774   -18.93823 1.000 84.30922  ? 9   A   E "O2'" 1 
ATOM   798  C  "C1'" . A   B 1 9  ? 21.22068  3.61409   -17.25226 1.000 81.66133  ? 9   A   E "C1'" 1 
ATOM   799  N  N9    . A   B 1 9  ? 21.80210  4.86858   -16.75598 1.000 81.06891  ? 9   A   E N9    1 
ATOM   800  C  C8    . A   B 1 9  ? 21.96207  6.00520   -17.52291 1.000 79.60183  ? 9   A   E C8    1 
ATOM   801  N  N7    . A   B 1 9  ? 22.50956  7.01621   -16.89714 1.000 75.01428  ? 9   A   E N7    1 
ATOM   802  C  C5    . A   B 1 9  ? 22.73465  6.50508   -15.62977 1.000 74.84982  ? 9   A   E C5    1 
ATOM   803  C  C6    . A   B 1 9  ? 23.30104  7.09936   -14.49622 1.000 76.63277  ? 9   A   E C6    1 
ATOM   804  N  N6    . A   B 1 9  ? 23.75177  8.36308   -14.48424 1.000 71.51672  ? 9   A   E N6    1 
ATOM   805  N  N1    . A   B 1 9  ? 23.37748  6.32926   -13.38065 1.000 80.95586  ? 9   A   E N1    1 
ATOM   806  C  C2    . A   B 1 9  ? 22.92380  5.06154   -13.42327 1.000 77.72172  ? 9   A   E C2    1 
ATOM   807  N  N3    . A   B 1 9  ? 22.37517  4.39020   -14.43790 1.000 76.55574  ? 9   A   E N3    1 
ATOM   808  C  C4    . A   B 1 9  ? 22.31298  5.18172   -15.52250 1.000 74.55760  ? 9   A   E C4    1 
ATOM   809  P  P     . G   B 1 10 ? 19.93218  0.13464   -19.69839 1.000 86.03365  ? 10  G   E P     1 
ATOM   810  O  OP1   . G   B 1 10 ? 20.41982  -1.06561  -18.94625 1.000 69.95985  ? 10  G   E OP1   1 
ATOM   811  O  OP2   . G   B 1 10 ? 20.22413  0.29406   -21.15057 1.000 78.86243  ? 10  G   E OP2   1 
ATOM   812  O  "O5'" . G   B 1 10 ? 18.35204  0.32202   -19.51165 1.000 80.36323  ? 10  G   E "O5'" 1 
ATOM   813  C  "C5'" . G   B 1 10 ? 17.49103  -0.78715  -19.26464 1.000 68.27542  ? 10  G   E "C5'" 1 
ATOM   814  C  "C4'" . G   B 1 10 ? 17.43505  -1.10398  -17.79460 1.000 66.61432  ? 10  G   E "C4'" 1 
ATOM   815  O  "O4'" . G   B 1 10 ? 16.94460  0.05516   -17.06863 1.000 62.25859  ? 10  G   E "O4'" 1 
ATOM   816  C  "C3'" . G   B 1 10 ? 16.54510  -2.28374  -17.38391 1.000 69.81881  ? 10  G   E "C3'" 1 
ATOM   817  O  "O3'" . G   B 1 10 ? 17.21376  -3.05866  -16.39503 1.000 73.49037  ? 10  G   E "O3'" 1 
ATOM   818  C  "C2'" . G   B 1 10 ? 15.33004  -1.60638  -16.74726 1.000 66.42797  ? 10  G   E "C2'" 1 
ATOM   819  O  "O2'" . G   B 1 10 ? 14.66528  -2.38297  -15.76670 1.000 67.94813  ? 10  G   E "O2'" 1 
ATOM   820  C  "C1'" . G   B 1 10 ? 15.96002  -0.35976  -16.14302 1.000 60.52852  ? 10  G   E "C1'" 1 
ATOM   821  N  N9    . G   B 1 10 ? 15.01994  0.73521   -15.91780 1.000 53.86975  ? 10  G   E N9    1 
ATOM   822  C  C8    . G   B 1 10 ? 13.86477  0.97723   -16.60331 1.000 53.98390  ? 10  G   E C8    1 
ATOM   823  N  N7    . G   B 1 10 ? 13.24507  2.02916   -16.15015 1.000 54.07938  ? 10  G   E N7    1 
ATOM   824  C  C5    . G   B 1 10 ? 14.03237  2.49864   -15.11419 1.000 45.75736  ? 10  G   E C5    1 
ATOM   825  C  C6    . G   B 1 10 ? 13.86327  3.60990   -14.25435 1.000 47.12436  ? 10  G   E C6    1 
ATOM   826  O  O6    . G   B 1 10 ? 12.94795  4.44537   -14.23169 1.000 46.75834  ? 10  G   E O6    1 
ATOM   827  N  N1    . G   B 1 10 ? 14.91308  3.70869   -13.35341 1.000 47.46057  ? 10  G   E N1    1 
ATOM   828  C  C2    . G   B 1 10 ? 15.97460  2.84954   -13.28792 1.000 46.28219  ? 10  G   E C2    1 
ATOM   829  N  N2    . G   B 1 10 ? 16.88755  3.09866   -12.35400 1.000 48.01758  ? 10  G   E N2    1 
ATOM   830  N  N3    . G   B 1 10 ? 16.13371  1.81432   -14.07283 1.000 49.59331  ? 10  G   E N3    1 
ATOM   831  C  C4    . G   B 1 10 ? 15.13437  1.70781   -14.96248 1.000 48.68746  ? 10  G   E C4    1 
ATOM   832  P  P     . U   B 1 11 ? 17.82443  -4.48890  -16.78964 1.000 87.85353  ? 11  U   E P     1 
ATOM   833  O  OP1   . U   B 1 11 ? 19.29970  -4.39664  -16.60524 1.000 84.36355  ? 11  U   E OP1   1 
ATOM   834  O  OP2   . U   B 1 11 ? 17.22590  -4.91390  -18.08139 1.000 77.33758  ? 11  U   E OP2   1 
ATOM   835  O  "O5'" . U   B 1 11 ? 17.21653  -5.49588  -15.72101 1.000 81.91067  ? 11  U   E "O5'" 1 
ATOM   836  C  "C5'" . U   B 1 11 ? 17.32683  -6.89241  -15.93595 1.000 83.37627  ? 11  U   E "C5'" 1 
ATOM   837  C  "C4'" . U   B 1 11 ? 16.14228  -7.64059  -15.38883 1.000 83.01637  ? 11  U   E "C4'" 1 
ATOM   838  O  "O4'" . U   B 1 11 ? 16.52705  -9.03518  -15.22875 1.000 89.70732  ? 11  U   E "O4'" 1 
ATOM   839  C  "C3'" . U   B 1 11 ? 15.67136  -7.17828  -14.01989 1.000 81.01044  ? 11  U   E "C3'" 1 
ATOM   840  O  "O3'" . U   B 1 11 ? 14.27526  -7.45645  -13.90380 1.000 81.68648  ? 11  U   E "O3'" 1 
ATOM   841  C  "C2'" . U   B 1 11 ? 16.46898  -8.08178  -13.08018 1.000 84.80800  ? 11  U   E "C2'" 1 
ATOM   842  O  "O2'" . U   B 1 11 ? 15.93285  -8.24494  -11.78437 1.000 83.08557  ? 11  U   E "O2'" 1 
ATOM   843  C  "C1'" . U   B 1 11 ? 16.47397  -9.39404  -13.85803 1.000 90.01179  ? 11  U   E "C1'" 1 
ATOM   844  N  N1    . U   B 1 11 ? 17.63324  -10.25479 -13.56103 1.000 92.54409  ? 11  U   E N1    1 
ATOM   845  C  C2    . U   B 1 11 ? 17.38748  -11.51416 -13.02764 1.000 91.73301  ? 11  U   E C2    1 
ATOM   846  O  O2    . U   B 1 11 ? 16.26710  -11.94465 -12.79567 1.000 91.47923  ? 11  U   E O2    1 
ATOM   847  N  N3    . U   B 1 11 ? 18.51098  -12.26152 -12.77250 1.000 86.62790  ? 11  U   E N3    1 
ATOM   848  C  C4    . U   B 1 11 ? 19.82037  -11.88228 -12.98593 1.000 90.05243  ? 11  U   E C4    1 
ATOM   849  O  O4    . U   B 1 11 ? 20.71384  -12.67862 -12.70013 1.000 94.03717  ? 11  U   E O4    1 
ATOM   850  C  C5    . U   B 1 11 ? 19.99831  -10.56827 -13.53747 1.000 86.70157  ? 11  U   E C5    1 
ATOM   851  C  C6    . U   B 1 11 ? 18.92262  -9.81922  -13.79960 1.000 86.73101  ? 11  U   E C6    1 
ATOM   852  P  P     . G   B 1 12 ? 13.29209  -6.38632  -13.21547 1.000 85.01325  ? 12  G   E P     1 
ATOM   853  O  OP1   . G   B 1 12 ? 14.17062  -5.43971  -12.46952 1.000 80.72001  ? 12  G   E OP1   1 
ATOM   854  O  OP2   . G   B 1 12 ? 12.25417  -7.11668  -12.43016 1.000 71.92405  ? 12  G   E OP2   1 
ATOM   855  O  "O5'" . G   B 1 12 ? 12.61997  -5.60560  -14.45148 1.000 73.73960  ? 12  G   E "O5'" 1 
ATOM   856  C  "C5'" . G   B 1 12 ? 11.74307  -6.25432  -15.37107 1.000 61.96966  ? 12  G   E "C5'" 1 
ATOM   857  C  "C4'" . G   B 1 12 ? 10.37126  -5.61078  -15.40763 1.000 51.68291  ? 12  G   E "C4'" 1 
ATOM   858  O  "O4'" . G   B 1 12 ? 9.90390   -5.40326  -14.05843 1.000 53.10570  ? 12  G   E "O4'" 1 
ATOM   859  C  "C3'" . G   B 1 12 ? 10.27323  -4.23582  -16.05085 1.000 48.40520  ? 12  G   E "C3'" 1 
ATOM   860  O  "O3'" . G   B 1 12 ? 10.12004  -4.29779  -17.44869 1.000 37.22652  ? 12  G   E "O3'" 1 
ATOM   861  C  "C2'" . G   B 1 12 ? 9.05320   -3.61557  -15.38283 1.000 57.88242  ? 12  G   E "C2'" 1 
ATOM   862  O  "O2'" . G   B 1 12 ? 7.85270   -3.98820  -16.04625 1.000 63.20867  ? 12  G   E "O2'" 1 
ATOM   863  C  "C1'" . G   B 1 12 ? 9.07688   -4.26184  -14.00034 1.000 54.11769  ? 12  G   E "C1'" 1 
ATOM   864  N  N9    . G   B 1 12 ? 9.58173   -3.33633  -12.97467 1.000 49.37564  ? 12  G   E N9    1 
ATOM   865  C  C8    . G   B 1 12 ? 10.76876  -3.39550  -12.29779 1.000 48.27410  ? 12  G   E C8    1 
ATOM   866  N  N7    . G   B 1 12 ? 10.89744  -2.42001  -11.44162 1.000 46.28911  ? 12  G   E N7    1 
ATOM   867  C  C5    . G   B 1 12 ? 9.74045   -1.67304  -11.58494 1.000 42.16917  ? 12  G   E C5    1 
ATOM   868  C  C6    . G   B 1 12 ? 9.33047   -0.50343  -10.91704 1.000 42.07891  ? 12  G   E C6    1 
ATOM   869  O  O6    . G   B 1 12 ? 9.97104   0.09571   -10.04574 1.000 42.91033  ? 12  G   E O6    1 
ATOM   870  N  N1    . G   B 1 12 ? 8.07145   -0.06767  -11.34717 1.000 38.55393  ? 12  G   E N1    1 
ATOM   871  C  C2    . G   B 1 12 ? 7.31624   -0.70410  -12.30574 1.000 40.89477  ? 12  G   E C2    1 
ATOM   872  N  N2    . G   B 1 12 ? 6.12951   -0.16402  -12.61762 1.000 37.46024  ? 12  G   E N2    1 
ATOM   873  N  N3    . G   B 1 12 ? 7.69841   -1.80442  -12.93563 1.000 45.00924  ? 12  G   E N3    1 
ATOM   874  C  C4    . G   B 1 12 ? 8.91136   -2.22694  -12.52396 1.000 44.35778  ? 12  G   E C4    1 
ATOM   875  P  P     . G   B 1 13 ? 10.80155  -3.17161  -18.35583 1.000 48.06447  ? 13  G   E P     1 
ATOM   876  O  OP1   . G   B 1 13 ? 10.98981  -3.73754  -19.71411 1.000 59.69682  ? 13  G   E OP1   1 
ATOM   877  O  OP2   . G   B 1 13 ? 11.95536  -2.63868  -17.57579 1.000 58.78271  ? 13  G   E OP2   1 
ATOM   878  O  "O5'" . G   B 1 13 ? 9.71422   -2.01954  -18.47924 1.000 45.13009  ? 13  G   E "O5'" 1 
ATOM   879  C  "C5'" . G   B 1 13 ? 8.39861   -2.29909  -18.91817 1.000 42.50048  ? 13  G   E "C5'" 1 
ATOM   880  C  "C4'" . G   B 1 13 ? 7.51154   -1.11385  -18.67785 1.000 42.18714  ? 13  G   E "C4'" 1 
ATOM   881  O  "O4'" . G   B 1 13 ? 7.19733   -1.02855  -17.26586 1.000 38.36107  ? 13  G   E "O4'" 1 
ATOM   882  C  "C3'" . G   B 1 13 ? 8.14131   0.23085   -18.98694 1.000 42.86471  ? 13  G   E "C3'" 1 
ATOM   883  O  "O3'" . G   B 1 13 ? 8.16436   0.55570   -20.36591 1.000 47.77626  ? 13  G   E "O3'" 1 
ATOM   884  C  "C2'" . G   B 1 13 ? 7.33988   1.18760   -18.10738 1.000 40.06484  ? 13  G   E "C2'" 1 
ATOM   885  O  "O2'" . G   B 1 13 ? 6.06773   1.49320   -18.65384 1.000 40.23564  ? 13  G   E "O2'" 1 
ATOM   886  C  "C1'" . G   B 1 13 ? 7.11832   0.32767   -16.87306 1.000 39.41507  ? 13  G   E "C1'" 1 
ATOM   887  N  N9    . G   B 1 13 ? 8.13063   0.58603   -15.83714 1.000 41.83890  ? 13  G   E N9    1 
ATOM   888  C  C8    . G   B 1 13 ? 9.33805   -0.03097  -15.59862 1.000 41.98957  ? 13  G   E C8    1 
ATOM   889  N  N7    . G   B 1 13 ? 9.94594   0.48218   -14.55905 1.000 43.70454  ? 13  G   E N7    1 
ATOM   890  C  C5    . G   B 1 13 ? 9.09482   1.48072   -14.09391 1.000 37.92133  ? 13  G   E C5    1 
ATOM   891  C  C6    . G   B 1 13 ? 9.18625   2.38294   -13.00434 1.000 36.45961  ? 13  G   E C6    1 
ATOM   892  O  O6    . G   B 1 13 ? 10.08067  2.50612   -12.16775 1.000 34.65320  ? 13  G   E O6    1 
ATOM   893  N  N1    . G   B 1 13 ? 8.07237   3.21796   -12.93896 1.000 38.68429  ? 13  G   E N1    1 
ATOM   894  C  C2    . G   B 1 13 ? 7.00480   3.18638   -13.80567 1.000 36.24097  ? 13  G   E C2    1 
ATOM   895  N  N2    . G   B 1 13 ? 6.00450   4.05247   -13.60457 1.000 35.99852  ? 13  G   E N2    1 
ATOM   896  N  N3    . G   B 1 13 ? 6.91308   2.35011   -14.80885 1.000 35.26278  ? 13  G   E N3    1 
ATOM   897  C  C4    . G   B 1 13 ? 7.98052   1.55031   -14.88804 1.000 36.84565  ? 13  G   E C4    1 
ATOM   898  P  P     . U   B 1 14 ? 9.49954   1.18985   -20.99426 1.000 52.57132  ? 14  U   E P     1 
ATOM   899  O  OP1   . U   B 1 14 ? 10.03951  0.26719   -22.03626 1.000 54.70673  ? 14  U   E OP1   1 
ATOM   900  O  OP2   . U   B 1 14 ? 10.33443  1.57833   -19.82860 1.000 47.90764  ? 14  U   E OP2   1 
ATOM   901  O  "O5'" . U   B 1 14 ? 9.01512   2.52193   -21.71889 1.000 40.51928  ? 14  U   E "O5'" 1 
ATOM   902  C  "C5'" . U   B 1 14 ? 8.47134   3.60148   -20.97496 1.000 45.86546  ? 14  U   E "C5'" 1 
ATOM   903  C  "C4'" . U   B 1 14 ? 8.73037   4.93224   -21.63975 1.000 49.70776  ? 14  U   E "C4'" 1 
ATOM   904  O  "O4'" . U   B 1 14 ? 10.16272  5.12918   -21.75130 1.000 53.03176  ? 14  U   E "O4'" 1 
ATOM   905  C  "C3'" . U   B 1 14 ? 8.17122   5.08158   -23.04741 1.000 50.78411  ? 14  U   E "C3'" 1 
ATOM   906  O  "O3'" . U   B 1 14 ? 7.82538   6.44480   -23.27144 1.000 48.69352  ? 14  U   E "O3'" 1 
ATOM   907  C  "C2'" . U   B 1 14 ? 9.36284   4.70902   -23.91768 1.000 54.11178  ? 14  U   E "C2'" 1 
ATOM   908  O  "O2'" . U   B 1 14 ? 9.31938   5.23838   -25.22397 1.000 59.18834  ? 14  U   E "O2'" 1 
ATOM   909  C  "C1'" . U   B 1 14 ? 10.52784  5.27287   -23.10777 1.000 53.86172  ? 14  U   E "C1'" 1 
ATOM   910  N  N1    . U   B 1 14 ? 11.78323  4.53241   -23.29539 1.000 58.88259  ? 14  U   E N1    1 
ATOM   911  C  C2    . U   B 1 14 ? 12.96574  5.24997   -23.43341 1.000 60.68030  ? 14  U   E C2    1 
ATOM   912  O  O2    . U   B 1 14 ? 12.99539  6.47685   -23.40459 1.000 52.73921  ? 14  U   E O2    1 
ATOM   913  N  N3    . U   B 1 14 ? 14.09620  4.46496   -23.60747 1.000 58.68552  ? 14  U   E N3    1 
ATOM   914  C  C4    . U   B 1 14 ? 14.15259  3.07470   -23.64398 1.000 59.73102  ? 14  U   E C4    1 
ATOM   915  O  O4    . U   B 1 14 ? 15.23167  2.49395   -23.80498 1.000 58.45625  ? 14  U   E O4    1 
ATOM   916  C  C5    . U   B 1 14 ? 12.88526  2.42169   -23.48663 1.000 59.88514  ? 14  U   E C5    1 
ATOM   917  C  C6    . U   B 1 14 ? 11.77472  3.15400   -23.32608 1.000 55.21189  ? 14  U   E C6    1 
ATOM   918  P  P     . G   B 1 15 ? 6.27607   6.88392   -23.32251 1.000 65.35910  ? 15  G   E P     1 
ATOM   919  O  OP1   . G   B 1 15 ? 5.47718   5.64237   -23.54583 1.000 52.80696  ? 15  G   E OP1   1 
ATOM   920  O  OP2   . G   B 1 15 ? 6.14613   7.99451   -24.31598 1.000 57.50334  ? 15  G   E OP2   1 
ATOM   921  O  "O5'" . G   B 1 15 ? 6.01587   7.52161   -21.87479 1.000 53.71997  ? 15  G   E "O5'" 1 
ATOM   922  C  "C5'" . G   B 1 15 ? 5.00626   7.04174   -20.98198 1.000 49.06836  ? 15  G   E "C5'" 1 
ATOM   923  C  "C4'" . G   B 1 15 ? 5.33446   5.67959   -20.41010 1.000 43.17486  ? 15  G   E "C4'" 1 
ATOM   924  O  "O4'" . G   B 1 15 ? 6.49224   5.74906   -19.52996 1.000 46.85834  ? 15  G   E "O4'" 1 
ATOM   925  C  "C3'" . G   B 1 15 ? 4.21946   5.00972   -19.60582 1.000 39.66890  ? 15  G   E "C3'" 1 
ATOM   926  O  "O3'" . G   B 1 15 ? 4.02363   3.68282   -20.07321 1.000 39.47398  ? 15  G   E "O3'" 1 
ATOM   927  C  "C2'" . G   B 1 15 ? 4.76200   4.98480   -18.17064 1.000 39.05006  ? 15  G   E "C2'" 1 
ATOM   928  O  "O2'" . G   B 1 15 ? 4.34847   3.87457   -17.39839 1.000 42.85314  ? 15  G   E "O2'" 1 
ATOM   929  C  "C1'" . G   B 1 15 ? 6.26008   4.94544   -18.39495 1.000 39.67289  ? 15  G   E "C1'" 1 
ATOM   930  N  N9    . G   B 1 15 ? 7.03521   5.44959   -17.25632 1.000 41.10410  ? 15  G   E N9    1 
ATOM   931  C  C8    . G   B 1 15 ? 6.67972   6.44633   -16.38364 1.000 38.92101  ? 15  G   E C8    1 
ATOM   932  N  N7    . G   B 1 15 ? 7.56943   6.65468   -15.45732 1.000 37.09699  ? 15  G   E N7    1 
ATOM   933  C  C5    . G   B 1 15 ? 8.57219   5.72783   -15.71299 1.000 39.73880  ? 15  G   E C5    1 
ATOM   934  C  C6    . G   B 1 15 ? 9.80388   5.46600   -15.03123 1.000 40.62816  ? 15  G   E C6    1 
ATOM   935  O  O6    . G   B 1 15 ? 10.27882  6.02836   -14.02593 1.000 35.76544  ? 15  G   E O6    1 
ATOM   936  N  N1    . G   B 1 15 ? 10.50968  4.42267   -15.63153 1.000 38.02748  ? 15  G   E N1    1 
ATOM   937  C  C2    . G   B 1 15 ? 10.08453  3.72707   -16.74071 1.000 40.77272  ? 15  G   E C2    1 
ATOM   938  N  N2    . G   B 1 15 ? 10.89733  2.75179   -17.18439 1.000 39.53559  ? 15  G   E N2    1 
ATOM   939  N  N3    . G   B 1 15 ? 8.94842   3.97294   -17.38123 1.000 38.77407  ? 15  G   E N3    1 
ATOM   940  C  C4    . G   B 1 15 ? 8.24710   4.97257   -16.81661 1.000 39.14833  ? 15  G   E C4    1 
ATOM   941  P  P     . A   B 1 16 ? 2.59523   3.27129   -20.67979 1.000 35.33168  ? 16  A   E P     1 
ATOM   942  O  OP1   . A   B 1 16 ? 2.82242   2.17745   -21.65413 1.000 40.78899  ? 16  A   E OP1   1 
ATOM   943  O  OP2   . A   B 1 16 ? 1.88737   4.52030   -21.06278 1.000 32.01347  ? 16  A   E OP2   1 
ATOM   944  O  "O5'" . A   B 1 16 ? 1.82353   2.58029   -19.46431 1.000 40.58573  ? 16  A   E "O5'" 1 
ATOM   945  C  "C5'" . A   B 1 16 ? 1.18971   3.33417   -18.42795 1.000 34.95688  ? 16  A   E "C5'" 1 
ATOM   946  C  "C4'" . A   B 1 16 ? 0.42799   2.43407   -17.47839 1.000 33.15091  ? 16  A   E "C4'" 1 
ATOM   947  O  "O4'" . A   B 1 16 ? -0.79872  1.99863   -18.13066 1.000 39.96651  ? 16  A   E "O4'" 1 
ATOM   948  C  "C3'" . A   B 1 16 ? 1.15831   1.15412   -17.05886 1.000 30.73896  ? 16  A   E "C3'" 1 
ATOM   949  O  "O3'" . A   B 1 16 ? 0.77294   0.78153   -15.73130 1.000 26.82252  ? 16  A   E "O3'" 1 
ATOM   950  C  "C2'" . A   B 1 16 ? 0.61052   0.12608   -18.04471 1.000 29.90189  ? 16  A   E "C2'" 1 
ATOM   951  O  "O2'" . A   B 1 16 ? 0.69173   -1.20463  -17.59957 1.000 38.76682  ? 16  A   E "O2'" 1 
ATOM   952  C  "C1'" . A   B 1 16 ? -0.83656  0.58047   -18.17489 1.000 38.17646  ? 16  A   E "C1'" 1 
ATOM   953  N  N9    . A   B 1 16 ? -1.51364  0.17007   -19.41152 1.000 42.18769  ? 16  A   E N9    1 
ATOM   954  C  C8    . A   B 1 16 ? -1.06568  0.28735   -20.70015 1.000 39.83531  ? 16  A   E C8    1 
ATOM   955  N  N7    . A   B 1 16 ? -1.90325  -0.15364  -21.59889 1.000 37.63730  ? 16  A   E N7    1 
ATOM   956  C  C5    . A   B 1 16 ? -2.98823  -0.58245  -20.85738 1.000 41.12302  ? 16  A   E C5    1 
ATOM   957  C  C6    . A   B 1 16 ? -4.21301  -1.14197  -21.23458 1.000 39.32277  ? 16  A   E C6    1 
ATOM   958  N  N6    . A   B 1 16 ? -4.53614  -1.37735  -22.50391 1.000 44.10748  ? 16  A   E N6    1 
ATOM   959  N  N1    . A   B 1 16 ? -5.08718  -1.46739  -20.26135 1.000 35.81760  ? 16  A   E N1    1 
ATOM   960  C  C2    . A   B 1 16 ? -4.74823  -1.23098  -18.99106 1.000 33.55088  ? 16  A   E C2    1 
ATOM   961  N  N3    . A   B 1 16 ? -3.63385  -0.70338  -18.50362 1.000 34.47510  ? 16  A   E N3    1 
ATOM   962  C  C4    . A   B 1 16 ? -2.77689  -0.39150  -19.50347 1.000 43.59986  ? 16  A   E C4    1 
ATOM   963  P  P     . G   B 1 17 ? 1.51297   1.41989   -14.45351 1.000 24.86830  ? 17  G   E P     1 
ATOM   964  O  OP1   . G   B 1 17 ? 2.90994   1.76358   -14.80636 1.000 34.54084  ? 17  G   E OP1   1 
ATOM   965  O  OP2   . G   B 1 17 ? 1.22053   0.62404   -13.23821 1.000 31.78859  ? 17  G   E OP2   1 
ATOM   966  O  "O5'" . G   B 1 17 ? 0.77995   2.81030   -14.23632 1.000 32.00201  ? 17  G   E "O5'" 1 
ATOM   967  C  "C5'" . G   B 1 17 ? -0.32054  2.92435   -13.35020 1.000 28.34764  ? 17  G   E "C5'" 1 
ATOM   968  C  "C4'" . G   B 1 17 ? 0.00839   3.76564   -12.14245 1.000 27.28849  ? 17  G   E "C4'" 1 
ATOM   969  O  "O4'" . G   B 1 17 ? 0.67193   2.95982   -11.14655 1.000 29.62528  ? 17  G   E "O4'" 1 
ATOM   970  C  "C3'" . G   B 1 17 ? 0.95809   4.92462   -12.34932 1.000 27.66172  ? 17  G   E "C3'" 1 
ATOM   971  O  "O3'" . G   B 1 17 ? 0.35054   6.06033   -12.93181 1.000 26.62629  ? 17  G   E "O3'" 1 
ATOM   972  C  "C2'" . G   B 1 17 ? 1.46582   5.17931   -10.94157 1.000 30.82591  ? 17  G   E "C2'" 1 
ATOM   973  O  "O2'" . G   B 1 17 ? 0.49977   5.89714   -10.18988 1.000 30.59990  ? 17  G   E "O2'" 1 
ATOM   974  C  "C1'" . G   B 1 17 ? 1.54483   3.76205   -10.38862 1.000 28.96484  ? 17  G   E "C1'" 1 
ATOM   975  N  N9    . G   B 1 17 ? 2.89566   3.19264   -10.49316 1.000 29.64523  ? 17  G   E N9    1 
ATOM   976  C  C8    . G   B 1 17 ? 3.30415   2.24872   -11.40623 1.000 31.45912  ? 17  G   E C8    1 
ATOM   977  N  N7    . G   B 1 17 ? 4.55330   1.90598   -11.27171 1.000 30.80175  ? 17  G   E N7    1 
ATOM   978  C  C5    . G   B 1 17 ? 4.99281   2.67349   -10.20597 1.000 32.80295  ? 17  G   E C5    1 
ATOM   979  C  C6    . G   B 1 17 ? 6.27183   2.71247   -9.60973  1.000 30.50995  ? 17  G   E C6    1 
ATOM   980  O  O6    . G   B 1 17 ? 7.27200   2.06269   -9.92614  1.000 31.37516  ? 17  G   E O6    1 
ATOM   981  N  N1    . G   B 1 17 ? 6.29626   3.61511   -8.55544  1.000 29.03871  ? 17  G   E N1    1 
ATOM   982  C  C2    . G   B 1 17 ? 5.23598   4.38560   -8.12396  1.000 30.24114  ? 17  G   E C2    1 
ATOM   983  N  N2    . G   B 1 17 ? 5.49864   5.19442   -7.08013  1.000 28.48274  ? 17  G   E N2    1 
ATOM   984  N  N3    . G   B 1 17 ? 4.02538   4.35583   -8.67244  1.000 28.37311  ? 17  G   E N3    1 
ATOM   985  C  C4    . G   B 1 17 ? 3.98158   3.47702   -9.70142  1.000 30.73046  ? 17  G   E C4    1 
ATOM   986  P  P     . G   B 1 18 ? 1.28790   7.11786   -13.67870 1.000 28.48967  ? 18  G   E P     1 
ATOM   987  O  OP1   . G   B 1 18 ? 0.43475   8.17552   -14.26793 1.000 34.27658  ? 18  G   E OP1   1 
ATOM   988  O  OP2   . G   B 1 18 ? 2.19666   6.33479   -14.58082 1.000 32.53864  ? 18  G   E OP2   1 
ATOM   989  O  "O5'" . G   B 1 18 ? 2.12620   7.78046   -12.49467 1.000 29.39329  ? 18  G   E "O5'" 1 
ATOM   990  C  "C5'" . G   B 1 18 ? 1.52534   8.72954   -11.62435 1.000 33.51342  ? 18  G   E "C5'" 1 
ATOM   991  C  "C4'" . G   B 1 18 ? 2.53635   9.41785   -10.74046 1.000 32.11738  ? 18  G   E "C4'" 1 
ATOM   992  O  "O4'" . G   B 1 18 ? 3.16189   8.45064   -9.86122  1.000 35.41296  ? 18  G   E "O4'" 1 
ATOM   993  C  "C3'" . G   B 1 18 ? 3.70579   10.09200  -11.43730 1.000 32.15089  ? 18  G   E "C3'" 1 
ATOM   994  O  "O3'" . G   B 1 18 ? 3.36903   11.36988  -11.94451 1.000 38.51457  ? 18  G   E "O3'" 1 
ATOM   995  C  "C2'" . G   B 1 18 ? 4.74813   10.15104  -10.32956 1.000 40.07171  ? 18  G   E "C2'" 1 
ATOM   996  O  "O2'" . G   B 1 18 ? 4.44945   11.20741  -9.42749  1.000 39.81140  ? 18  G   E "O2'" 1 
ATOM   997  C  "C1'" . G   B 1 18 ? 4.49677   8.82727   -9.60283  1.000 36.59570  ? 18  G   E "C1'" 1 
ATOM   998  N  N9    . G   B 1 18 ? 5.40477   7.74556   -10.04706 1.000 30.61906  ? 18  G   E N9    1 
ATOM   999  C  C8    . G   B 1 18 ? 5.15304   6.84889   -11.04288 1.000 30.73162  ? 18  G   E C8    1 
ATOM   1000 N  N7    . G   B 1 18 ? 6.12418   6.00411   -11.23722 1.000 32.28792  ? 18  G   E N7    1 
ATOM   1001 C  C5    . G   B 1 18 ? 7.08752   6.35123   -10.30294 1.000 33.81081  ? 18  G   E C5    1 
ATOM   1002 C  C6    . G   B 1 18 ? 8.36491   5.76447   -10.04832 1.000 34.26833  ? 18  G   E C6    1 
ATOM   1003 O  O6    . G   B 1 18 ? 8.89582   4.79319   -10.61772 1.000 31.81421  ? 18  G   E O6    1 
ATOM   1004 N  N1    . G   B 1 18 ? 9.02852   6.42336   -9.01551  1.000 32.58508  ? 18  G   E N1    1 
ATOM   1005 C  C2    . G   B 1 18 ? 8.51204   7.49877   -8.33030  1.000 34.53734  ? 18  G   E C2    1 
ATOM   1006 N  N2    . G   B 1 18 ? 9.29447   8.00615   -7.36924  1.000 39.43848  ? 18  G   E N2    1 
ATOM   1007 N  N3    . G   B 1 18 ? 7.32974   8.04693   -8.55343  1.000 32.11939  ? 18  G   E N3    1 
ATOM   1008 C  C4    . G   B 1 18 ? 6.66226   7.42792   -9.55482  1.000 31.83089  ? 18  G   E C4    1 
ATOM   1009 P  P     . A   B 1 19 ? 3.70889   11.78916  -13.46151 1.000 40.21005  ? 19  A   E P     1 
ATOM   1010 O  OP1   . A   B 1 19 ? 3.40783   13.23206  -13.60308 1.000 46.44628  ? 19  A   E OP1   1 
ATOM   1011 O  OP2   . A   B 1 19 ? 3.06323   10.87093  -14.42104 1.000 38.02175  ? 19  A   E OP2   1 
ATOM   1012 O  "O5'" . A   B 1 19 ? 5.28526   11.63478  -13.54242 1.000 48.30384  ? 19  A   E "O5'" 1 
ATOM   1013 C  "C5'" . A   B 1 19 ? 6.13413   12.50842  -12.80548 1.000 48.18536  ? 19  A   E "C5'" 1 
ATOM   1014 C  "C4'" . A   B 1 19 ? 6.92576   13.41543  -13.71517 1.000 55.88212  ? 19  A   E "C4'" 1 
ATOM   1015 O  "O4'" . A   B 1 19 ? 7.71236   12.61675  -14.64161 1.000 51.27245  ? 19  A   E "O4'" 1 
ATOM   1016 C  "C3'" . A   B 1 19 ? 6.09354   14.35975  -14.57269 1.000 56.23631  ? 19  A   E "C3'" 1 
ATOM   1017 O  "O3'" . A   B 1 19 ? 6.80065   15.58592  -14.71180 1.000 61.05372  ? 19  A   E "O3'" 1 
ATOM   1018 C  "C2'" . A   B 1 19 ? 6.01744   13.61929  -15.90829 1.000 60.53146  ? 19  A   E "C2'" 1 
ATOM   1019 O  "O2'" . A   B 1 19 ? 5.74423   14.41244  -17.04746 1.000 60.82449  ? 19  A   E "O2'" 1 
ATOM   1020 C  "C1'" . A   B 1 19 ? 7.39341   12.97207  -15.97408 1.000 58.26504  ? 19  A   E "C1'" 1 
ATOM   1021 N  N9    . A   B 1 19 ? 7.42598   11.75388  -16.78903 1.000 63.72222  ? 19  A   E N9    1 
ATOM   1022 C  C8    . A   B 1 19 ? 6.52080   10.72161  -16.75003 1.000 59.52519  ? 19  A   E C8    1 
ATOM   1023 N  N7    . A   B 1 19 ? 6.78576   9.74494   -17.58224 1.000 56.89156  ? 19  A   E N7    1 
ATOM   1024 C  C5    . A   B 1 19 ? 7.94853   10.15483  -18.21451 1.000 64.24380  ? 19  A   E C5    1 
ATOM   1025 C  C6    . A   B 1 19 ? 8.73506   9.54636   -19.21290 1.000 65.93166  ? 19  A   E C6    1 
ATOM   1026 N  N6    . A   B 1 19 ? 8.43741   8.35516   -19.74709 1.000 59.39358  ? 19  A   E N6    1 
ATOM   1027 N  N1    . A   B 1 19 ? 9.84192   10.20708  -19.63810 1.000 67.60331  ? 19  A   E N1    1 
ATOM   1028 C  C2    . A   B 1 19 ? 10.11819  11.39839  -19.08223 1.000 68.42177  ? 19  A   E C2    1 
ATOM   1029 N  N3    . A   B 1 19 ? 9.45083   12.07317  -18.14022 1.000 66.34356  ? 19  A   E N3    1 
ATOM   1030 C  C4    . A   B 1 19 ? 8.35920   11.39180  -17.73998 1.000 66.05368  ? 19  A   E C4    1 
ATOM   1031 P  P     . U   B 1 20 ? 6.21581   16.90894  -14.01147 1.000 85.20612  ? 20  U   E P     1 
ATOM   1032 O  OP1   . U   B 1 20 ? 5.83918   16.63354  -12.59261 1.000 69.54359  ? 20  U   E OP1   1 
ATOM   1033 O  OP2   . U   B 1 20 ? 5.17858   17.40995  -14.95277 1.000 85.76855  ? 20  U   E OP2   1 
ATOM   1034 O  "O5'" . U   B 1 20 ? 7.44392   17.93101  -14.01115 1.000 91.08635  ? 20  U   E "O5'" 1 
ATOM   1035 C  "C5'" . U   B 1 20 ? 8.09211   18.31956  -12.79906 1.000 87.98338  ? 20  U   E "C5'" 1 
ATOM   1036 C  "C4'" . U   B 1 20 ? 9.10627   17.29051  -12.36579 1.000 84.57064  ? 20  U   E "C4'" 1 
ATOM   1037 O  "O4'" . U   B 1 20 ? 9.67107   16.63034  -13.53859 1.000 90.05829  ? 20  U   E "O4'" 1 
ATOM   1038 C  "C3'" . U   B 1 20 ? 10.30116  17.80991  -11.55091 1.000 83.99653  ? 20  U   E "C3'" 1 
ATOM   1039 O  "O3'" . U   B 1 20 ? 10.73514  16.78341  -10.64711 1.000 77.24538  ? 20  U   E "O3'" 1 
ATOM   1040 C  "C2'" . U   B 1 20 ? 11.37044  17.95807  -12.62815 1.000 94.25528  ? 20  U   E "C2'" 1 
ATOM   1041 O  "O2'" . U   B 1 20 ? 12.69738  17.98698  -12.13984 1.000 90.02738  ? 20  U   E "O2'" 1 
ATOM   1042 C  "C1'" . U   B 1 20 ? 11.08466  16.71524  -13.47877 1.000 94.53228  ? 20  U   E "C1'" 1 
ATOM   1043 N  N1    . U   B 1 20 ? 11.64797  16.72017  -14.84715 1.000 96.91099  ? 20  U   E N1    1 
ATOM   1044 C  C2    . U   B 1 20 ? 12.36703  15.59050  -15.24967 1.000 90.93458  ? 20  U   E C2    1 
ATOM   1045 O  O2    . U   B 1 20 ? 12.54706  14.60385  -14.54841 1.000 76.84588  ? 20  U   E O2    1 
ATOM   1046 N  N3    . U   B 1 20 ? 12.87967  15.64813  -16.52429 1.000 99.26372  ? 20  U   E N3    1 
ATOM   1047 C  C4    . U   B 1 20 ? 12.75863  16.69095  -17.42085 1.000 98.68818  ? 20  U   E C4    1 
ATOM   1048 O  O4    . U   B 1 20 ? 13.27829  16.58665  -18.53344 1.000 100.99361 ? 20  U   E O4    1 
ATOM   1049 C  C5    . U   B 1 20 ? 12.01281  17.81797  -16.93803 1.000 97.55055  ? 20  U   E C5    1 
ATOM   1050 C  C6    . U   B 1 20 ? 11.49744  17.79633  -15.70046 1.000 96.70853  ? 20  U   E C6    1 
ATOM   1051 P  P     . G   B 1 21 ? 10.42442  16.83760  -9.06361  1.000 85.82485  ? 21  G   E P     1 
ATOM   1052 O  OP1   . G   B 1 21 ? 9.74230   18.12052  -8.74241  1.000 72.14422  ? 21  G   E OP1   1 
ATOM   1053 O  OP2   . G   B 1 21 ? 11.66939  16.42671  -8.34655  1.000 69.55347  ? 21  G   E OP2   1 
ATOM   1054 O  "O5'" . G   B 1 21 ? 9.37472   15.65182  -8.84839  1.000 78.45682  ? 21  G   E "O5'" 1 
ATOM   1055 C  "C5'" . G   B 1 21 ? 8.37906   15.39570  -9.83600  1.000 70.42204  ? 21  G   E "C5'" 1 
ATOM   1056 C  "C4'" . G   B 1 21 ? 7.58113   14.14334  -9.59274  1.000 54.46570  ? 21  G   E "C4'" 1 
ATOM   1057 O  "O4'" . G   B 1 21 ? 8.19140   12.99329  -10.25115 1.000 53.28475  ? 21  G   E "O4'" 1 
ATOM   1058 C  "C3'" . G   B 1 21 ? 7.37671   13.74873  -8.13153  1.000 46.16310  ? 21  G   E "C3'" 1 
ATOM   1059 O  "O3'" . G   B 1 21 ? 6.02838   13.31776  -7.98148  1.000 46.37570  ? 21  G   E "O3'" 1 
ATOM   1060 C  "C2'" . G   B 1 21 ? 8.31360   12.55443  -7.97434  1.000 46.32312  ? 21  G   E "C2'" 1 
ATOM   1061 O  "O2'" . G   B 1 21 ? 7.96416   11.65578  -6.94661  1.000 51.93204  ? 21  G   E "O2'" 1 
ATOM   1062 C  "C1'" . G   B 1 21 ? 8.18972   11.91260  -9.34674  1.000 46.15319  ? 21  G   E "C1'" 1 
ATOM   1063 N  N9    . G   B 1 21 ? 9.23150   10.94092  -9.68291  1.000 39.96621  ? 21  G   E N9    1 
ATOM   1064 C  C8    . G   B 1 21 ? 10.41993  10.72572  -9.03652  1.000 45.59668  ? 21  G   E C8    1 
ATOM   1065 N  N7    . G   B 1 21 ? 11.12669  9.76028   -9.55761  1.000 42.04266  ? 21  G   E N7    1 
ATOM   1066 C  C5    . G   B 1 21 ? 10.34318  9.29325   -10.59510 1.000 39.06111  ? 21  G   E C5    1 
ATOM   1067 C  C6    . G   B 1 21 ? 10.57783  8.24127   -11.51054 1.000 37.56948  ? 21  G   E C6    1 
ATOM   1068 O  O6    . G   B 1 21 ? 11.55230  7.50224   -11.58929 1.000 41.94322  ? 21  G   E O6    1 
ATOM   1069 N  N1    . G   B 1 21 ? 9.54367   8.08964   -12.41181 1.000 34.95934  ? 21  G   E N1    1 
ATOM   1070 C  C2    . G   B 1 21 ? 8.40969   8.86286   -12.40578 1.000 39.73974  ? 21  G   E C2    1 
ATOM   1071 N  N2    . G   B 1 21 ? 7.50489   8.56982   -13.34675 1.000 44.60838  ? 21  G   E N2    1 
ATOM   1072 N  N3    . G   B 1 21 ? 8.16596   9.84482   -11.55180 1.000 39.65382  ? 21  G   E N3    1 
ATOM   1073 C  C4    . G   B 1 21 ? 9.17257   10.00582  -10.67818 1.000 38.65305  ? 21  G   E C4    1 
ATOM   1074 P  P     . A   B 1 22 ? 4.82335   14.35158  -8.24189  1.000 50.50350  ? 22  A   E P     1 
ATOM   1075 O  OP1   . A   B 1 22 ? 4.30749   14.18769  -9.63711  1.000 49.02105  ? 22  A   E OP1   1 
ATOM   1076 O  OP2   . A   B 1 22 ? 5.29251   15.68995  -7.80466  1.000 55.78344  ? 22  A   E OP2   1 
ATOM   1077 O  "O5'" . A   B 1 22 ? 3.73701   13.94382  -7.15255  1.000 40.20084  ? 22  A   E "O5'" 1 
ATOM   1078 C  "C5'" . A   B 1 22 ? 3.93211   14.31218  -5.79268  1.000 42.08723  ? 22  A   E "C5'" 1 
ATOM   1079 C  "C4'" . A   B 1 22 ? 3.49818   13.22741  -4.84324  1.000 45.06129  ? 22  A   E "C4'" 1 
ATOM   1080 O  "O4'" . A   B 1 22 ? 2.20063   12.74185  -5.26325  1.000 45.67564  ? 22  A   E "O4'" 1 
ATOM   1081 C  "C3'" . A   B 1 22 ? 4.41438   12.00661  -4.78067  1.000 46.97384  ? 22  A   E "C3'" 1 
ATOM   1082 O  "O3'" . A   B 1 22 ? 4.40838   11.45828  -3.46606  1.000 50.14933  ? 22  A   E "O3'" 1 
ATOM   1083 C  "C2'" . A   B 1 22 ? 3.73953   11.01943  -5.71917  1.000 40.38205  ? 22  A   E "C2'" 1 
ATOM   1084 O  "O2'" . A   B 1 22 ? 3.99168   9.67467   -5.39457  1.000 40.86698  ? 22  A   E "O2'" 1 
ATOM   1085 C  "C1'" . A   B 1 22 ? 2.26708   11.35396  -5.52814  1.000 37.93043  ? 22  A   E "C1'" 1 
ATOM   1086 N  N9    . A   B 1 22 ? 1.46888   11.12779  -6.72036  1.000 34.12546  ? 22  A   E N9    1 
ATOM   1087 C  C8    . A   B 1 22 ? 1.40091   11.96583  -7.80541  1.000 37.77047  ? 22  A   E C8    1 
ATOM   1088 N  N7    . A   B 1 22 ? 0.59268   11.55059  -8.74893  1.000 38.29787  ? 22  A   E N7    1 
ATOM   1089 C  C5    . A   B 1 22 ? 0.10553   10.35449  -8.23508  1.000 37.81026  ? 22  A   E C5    1 
ATOM   1090 C  C6    . A   B 1 22 ? -0.79297  9.42803   -8.76847  1.000 32.76077  ? 22  A   E C6    1 
ATOM   1091 N  N6    . A   B 1 22 ? -1.34342  9.60899   -9.96794  1.000 33.70296  ? 22  A   E N6    1 
ATOM   1092 N  N1    . A   B 1 22 ? -1.08609  8.33457   -8.01962  1.000 30.75463  ? 22  A   E N1    1 
ATOM   1093 C  C2    . A   B 1 22 ? -0.50017  8.19514   -6.81564  1.000 29.34304  ? 22  A   E C2    1 
ATOM   1094 N  N3    . A   B 1 22 ? 0.37070   8.99877   -6.19837  1.000 30.07420  ? 22  A   E N3    1 
ATOM   1095 C  C4    . A   B 1 22 ? 0.62923   10.07505  -6.97603  1.000 36.85181  ? 22  A   E C4    1 
ATOM   1096 P  P     . G   B 1 23 ? 5.46339   11.97091  -2.36786  1.000 51.51261  ? 23  G   E P     1 
ATOM   1097 O  OP1   . G   B 1 23 ? 5.03698   11.32934  -1.08590  1.000 46.16620  ? 23  G   E OP1   1 
ATOM   1098 O  OP2   . G   B 1 23 ? 5.64028   13.44371  -2.57629  1.000 45.13808  ? 23  G   E OP2   1 
ATOM   1099 O  "O5'" . G   B 1 23 ? 6.84960   11.28803  -2.74823  1.000 40.53459  ? 23  G   E "O5'" 1 
ATOM   1100 C  "C5'" . G   B 1 23 ? 6.97096   9.88030   -2.73304  1.000 42.96070  ? 23  G   E "C5'" 1 
ATOM   1101 C  "C4'" . G   B 1 23 ? 8.32691   9.40586   -2.27976  1.000 40.47847  ? 23  G   E "C4'" 1 
ATOM   1102 O  "O4'" . G   B 1 23 ? 8.24847   7.96767   -2.14940  1.000 37.00463  ? 23  G   E "O4'" 1 
ATOM   1103 C  "C3'" . G   B 1 23 ? 9.49287   9.64311   -3.24428  1.000 45.83529  ? 23  G   E "C3'" 1 
ATOM   1104 O  "O3'" . G   B 1 23 ? 10.13333  10.89284  -3.05943  1.000 46.26018  ? 23  G   E "O3'" 1 
ATOM   1105 C  "C2'" . G   B 1 23 ? 10.41800  8.46546   -2.97180  1.000 45.04717  ? 23  G   E "C2'" 1 
ATOM   1106 O  "O2'" . G   B 1 23 ? 11.19788  8.69389   -1.80534  1.000 40.96628  ? 23  G   E "O2'" 1 
ATOM   1107 C  "C1'" . G   B 1 23 ? 9.41769   7.36292   -2.65468  1.000 42.46704  ? 23  G   E "C1'" 1 
ATOM   1108 N  N9    . G   B 1 23 ? 9.04317   6.55125   -3.82509  1.000 33.63738  ? 23  G   E N9    1 
ATOM   1109 C  C8    . G   B 1 23 ? 7.81846   6.57060   -4.43130  1.000 31.68356  ? 23  G   E C8    1 
ATOM   1110 N  N7    . G   B 1 23 ? 7.72472   5.71888   -5.40569  1.000 31.36643  ? 23  G   E N7    1 
ATOM   1111 C  C5    . G   B 1 23 ? 8.95662   5.10990   -5.41940  1.000 30.45559  ? 23  G   E C5    1 
ATOM   1112 C  C6    . G   B 1 23 ? 9.42084   4.10872   -6.26930  1.000 35.19224  ? 23  G   E C6    1 
ATOM   1113 O  O6    . G   B 1 23 ? 8.79050   3.57750   -7.17612  1.000 37.33834  ? 23  G   E O6    1 
ATOM   1114 N  N1    . G   B 1 23 ? 10.73245  3.73286   -5.98026  1.000 40.16793  ? 23  G   E N1    1 
ATOM   1115 C  C2    . G   B 1 23 ? 11.50087  4.26606   -4.97839  1.000 35.82151  ? 23  G   E C2    1 
ATOM   1116 N  N2    . G   B 1 23 ? 12.73264  3.76587   -4.88366  1.000 36.44071  ? 23  G   E N2    1 
ATOM   1117 N  N3    . G   B 1 23 ? 11.07375  5.21432   -4.15927  1.000 36.30738  ? 23  G   E N3    1 
ATOM   1118 C  C4    . G   B 1 23 ? 9.79543   5.58667   -4.44796  1.000 34.97155  ? 23  G   E C4    1 
ATOM   1119 P  P     . G   B 1 24 ? 11.01818  11.53390  -4.23868  1.000 55.87436  ? 24  G   E P     1 
ATOM   1120 O  OP1   . G   B 1 24 ? 11.42340  12.86971  -3.74216  1.000 59.22034  ? 24  G   E OP1   1 
ATOM   1121 O  OP2   . G   B 1 24 ? 10.27264  11.40936  -5.52045  1.000 47.79998  ? 24  G   E OP2   1 
ATOM   1122 O  "O5'" . G   B 1 24 ? 12.31783  10.61036  -4.34558  1.000 47.75318  ? 24  G   E "O5'" 1 
ATOM   1123 C  "C5'" . G   B 1 24 ? 13.47893  10.87003  -3.57071  1.000 46.57435  ? 24  G   E "C5'" 1 
ATOM   1124 C  "C4'" . G   B 1 24 ? 14.57306  9.86415   -3.83927  1.000 41.32696  ? 24  G   E "C4'" 1 
ATOM   1125 O  "O4'" . G   B 1 24 ? 14.01713  8.52488   -3.77852  1.000 43.73147  ? 24  G   E "O4'" 1 
ATOM   1126 C  "C3'" . G   B 1 24 ? 15.21328  9.92431   -5.21827  1.000 48.79177  ? 24  G   E "C3'" 1 
ATOM   1127 O  "O3'" . G   B 1 24 ? 16.16577  10.96554  -5.36791  1.000 45.68047  ? 24  G   E "O3'" 1 
ATOM   1128 C  "C2'" . G   B 1 24 ? 15.75347  8.50218   -5.39735  1.000 47.94564  ? 24  G   E "C2'" 1 
ATOM   1129 O  "O2'" . G   B 1 24 ? 16.94119  8.27126   -4.64960  1.000 46.41865  ? 24  G   E "O2'" 1 
ATOM   1130 C  "C1'" . G   B 1 24 ? 14.63771  7.69347   -4.74700  1.000 44.31632  ? 24  G   E "C1'" 1 
ATOM   1131 N  N9    . G   B 1 24 ? 13.61917  7.28765   -5.73151  1.000 41.61135  ? 24  G   E N9    1 
ATOM   1132 C  C8    . G   B 1 24 ? 12.41356  7.90428   -5.94020  1.000 41.55549  ? 24  G   E C8    1 
ATOM   1133 N  N7    . G   B 1 24 ? 11.71236  7.34459   -6.88046  1.000 40.81509  ? 24  G   E N7    1 
ATOM   1134 C  C5    . G   B 1 24 ? 12.51175  6.29814   -7.32108  1.000 41.08621  ? 24  G   E C5    1 
ATOM   1135 C  C6    . G   B 1 24 ? 12.26055  5.32501   -8.31974  1.000 41.03227  ? 24  G   E C6    1 
ATOM   1136 O  O6    . G   B 1 24 ? 11.25327  5.20787   -9.03425  1.000 39.12707  ? 24  G   E O6    1 
ATOM   1137 N  N1    . G   B 1 24 ? 13.32925  4.44295   -8.44038  1.000 42.76402  ? 24  G   E N1    1 
ATOM   1138 C  C2    . G   B 1 24 ? 14.48207  4.48904   -7.69411  1.000 42.76751  ? 24  G   E C2    1 
ATOM   1139 N  N2    . G   B 1 24 ? 15.40563  3.54910   -7.95574  1.000 42.48196  ? 24  G   E N2    1 
ATOM   1140 N  N3    . G   B 1 24 ? 14.70984  5.38531   -6.75468  1.000 41.47991  ? 24  G   E N3    1 
ATOM   1141 C  C4    . G   B 1 24 ? 13.69063  6.24786   -6.62174  1.000 39.46561  ? 24  G   E C4    1 
ATOM   1142 P  P     . C   B 1 25 ? 15.82181  12.23846  -6.29227  1.000 53.18963  ? 25  C   E P     1 
ATOM   1143 O  OP1   . C   B 1 25 ? 15.72261  13.46256  -5.46135  1.000 63.08269  ? 25  C   E OP1   1 
ATOM   1144 O  OP2   . C   B 1 25 ? 14.68389  11.92578  -7.19438  1.000 56.24431  ? 25  C   E OP2   1 
ATOM   1145 O  "O5'" . C   B 1 25 ? 17.11277  12.37405  -7.18834  1.000 55.65511  ? 25  C   E "O5'" 1 
ATOM   1146 C  "C5'" . C   B 1 25 ? 17.69405  11.20801  -7.73702  1.000 59.68956  ? 25  C   E "C5'" 1 
ATOM   1147 C  "C4'" . C   B 1 25 ? 18.48006  11.51844  -8.97919  1.000 67.51188  ? 25  C   E "C4'" 1 
ATOM   1148 O  "O4'" . C   B 1 25 ? 17.66334  12.28278  -9.90089  1.000 65.57493  ? 25  C   E "O4'" 1 
ATOM   1149 C  "C3'" . C   B 1 25 ? 19.74929  12.32178  -8.75224  1.000 68.95669  ? 25  C   E "C3'" 1 
ATOM   1150 O  "O3'" . C   B 1 25 ? 20.76328  11.82115  -9.61811  1.000 69.92626  ? 25  C   E "O3'" 1 
ATOM   1151 C  "C2'" . C   B 1 25 ? 19.33724  13.74219  -9.13699  1.000 70.98387  ? 25  C   E "C2'" 1 
ATOM   1152 O  "O2'" . C   B 1 25 ? 20.39946  14.56606  -9.57269  1.000 77.35530  ? 25  C   E "O2'" 1 
ATOM   1153 C  "C1'" . C   B 1 25 ? 18.31611  13.48547  -10.24470 1.000 68.97357  ? 25  C   E "C1'" 1 
ATOM   1154 N  N1    . C   B 1 25 ? 17.26785  14.50482  -10.34872 1.000 68.51812  ? 25  C   E N1    1 
ATOM   1155 C  C2    . C   B 1 25 ? 16.87820  14.92936  -11.62095 1.000 76.05662  ? 25  C   E C2    1 
ATOM   1156 O  O2    . C   B 1 25 ? 17.45059  14.44744  -12.61452 1.000 79.19486  ? 25  C   E O2    1 
ATOM   1157 N  N3    . C   B 1 25 ? 15.89455  15.85637  -11.73135 1.000 81.20150  ? 25  C   E N3    1 
ATOM   1158 C  C4    . C   B 1 25 ? 15.31211  16.34274  -10.62836 1.000 78.15022  ? 25  C   E C4    1 
ATOM   1159 N  N4    . C   B 1 25 ? 14.35006  17.25676  -10.78341 1.000 74.05072  ? 25  C   E N4    1 
ATOM   1160 C  C5    . C   B 1 25 ? 15.68899  15.91109  -9.32005  1.000 69.88454  ? 25  C   E C5    1 
ATOM   1161 C  C6    . C   B 1 25 ? 16.65635  14.99180  -9.22746  1.000 68.72326  ? 25  C   E C6    1 
ATOM   1162 P  P     . G   B 1 26 ? 22.17585  11.41993  -8.97650  1.000 83.36046  ? 26  G   E P     1 
ATOM   1163 O  OP1   . G   B 1 26 ? 22.02815  11.54793  -7.49707  1.000 74.15987  ? 26  G   E OP1   1 
ATOM   1164 O  OP2   . G   B 1 26 ? 23.18356  12.23266  -9.71860  1.000 80.24610  ? 26  G   E OP2   1 
ATOM   1165 O  "O5'" . G   B 1 26 ? 22.41742  9.86776   -9.31349  1.000 78.34639  ? 26  G   E "O5'" 1 
ATOM   1166 C  "C5'" . G   B 1 26 ? 21.35948  8.92895   -9.52449  1.000 74.24116  ? 26  G   E "C5'" 1 
ATOM   1167 C  "C4'" . G   B 1 26 ? 20.44381  8.78678   -8.32813  1.000 70.60587  ? 26  G   E "C4'" 1 
ATOM   1168 O  "O4'" . G   B 1 26 ? 19.08965  8.56224   -8.81023  1.000 68.83873  ? 26  G   E "O4'" 1 
ATOM   1169 C  "C3'" . G   B 1 26 ? 20.73902  7.65124   -7.34365  1.000 66.64515  ? 26  G   E "C3'" 1 
ATOM   1170 O  "O3'" . G   B 1 26 ? 20.39319  8.08622   -6.02652  1.000 77.43781  ? 26  G   E "O3'" 1 
ATOM   1171 C  "C2'" . G   B 1 26 ? 19.74826  6.57161   -7.77407  1.000 62.00057  ? 26  G   E "C2'" 1 
ATOM   1172 O  "O2'" . G   B 1 26 ? 19.39494  5.65779   -6.75629  1.000 60.40444  ? 26  G   E "O2'" 1 
ATOM   1173 C  "C1'" . G   B 1 26 ? 18.54925  7.41580   -8.19252  1.000 64.27692  ? 26  G   E "C1'" 1 
ATOM   1174 N  N9    . G   B 1 26 ? 17.62659  6.75791   -9.12880  1.000 60.19302  ? 26  G   E N9    1 
ATOM   1175 C  C8    . G   B 1 26 ? 17.86341  5.62014   -9.87451  1.000 57.25218  ? 26  G   E C8    1 
ATOM   1176 N  N7    . G   B 1 26 ? 16.84045  5.26189   -10.60369 1.000 51.15377  ? 26  G   E N7    1 
ATOM   1177 C  C5    . G   B 1 26 ? 15.86837  6.21262   -10.32120 1.000 50.18488  ? 26  G   E C5    1 
ATOM   1178 C  C6    . G   B 1 26 ? 14.55064  6.34079   -10.82632 1.000 46.33222  ? 26  G   E C6    1 
ATOM   1179 O  O6    . G   B 1 26 ? 13.97795  5.60966   -11.64271 1.000 41.54372  ? 26  G   E O6    1 
ATOM   1180 N  N1    . G   B 1 26 ? 13.90538  7.45214   -10.28495 1.000 46.86350  ? 26  G   E N1    1 
ATOM   1181 C  C2    . G   B 1 26 ? 14.45504  8.32150   -9.37465  1.000 46.93942  ? 26  G   E C2    1 
ATOM   1182 N  N2    . G   B 1 26 ? 13.67208  9.32533   -8.97361  1.000 45.00848  ? 26  G   E N2    1 
ATOM   1183 N  N3    . G   B 1 26 ? 15.68243  8.21543   -8.89783  1.000 49.79544  ? 26  G   E N3    1 
ATOM   1184 C  C4    . G   B 1 26 ? 16.33114  7.14438   -9.41148  1.000 52.42152  ? 26  G   E C4    1 
ATOM   1185 P  P     . A   B 1 27 ? 21.24451  7.61777   -4.74001  1.000 91.83634  ? 27  A   E P     1 
ATOM   1186 O  OP1   . A   B 1 27 ? 21.28448  8.79163   -3.82779  1.000 82.39372  ? 27  A   E OP1   1 
ATOM   1187 O  OP2   . A   B 1 27 ? 22.49172  6.94953   -5.20669  1.000 84.93193  ? 27  A   E OP2   1 
ATOM   1188 O  "O5'" . A   B 1 27 ? 20.35713  6.48909   -4.04458  1.000 83.62152  ? 27  A   E "O5'" 1 
ATOM   1189 C  "C5'" . A   B 1 27 ? 20.41807  6.27680   -2.63985  1.000 88.59672  ? 27  A   E "C5'" 1 
ATOM   1190 C  "C4'" . A   B 1 27 ? 21.79045  5.82290   -2.19583  1.000 100.39716 ? 27  A   E "C4'" 1 
ATOM   1191 O  "O4'" . A   B 1 27 ? 22.14364  6.48882   -0.95913  1.000 110.08341 ? 27  A   E "O4'" 1 
ATOM   1192 C  "C3'" . A   B 1 27 ? 21.95220  4.33646   -1.88560  1.000 101.40006 ? 27  A   E "C3'" 1 
ATOM   1193 O  "O3'" . A   B 1 27 ? 22.18952  3.55885   -3.04988  1.000 88.84873  ? 27  A   E "O3'" 1 
ATOM   1194 C  "C2'" . A   B 1 27 ? 23.11545  4.29827   -0.88553  1.000 106.57920 ? 27  A   E "C2'" 1 
ATOM   1195 O  "O2'" . A   B 1 27 ? 24.36817  4.19919   -1.55658  1.000 104.36884 ? 27  A   E "O2'" 1 
ATOM   1196 C  "C1'" . A   B 1 27 ? 23.01284  5.67393   -0.20022  1.000 109.48373 ? 27  A   E "C1'" 1 
ATOM   1197 N  N9    . A   B 1 27 ? 22.55842  5.64285   1.21280   1.000 108.88256 ? 27  A   E N9    1 
ATOM   1198 C  C8    . A   B 1 27 ? 23.00283  6.53628   2.16366   1.000 104.44617 ? 27  A   E C8    1 
ATOM   1199 N  N7    . A   B 1 27 ? 22.49005  6.37349   3.35582   1.000 105.17483 ? 27  A   E N7    1 
ATOM   1200 C  C5    . A   B 1 27 ? 21.63244  5.29318   3.19042   1.000 111.29667 ? 27  A   E C5    1 
ATOM   1201 C  C6    . A   B 1 27 ? 20.78952  4.63022   4.10434   1.000 105.57023 ? 27  A   E C6    1 
ATOM   1202 N  N6    . A   B 1 27 ? 20.68576  4.98725   5.38902   1.000 101.02187 ? 27  A   E N6    1 
ATOM   1203 N  N1    . A   B 1 27 ? 20.05381  3.58685   3.64706   1.000 105.28178 ? 27  A   E N1    1 
ATOM   1204 C  C2    . A   B 1 27 ? 20.16362  3.24007   2.35570   1.000 100.64381 ? 27  A   E C2    1 
ATOM   1205 N  N3    . A   B 1 27 ? 20.92311  3.78796   1.40150   1.000 105.50653 ? 27  A   E N3    1 
ATOM   1206 C  C4    . A   B 1 27 ? 21.64991  4.82713   1.87683   1.000 110.48091 ? 27  A   E C4    1 
HETATM 1207 C  C10   . QW4 C 2 .  ? -16.09318 -12.08445 14.07104  1.000 61.09387  ? 101 QW4 B C10   1 
HETATM 1208 C  C12   . QW4 C 2 .  ? -15.54141 -11.85810 16.41329  1.000 68.05188  ? 101 QW4 B C12   1 
HETATM 1209 C  C01   . QW4 C 2 .  ? -21.32784 -7.33138  10.97590  1.000 45.66251  ? 101 QW4 B C01   1 
HETATM 1210 C  C02   . QW4 C 2 .  ? -20.84164 -8.46797  10.07063  1.000 62.90028  ? 101 QW4 B C02   1 
HETATM 1211 C  C04   . QW4 C 2 .  ? -19.34366 -8.55142  9.70371   1.000 66.52065  ? 101 QW4 B C04   1 
HETATM 1212 C  C06   . QW4 C 2 .  ? -18.00027 -10.44910 10.43375  1.000 62.94444  ? 101 QW4 B C06   1 
HETATM 1213 C  C07   . QW4 C 2 .  ? -17.96335 -9.89847  11.85906  1.000 60.11350  ? 101 QW4 B C07   1 
HETATM 1214 C  C08   . QW4 C 2 .  ? -17.36530 -10.42847 12.90617  1.000 62.99211  ? 101 QW4 B C08   1 
HETATM 1215 C  C09   . QW4 C 2 .  ? -16.69435 -11.63305 12.89105  1.000 58.90815  ? 101 QW4 B C09   1 
HETATM 1216 C  C13   . QW4 C 2 .  ? -16.84697 -10.13520 15.23437  1.000 62.27951  ? 101 QW4 B C13   1 
HETATM 1217 C  C14   . QW4 C 2 .  ? -16.94059 -9.35574  16.43274  1.000 66.08310  ? 101 QW4 B C14   1 
HETATM 1218 C  C15   . QW4 C 2 .  ? -17.62919 -8.14053  16.42747  1.000 69.42819  ? 101 QW4 B C15   1 
HETATM 1219 C  C16   . QW4 C 2 .  ? -18.23251 -7.66546  15.25481  1.000 65.78396  ? 101 QW4 B C16   1 
HETATM 1220 C  C17   . QW4 C 2 .  ? -18.14498 -8.43246  14.09576  1.000 59.07423  ? 101 QW4 B C17   1 
HETATM 1221 C  C18   . QW4 C 2 .  ? -17.44142 -9.67368  14.09940  1.000 61.85431  ? 101 QW4 B C18   1 
HETATM 1222 C  C20   . QW4 C 2 .  ? -17.89900 -11.59999 8.16279   1.000 66.14145  ? 101 QW4 B C20   1 
HETATM 1223 C  C21   . QW4 C 2 .  ? -17.81870 -12.25895 6.93301   1.000 67.42041  ? 101 QW4 B C21   1 
HETATM 1224 C  C22   . QW4 C 2 .  ? -18.45489 -11.72925 5.80363   1.000 72.82104  ? 101 QW4 B C22   1 
HETATM 1225 C  C23   . QW4 C 2 .  ? -19.16915 -10.53207 5.88554   1.000 70.29445  ? 101 QW4 B C23   1 
HETATM 1226 C  C24   . QW4 C 2 .  ? -19.24922 -9.87309  7.09433   1.000 67.51373  ? 101 QW4 B C24   1 
HETATM 1227 C  C25   . QW4 C 2 .  ? -18.60240 -10.41541 8.24769   1.000 61.87759  ? 101 QW4 B C25   1 
HETATM 1228 N  N05   . QW4 C 2 .  ? -18.65721 -9.83026  9.46903   1.000 59.39407  ? 101 QW4 B N05   1 
HETATM 1229 N  N11   . QW4 C 2 .  ? -16.17182 -11.35095 15.20271  1.000 65.73465  ? 101 QW4 B N11   1 
HETATM 1230 O  O03   . QW4 C 2 .  ? -21.63573 -9.23578  9.64527   1.000 61.93062  ? 101 QW4 B O03   1 
HETATM 1231 S  S19   . QW4 C 2 .  ? -17.28027 -11.90525 9.77161   1.000 64.58790  ? 101 QW4 B S19   1 
HETATM 1232 C  C10   . QW4 D 2 .  ? -13.43078 -11.72303 8.63877   1.000 59.47815  ? 102 QW4 B C10   1 
HETATM 1233 C  C12   . QW4 D 2 .  ? -13.38906 -12.80971 6.44661   1.000 61.63706  ? 102 QW4 B C12   1 
HETATM 1234 C  C01   . QW4 D 2 .  ? -18.14822 -5.98848  11.93589  1.000 64.59655  ? 102 QW4 B C01   1 
HETATM 1235 C  C02   . QW4 D 2 .  ? -17.10307 -5.50491  10.94900  1.000 53.09817  ? 102 QW4 B C02   1 
HETATM 1236 C  C04   . QW4 D 2 .  ? -15.78198 -6.23676  10.70187  1.000 46.67700  ? 102 QW4 B C04   1 
HETATM 1237 C  C06   . QW4 D 2 .  ? -14.79198 -8.32398  11.15817  1.000 52.94889  ? 102 QW4 B C06   1 
HETATM 1238 C  C07   . QW4 D 2 .  ? -15.01654 -8.62237  9.68207   1.000 49.52889  ? 102 QW4 B C07   1 
HETATM 1239 C  C08   . QW4 D 2 .  ? -14.58368 -9.65746  8.99479   1.000 53.08802  ? 102 QW4 B C08   1 
HETATM 1240 C  C09   . QW4 D 2 .  ? -13.81595 -10.68383 9.50712   1.000 54.05017  ? 102 QW4 B C09   1 
HETATM 1241 C  C13   . QW4 D 2 .  ? -14.57729 -10.69157 6.83175   1.000 47.42280  ? 102 QW4 B C13   1 
HETATM 1242 C  C14   . QW4 D 2 .  ? -14.96021 -10.68613 5.46778   1.000 56.54215  ? 102 QW4 B C14   1 
HETATM 1243 C  C15   . QW4 D 2 .  ? -15.73070 -9.63210  4.99241   1.000 57.53938  ? 102 QW4 B C15   1 
HETATM 1244 C  C16   . QW4 D 2 .  ? -16.13698 -8.58038  5.81894   1.000 50.52182  ? 102 QW4 B C16   1 
HETATM 1245 C  C17   . QW4 D 2 .  ? -15.75354 -8.59257  7.14862   1.000 50.79188  ? 102 QW4 B C17   1 
HETATM 1246 C  C18   . QW4 D 2 .  ? -14.96530 -9.67274  7.63825   1.000 46.88324  ? 102 QW4 B C18   1 
HETATM 1247 C  C20   . QW4 D 2 .  ? -14.29579 -8.05973  13.64630  1.000 53.80551  ? 102 QW4 B C20   1 
HETATM 1248 C  C21   . QW4 D 2 .  ? -13.99877 -7.99199  15.01534  1.000 52.46105  ? 102 QW4 B C21   1 
HETATM 1249 C  C22   . QW4 D 2 .  ? -14.32628 -6.83270  15.73095  1.000 57.67307  ? 102 QW4 B C22   1 
HETATM 1250 C  C23   . QW4 D 2 .  ? -14.95259 -5.76131  15.08693  1.000 56.57169  ? 102 QW4 B C23   1 
HETATM 1251 C  C24   . QW4 D 2 .  ? -15.25283 -5.82235  13.73874  1.000 54.96470  ? 102 QW4 B C24   1 
HETATM 1252 C  C25   . QW4 D 2 .  ? -14.91851 -6.99676  12.99290  1.000 55.80053  ? 102 QW4 B C25   1 
HETATM 1253 N  N05   . QW4 D 2 .  ? -15.18617 -7.17694  11.65820  1.000 53.61635  ? 102 QW4 B N05   1 
HETATM 1254 N  N11   . QW4 D 2 .  ? -13.80448 -11.72237 7.33327   1.000 59.76024  ? 102 QW4 B N11   1 
HETATM 1255 O  O03   . QW4 D 2 .  ? -17.34513 -4.51599  10.33838  1.000 54.03021  ? 102 QW4 B O03   1 
HETATM 1256 S  S19   . QW4 D 2 .  ? -14.05870 -9.28548  12.42484  1.000 56.83981  ? 102 QW4 B S19   1 
HETATM 1257 BR BR    . BR  E 3 .  ? 1.76040   -0.24638  -4.06489  1.000 34.31925  ? 103 BR  B BR    1 
HETATM 1258 K  K     . K   F 4 .  ? -12.29067 -3.41340  9.15831   1.000 30.16723  ? 104 K   B K     1 
HETATM 1259 K  K     . K   G 4 .  ? -9.11759  -1.83079  8.58401   1.000 30.47147  ? 105 K   B K     1 
HETATM 1260 C  C10   . QW4 H 2 .  ? 14.34706  12.15013  -10.65202 1.000 64.43482  ? 101 QW4 E C10   1 
HETATM 1261 C  C12   . QW4 H 2 .  ? 12.75070  13.90465  -10.13733 1.000 69.53302  ? 101 QW4 E C12   1 
HETATM 1262 C  C01   . QW4 H 2 .  ? 14.30200  8.74662   -16.93988 1.000 62.68913  ? 101 QW4 E C01   1 
HETATM 1263 C  C02   . QW4 H 2 .  ? 13.79182  8.03383   -15.68695 1.000 50.97160  ? 101 QW4 E C02   1 
HETATM 1264 C  C04   . QW4 H 2 .  ? 14.69782  7.07343   -14.90303 1.000 51.73435  ? 101 QW4 E C04   1 
HETATM 1265 C  C06   . QW4 H 2 .  ? 15.55746  8.69358   -13.22352 1.000 57.43708  ? 101 QW4 E C06   1 
HETATM 1266 C  C07   . QW4 H 2 .  ? 14.27777  9.54650   -13.16941 1.000 53.50633  ? 101 QW4 E C07   1 
HETATM 1267 C  C08   . QW4 H 2 .  ? 13.97639  10.58557  -12.41827 1.000 54.97410  ? 101 QW4 E C08   1 
HETATM 1268 C  C09   . QW4 H 2 .  ? 14.77566  11.04280  -11.39598 1.000 59.24553  ? 101 QW4 E C09   1 
HETATM 1269 C  C13   . QW4 H 2 .  ? 12.35522  12.29666  -11.95430 1.000 53.05313  ? 101 QW4 E C13   1 
HETATM 1270 C  C14   . QW4 H 2 .  ? 11.11168  12.94004  -12.23682 1.000 56.81501  ? 101 QW4 E C14   1 
HETATM 1271 C  C15   . QW4 H 2 .  ? 10.30629  12.46997  -13.26552 1.000 54.16494  ? 101 QW4 E C15   1 
HETATM 1272 C  C16   . QW4 H 2 .  ? 10.69827  11.36771  -14.02766 1.000 50.86334  ? 101 QW4 E C16   1 
HETATM 1273 C  C17   . QW4 H 2 .  ? 11.91018  10.74378  -13.75217 1.000 52.04438  ? 101 QW4 E C17   1 
HETATM 1274 C  C18   . QW4 H 2 .  ? 12.74388  11.22574  -12.69599 1.000 51.04774  ? 101 QW4 E C18   1 
HETATM 1275 C  C20   . QW4 H 2 .  ? 17.86083  7.53957   -13.03656 1.000 55.80582  ? 101 QW4 E C20   1 
HETATM 1276 C  C21   . QW4 H 2 .  ? 19.12512  6.95595   -12.89065 1.000 58.68262  ? 101 QW4 E C21   1 
HETATM 1277 C  C22   . QW4 H 2 .  ? 19.43694  5.81206   -13.64110 1.000 66.21135  ? 101 QW4 E C22   1 
HETATM 1278 C  C23   . QW4 H 2 .  ? 18.50875  5.25465   -14.52551 1.000 60.06253  ? 101 QW4 E C23   1 
HETATM 1279 C  C24   . QW4 H 2 .  ? 17.26757  5.83314   -14.67472 1.000 54.82696  ? 101 QW4 E C24   1 
HETATM 1280 C  C25   . QW4 H 2 .  ? 16.93582  6.99868   -13.91062 1.000 57.21222  ? 101 QW4 E C25   1 
HETATM 1281 N  N05   . QW4 H 2 .  ? 15.72285  7.62553   -14.00309 1.000 55.56049  ? 101 QW4 E N05   1 
HETATM 1282 N  N11   . QW4 H 2 .  ? 13.17066  12.75481  -10.93220 1.000 63.69428  ? 101 QW4 E N11   1 
HETATM 1283 O  O03   . QW4 H 2 .  ? 12.67984  8.22429   -15.32269 1.000 43.58541  ? 101 QW4 E O03   1 
HETATM 1284 S  S19   . QW4 H 2 .  ? 17.05348  8.92044   -12.34019 1.000 62.31257  ? 101 QW4 E S19   1 
HETATM 1285 BR BR    . BR  I 3 .  ? -2.79729  1.86186   1.92898   1.000 45.99583  ? 102 BR  E BR    1 
HETATM 1286 K  K     . K   J 4 .  ? 10.10781  2.58866   -9.21466  1.000 33.68592  ? 103 K   E K     1 
HETATM 1287 K  K     . K   K 4 .  ? 11.45876  4.76085   -11.86044 1.000 36.50022  ? 104 K   E K     1 
# 
